data_7V21
#
_entry.id   7V21
#
_cell.length_a   1.00
_cell.length_b   1.00
_cell.length_c   1.00
_cell.angle_alpha   90.00
_cell.angle_beta   90.00
_cell.angle_gamma   90.00
#
_symmetry.space_group_name_H-M   'P 1'
#
_entity_poly.entity_id   1
_entity_poly.type   'polypeptide(L)'
_entity_poly.pdbx_seq_one_letter_code
;GPAAPAQSPAAPDPEASPLAEPPQEQSLAPWSPQTPAPPCSRCFARAIESSRDLLHRIKDEVGAPGIVVGVSVDGKEVWS
EGLGYADVENRVPCKPETVMRIASISKSLTMVALAKLWEAGKLDLDIPVQHYVPEFPEKEYEGEKVSVTTRLLISHLSGI
RHYGELYLREKFENSIESLRLFKNDPLFFKPGSQFLYSTFGYTLLAAIVERASGCKYLDYMQKIFHDLDMLTTVQEENEP
VIYNRARFYVYNKKKRLVNTPYVDNSYKWAGGGFLSTVGDLLKFGNAMLYGYQVGLFKNSNENLLPGYLKPETMVMMWTP
VPNTEMSWDKEGKYAMAWGVVERKQTYGSCRKQRHYASHTGGAVGASSVLLVLPEELDTETINNKVPPRGIIVSIICNMQ
SVGLNSTALKIALEFDKDRSD
;
_entity_poly.pdbx_strand_id   A,B,C,D
#
# COMPACT_ATOMS: atom_id res chain seq x y z
N CYS A 43 -36.93 -14.16 29.74
CA CYS A 43 -36.65 -15.01 28.59
C CYS A 43 -35.70 -16.14 28.96
N PHE A 44 -34.42 -15.98 28.59
CA PHE A 44 -33.38 -16.95 28.90
C PHE A 44 -32.36 -16.40 29.88
N ALA A 45 -32.79 -15.50 30.77
CA ALA A 45 -31.87 -14.87 31.73
C ALA A 45 -31.41 -15.79 32.85
N ARG A 46 -31.96 -17.00 32.93
CA ARG A 46 -31.51 -17.97 33.92
C ARG A 46 -30.54 -19.00 33.33
N ALA A 47 -30.85 -19.51 32.14
CA ALA A 47 -29.97 -20.50 31.53
C ALA A 47 -28.64 -19.89 31.11
N ILE A 48 -28.63 -18.58 30.84
CA ILE A 48 -27.40 -17.91 30.44
C ILE A 48 -26.38 -17.95 31.57
N GLU A 49 -26.80 -17.64 32.80
CA GLU A 49 -25.88 -17.65 33.92
C GLU A 49 -25.36 -19.06 34.22
N SER A 50 -26.24 -20.06 34.18
CA SER A 50 -25.81 -21.43 34.41
C SER A 50 -24.82 -21.88 33.35
N SER A 51 -25.09 -21.55 32.09
CA SER A 51 -24.19 -21.94 31.01
C SER A 51 -22.85 -21.22 31.12
N ARG A 52 -22.87 -19.94 31.52
CA ARG A 52 -21.62 -19.23 31.74
C ARG A 52 -20.81 -19.85 32.86
N ASP A 53 -21.49 -20.30 33.93
CA ASP A 53 -20.79 -21.00 35.00
C ASP A 53 -20.17 -22.30 34.49
N LEU A 54 -20.90 -23.04 33.65
CA LEU A 54 -20.35 -24.27 33.09
C LEU A 54 -19.12 -23.99 32.22
N LEU A 55 -19.19 -22.92 31.42
CA LEU A 55 -18.05 -22.52 30.61
C LEU A 55 -16.84 -22.19 31.48
N HIS A 56 -17.07 -21.45 32.57
CA HIS A 56 -15.98 -21.14 33.48
C HIS A 56 -15.41 -22.41 34.11
N ARG A 57 -16.29 -23.36 34.44
CA ARG A 57 -15.82 -24.63 34.97
C ARG A 57 -14.87 -25.32 34.02
N ILE A 58 -15.28 -25.47 32.76
CA ILE A 58 -14.44 -26.20 31.80
C ILE A 58 -13.16 -25.41 31.51
N LYS A 59 -13.25 -24.09 31.42
CA LYS A 59 -12.09 -23.27 31.13
C LYS A 59 -11.05 -23.35 32.24
N ASP A 60 -11.51 -23.34 33.50
CA ASP A 60 -10.57 -23.46 34.61
C ASP A 60 -10.07 -24.89 34.76
N GLU A 61 -10.86 -25.88 34.36
CA GLU A 61 -10.41 -27.26 34.47
C GLU A 61 -9.29 -27.56 33.49
N VAL A 62 -9.43 -27.10 32.24
CA VAL A 62 -8.40 -27.40 31.24
C VAL A 62 -7.37 -26.28 31.11
N GLY A 63 -7.59 -25.14 31.74
CA GLY A 63 -6.66 -24.02 31.61
C GLY A 63 -6.62 -23.42 30.23
N ALA A 64 -7.76 -23.34 29.56
CA ALA A 64 -7.80 -22.78 28.21
C ALA A 64 -7.63 -21.27 28.27
N PRO A 65 -6.79 -20.68 27.43
CA PRO A 65 -6.66 -19.22 27.41
C PRO A 65 -7.96 -18.51 27.07
N GLY A 66 -8.80 -19.10 26.23
CA GLY A 66 -10.05 -18.49 25.85
C GLY A 66 -11.02 -19.50 25.29
N ILE A 67 -12.30 -19.14 25.33
CA ILE A 67 -13.37 -20.02 24.88
C ILE A 67 -14.50 -19.16 24.33
N VAL A 68 -15.22 -19.68 23.33
CA VAL A 68 -16.33 -18.99 22.71
C VAL A 68 -17.49 -19.96 22.57
N VAL A 69 -18.70 -19.49 22.89
CA VAL A 69 -19.90 -20.29 22.86
C VAL A 69 -20.98 -19.57 22.06
N GLY A 70 -21.78 -20.36 21.35
CA GLY A 70 -22.95 -19.85 20.66
C GLY A 70 -24.13 -20.77 20.82
N VAL A 71 -25.26 -20.22 21.28
CA VAL A 71 -26.47 -20.98 21.56
C VAL A 71 -27.61 -20.38 20.75
N SER A 72 -28.24 -21.22 19.93
CA SER A 72 -29.37 -20.84 19.10
C SER A 72 -30.57 -21.69 19.45
N VAL A 73 -31.70 -21.05 19.71
CA VAL A 73 -32.92 -21.74 20.12
C VAL A 73 -34.00 -21.48 19.08
N ASP A 74 -34.51 -22.55 18.48
CA ASP A 74 -35.61 -22.48 17.53
C ASP A 74 -35.30 -21.55 16.36
N GLY A 75 -34.09 -21.68 15.82
CA GLY A 75 -33.69 -20.94 14.65
C GLY A 75 -33.26 -19.51 14.90
N LYS A 76 -33.37 -19.03 16.13
CA LYS A 76 -32.97 -17.67 16.48
C LYS A 76 -31.81 -17.74 17.46
N GLU A 77 -30.72 -17.07 17.13
CA GLU A 77 -29.55 -17.09 18.00
C GLU A 77 -29.84 -16.26 19.25
N VAL A 78 -29.84 -16.92 20.41
CA VAL A 78 -30.19 -16.27 21.65
C VAL A 78 -28.97 -15.94 22.51
N TRP A 79 -27.82 -16.55 22.27
CA TRP A 79 -26.65 -16.27 23.11
C TRP A 79 -25.39 -16.45 22.28
N SER A 80 -24.41 -15.57 22.53
CA SER A 80 -23.11 -15.70 21.88
C SER A 80 -22.10 -14.97 22.76
N GLU A 81 -21.18 -15.71 23.37
CA GLU A 81 -20.31 -15.18 24.39
C GLU A 81 -18.87 -15.63 24.15
N GLY A 82 -17.93 -14.82 24.63
CA GLY A 82 -16.53 -15.17 24.59
C GLY A 82 -15.80 -14.77 25.85
N LEU A 83 -15.08 -15.71 26.45
CA LEU A 83 -14.28 -15.45 27.65
C LEU A 83 -12.80 -15.67 27.34
N GLY A 84 -11.95 -14.93 28.02
CA GLY A 84 -10.52 -15.10 27.87
C GLY A 84 -9.94 -14.28 26.73
N TYR A 85 -8.78 -14.73 26.26
CA TYR A 85 -8.02 -14.03 25.23
C TYR A 85 -7.80 -14.94 24.04
N ALA A 86 -8.10 -14.43 22.85
CA ALA A 86 -7.80 -15.16 21.62
C ALA A 86 -6.32 -15.09 21.26
N ASP A 87 -5.67 -13.98 21.58
CA ASP A 87 -4.24 -13.80 21.35
C ASP A 87 -3.62 -13.38 22.68
N VAL A 88 -2.91 -14.31 23.33
CA VAL A 88 -2.34 -14.01 24.64
C VAL A 88 -1.22 -12.99 24.53
N GLU A 89 -0.40 -13.08 23.48
CA GLU A 89 0.72 -12.16 23.33
C GLU A 89 0.26 -10.72 23.14
N ASN A 90 -0.74 -10.51 22.31
CA ASN A 90 -1.21 -9.16 21.99
C ASN A 90 -2.46 -8.77 22.78
N ARG A 91 -2.93 -9.63 23.68
CA ARG A 91 -4.06 -9.33 24.55
C ARG A 91 -5.33 -9.02 23.75
N VAL A 92 -5.70 -9.95 22.88
CA VAL A 92 -6.90 -9.83 22.06
C VAL A 92 -7.99 -10.69 22.70
N PRO A 93 -9.07 -10.09 23.22
CA PRO A 93 -10.11 -10.89 23.88
C PRO A 93 -10.88 -11.76 22.91
N CYS A 94 -11.40 -12.86 23.42
CA CYS A 94 -12.30 -13.70 22.66
C CYS A 94 -13.66 -13.02 22.51
N LYS A 95 -14.28 -13.23 21.34
CA LYS A 95 -15.56 -12.60 21.03
C LYS A 95 -16.26 -13.48 20.01
N PRO A 96 -17.56 -13.27 19.78
CA PRO A 96 -18.27 -14.10 18.81
C PRO A 96 -17.69 -14.07 17.41
N GLU A 97 -16.97 -13.02 17.04
CA GLU A 97 -16.39 -12.88 15.71
C GLU A 97 -15.05 -13.61 15.56
N THR A 98 -14.52 -14.17 16.64
CA THR A 98 -13.25 -14.88 16.57
C THR A 98 -13.41 -16.17 15.76
N VAL A 99 -12.49 -16.38 14.82
CA VAL A 99 -12.46 -17.61 14.03
C VAL A 99 -11.44 -18.55 14.65
N MET A 100 -11.77 -19.83 14.73
CA MET A 100 -10.91 -20.84 15.30
C MET A 100 -10.94 -22.08 14.42
N ARG A 101 -10.03 -23.02 14.68
CA ARG A 101 -9.98 -24.26 13.89
C ARG A 101 -11.03 -25.30 14.27
N ILE A 102 -11.80 -25.79 13.30
CA ILE A 102 -12.76 -26.86 13.58
C ILE A 102 -12.27 -28.17 12.98
N ALA A 103 -11.77 -29.08 13.81
CA ALA A 103 -11.22 -30.34 13.29
C ALA A 103 -12.15 -31.38 12.68
N SER A 104 -13.29 -31.64 13.29
CA SER A 104 -14.14 -32.71 12.76
C SER A 104 -15.47 -32.22 12.24
N ILE A 105 -15.77 -30.96 12.45
CA ILE A 105 -16.99 -30.41 11.88
C ILE A 105 -16.82 -30.48 10.37
N SER A 106 -15.61 -30.22 9.89
CA SER A 106 -15.33 -30.30 8.47
C SER A 106 -15.85 -31.59 7.81
N LYS A 107 -15.85 -32.71 8.55
CA LYS A 107 -16.38 -33.96 8.02
C LYS A 107 -17.87 -33.85 7.72
N SER A 108 -18.64 -33.24 8.63
CA SER A 108 -20.06 -33.03 8.36
C SER A 108 -20.26 -32.04 7.23
N LEU A 109 -19.41 -31.01 7.14
CA LEU A 109 -19.51 -30.08 6.03
C LEU A 109 -19.28 -30.79 4.71
N THR A 110 -18.32 -31.71 4.66
CA THR A 110 -18.10 -32.52 3.45
C THR A 110 -19.27 -33.47 3.20
N MET A 111 -19.89 -33.95 4.28
CA MET A 111 -21.09 -34.78 4.13
C MET A 111 -22.20 -34.02 3.44
N VAL A 112 -22.29 -32.71 3.68
CA VAL A 112 -23.28 -31.90 2.97
C VAL A 112 -23.04 -31.98 1.46
N ALA A 113 -21.79 -31.84 1.04
CA ALA A 113 -21.46 -31.91 -0.38
C ALA A 113 -21.73 -33.30 -0.94
N LEU A 114 -21.38 -34.33 -0.20
CA LEU A 114 -21.62 -35.69 -0.67
C LEU A 114 -23.11 -35.96 -0.82
N ALA A 115 -23.92 -35.49 0.12
CA ALA A 115 -25.37 -35.67 0.03
C ALA A 115 -25.93 -34.91 -1.16
N LYS A 116 -25.44 -33.69 -1.41
CA LYS A 116 -25.89 -32.95 -2.58
C LYS A 116 -25.54 -33.68 -3.87
N LEU A 117 -24.32 -34.24 -3.94
CA LEU A 117 -23.93 -35.00 -5.13
C LEU A 117 -24.80 -36.24 -5.29
N TRP A 118 -25.13 -36.91 -4.19
CA TRP A 118 -26.01 -38.08 -4.27
C TRP A 118 -27.39 -37.69 -4.78
N GLU A 119 -27.95 -36.60 -4.27
CA GLU A 119 -29.26 -36.14 -4.71
C GLU A 119 -29.25 -35.73 -6.18
N ALA A 120 -28.19 -35.10 -6.65
CA ALA A 120 -28.08 -34.72 -8.05
C ALA A 120 -27.90 -35.92 -8.98
N GLY A 121 -27.66 -37.12 -8.42
CA GLY A 121 -27.46 -38.30 -9.22
C GLY A 121 -26.07 -38.47 -9.79
N LYS A 122 -25.11 -37.61 -9.41
CA LYS A 122 -23.75 -37.72 -9.92
C LYS A 122 -22.89 -38.69 -9.12
N LEU A 123 -23.36 -39.13 -7.95
CA LEU A 123 -22.58 -39.99 -7.08
C LEU A 123 -23.39 -41.21 -6.68
N ASP A 124 -22.74 -42.37 -6.67
CA ASP A 124 -23.34 -43.61 -6.21
C ASP A 124 -22.59 -44.10 -4.98
N LEU A 125 -23.33 -44.36 -3.90
CA LEU A 125 -22.68 -44.73 -2.64
C LEU A 125 -22.22 -46.18 -2.65
N ASP A 126 -22.79 -47.02 -3.51
CA ASP A 126 -22.46 -48.44 -3.51
C ASP A 126 -21.36 -48.82 -4.48
N ILE A 127 -21.14 -48.02 -5.53
CA ILE A 127 -20.08 -48.34 -6.48
C ILE A 127 -18.73 -48.16 -5.80
N PRO A 128 -17.73 -49.01 -6.09
CA PRO A 128 -16.42 -48.82 -5.46
C PRO A 128 -15.76 -47.51 -5.88
N VAL A 129 -14.91 -46.99 -5.00
CA VAL A 129 -14.33 -45.66 -5.18
C VAL A 129 -13.38 -45.61 -6.37
N GLN A 130 -12.89 -46.76 -6.84
CA GLN A 130 -12.02 -46.76 -8.00
C GLN A 130 -12.74 -46.30 -9.27
N HIS A 131 -14.07 -46.36 -9.28
CA HIS A 131 -14.84 -45.83 -10.40
C HIS A 131 -14.63 -44.33 -10.52
N TYR A 132 -14.49 -43.63 -9.39
CA TYR A 132 -14.31 -42.19 -9.43
C TYR A 132 -12.83 -41.82 -9.47
N VAL A 133 -12.04 -42.37 -8.55
CA VAL A 133 -10.60 -42.12 -8.55
C VAL A 133 -9.86 -43.39 -8.98
N PRO A 134 -9.33 -43.42 -10.21
CA PRO A 134 -8.56 -44.61 -10.62
C PRO A 134 -7.21 -44.70 -9.93
N GLU A 135 -6.75 -43.60 -9.32
CA GLU A 135 -5.44 -43.58 -8.69
C GLU A 135 -5.36 -44.54 -7.52
N PHE A 136 -6.42 -44.66 -6.76
CA PHE A 136 -6.40 -45.50 -5.56
C PHE A 136 -6.23 -46.96 -5.95
N PRO A 137 -5.18 -47.64 -5.50
CA PRO A 137 -4.94 -49.01 -5.95
C PRO A 137 -5.96 -49.99 -5.40
N GLU A 138 -6.15 -51.09 -6.12
CA GLU A 138 -6.99 -52.18 -5.64
C GLU A 138 -6.32 -52.86 -4.44
N LYS A 139 -7.13 -53.33 -3.50
CA LYS A 139 -6.63 -53.83 -2.23
C LYS A 139 -7.04 -55.29 -2.03
N GLU A 140 -6.09 -56.08 -1.52
CA GLU A 140 -6.29 -57.49 -1.24
C GLU A 140 -5.94 -57.76 0.22
N TYR A 141 -6.82 -58.44 0.92
CA TYR A 141 -6.73 -58.64 2.36
C TYR A 141 -6.70 -60.14 2.63
N GLU A 142 -5.62 -60.61 3.29
CA GLU A 142 -5.29 -62.03 3.44
C GLU A 142 -5.66 -62.86 2.21
N GLY A 143 -5.31 -62.36 1.03
CA GLY A 143 -5.44 -63.14 -0.18
C GLY A 143 -6.76 -63.07 -0.90
N GLU A 144 -7.72 -62.28 -0.42
CA GLU A 144 -8.93 -62.06 -1.19
C GLU A 144 -9.10 -60.57 -1.47
N LYS A 145 -9.40 -60.23 -2.72
CA LYS A 145 -9.59 -58.84 -3.08
C LYS A 145 -10.83 -58.28 -2.40
N VAL A 146 -10.78 -57.01 -2.02
CA VAL A 146 -11.86 -56.37 -1.30
C VAL A 146 -12.22 -55.07 -2.00
N SER A 147 -13.44 -54.60 -1.71
CA SER A 147 -13.98 -53.40 -2.35
C SER A 147 -14.19 -52.31 -1.31
N VAL A 148 -13.74 -51.11 -1.65
CA VAL A 148 -13.91 -49.92 -0.82
C VAL A 148 -14.97 -49.05 -1.46
N THR A 149 -16.07 -48.83 -0.75
CA THR A 149 -17.22 -48.10 -1.27
C THR A 149 -17.43 -46.82 -0.47
N THR A 150 -18.25 -45.92 -1.05
CA THR A 150 -18.43 -44.61 -0.45
C THR A 150 -19.13 -44.68 0.89
N ARG A 151 -20.28 -45.37 0.96
CA ARG A 151 -21.02 -45.42 2.22
C ARG A 151 -20.21 -46.13 3.30
N LEU A 152 -19.34 -47.06 2.90
CA LEU A 152 -18.55 -47.79 3.87
C LEU A 152 -17.43 -46.92 4.42
N LEU A 153 -16.80 -46.13 3.56
CA LEU A 153 -15.67 -45.30 3.98
C LEU A 153 -16.14 -44.02 4.64
N ILE A 154 -17.41 -43.64 4.47
CA ILE A 154 -17.98 -42.51 5.20
C ILE A 154 -18.00 -42.80 6.70
N SER A 155 -18.51 -43.96 7.08
CA SER A 155 -18.69 -44.32 8.47
C SER A 155 -17.41 -44.83 9.11
N HIS A 156 -16.26 -44.61 8.47
CA HIS A 156 -14.96 -45.09 8.93
C HIS A 156 -14.93 -46.61 9.06
N LEU A 157 -15.81 -47.30 8.33
CA LEU A 157 -15.87 -48.75 8.39
C LEU A 157 -14.90 -49.42 7.44
N SER A 158 -14.18 -48.65 6.62
CA SER A 158 -13.17 -49.21 5.74
C SER A 158 -11.92 -49.59 6.55
N GLY A 159 -10.97 -50.20 5.88
CA GLY A 159 -9.77 -50.68 6.51
C GLY A 159 -8.60 -49.72 6.54
N ILE A 160 -8.79 -48.46 6.15
CA ILE A 160 -7.69 -47.51 6.12
C ILE A 160 -7.24 -47.23 7.55
N ARG A 161 -5.95 -47.36 7.80
CA ARG A 161 -5.43 -47.23 9.16
C ARG A 161 -5.40 -45.77 9.58
N HIS A 162 -5.39 -45.56 10.90
CA HIS A 162 -5.41 -44.23 11.49
C HIS A 162 -3.97 -43.79 11.74
N TYR A 163 -3.48 -42.87 10.90
CA TYR A 163 -2.10 -42.40 11.02
C TYR A 163 -1.94 -41.43 12.18
N GLY A 164 -3.03 -40.81 12.62
CA GLY A 164 -2.98 -39.83 13.68
C GLY A 164 -2.55 -38.48 13.15
N GLU A 165 -2.29 -37.58 14.09
CA GLU A 165 -1.86 -36.24 13.72
C GLU A 165 -0.41 -36.26 13.23
N LEU A 166 -0.18 -35.68 12.05
CA LEU A 166 1.15 -35.56 11.47
C LEU A 166 1.42 -34.09 11.21
N TYR A 167 2.57 -33.60 11.69
CA TYR A 167 2.90 -32.18 11.61
C TYR A 167 3.53 -31.89 10.24
N LEU A 168 2.69 -31.93 9.22
CA LEU A 168 3.11 -31.59 7.87
C LEU A 168 3.16 -30.08 7.70
N ARG A 169 4.18 -29.61 6.98
CA ARG A 169 4.30 -28.20 6.62
C ARG A 169 4.31 -28.00 5.11
N GLU A 170 4.12 -29.06 4.34
CA GLU A 170 4.13 -28.97 2.89
C GLU A 170 2.79 -28.44 2.38
N LYS A 171 2.85 -27.76 1.24
CA LYS A 171 1.66 -27.24 0.57
C LYS A 171 1.20 -28.23 -0.48
N PHE A 172 -0.10 -28.52 -0.50
CA PHE A 172 -0.70 -29.40 -1.49
C PHE A 172 -1.69 -28.62 -2.33
N GLU A 173 -1.64 -28.81 -3.64
CA GLU A 173 -2.51 -28.06 -4.54
C GLU A 173 -3.88 -28.71 -4.66
N ASN A 174 -3.92 -30.03 -4.88
CA ASN A 174 -5.17 -30.74 -5.07
C ASN A 174 -5.17 -32.03 -4.26
N SER A 175 -6.37 -32.58 -4.03
CA SER A 175 -6.49 -33.82 -3.27
C SER A 175 -5.82 -34.99 -3.99
N ILE A 176 -5.67 -34.92 -5.30
CA ILE A 176 -5.04 -36.01 -6.04
C ILE A 176 -3.59 -36.18 -5.61
N GLU A 177 -2.85 -35.08 -5.48
CA GLU A 177 -1.48 -35.19 -5.01
C GLU A 177 -1.43 -35.45 -3.51
N SER A 178 -2.47 -35.05 -2.78
CA SER A 178 -2.55 -35.39 -1.36
C SER A 178 -2.79 -36.87 -1.13
N LEU A 179 -3.29 -37.58 -2.14
CA LEU A 179 -3.56 -39.01 -1.99
C LEU A 179 -2.29 -39.83 -1.82
N ARG A 180 -1.13 -39.30 -2.20
CA ARG A 180 0.12 -40.05 -2.14
C ARG A 180 0.55 -40.35 -0.71
N LEU A 181 -0.05 -39.70 0.30
CA LEU A 181 0.39 -39.92 1.67
C LEU A 181 0.00 -41.30 2.19
N PHE A 182 -1.13 -41.85 1.70
CA PHE A 182 -1.64 -43.09 2.26
C PHE A 182 -2.13 -44.07 1.21
N LYS A 183 -1.96 -43.78 -0.09
CA LYS A 183 -2.52 -44.66 -1.12
C LYS A 183 -1.85 -46.03 -1.13
N ASN A 184 -0.53 -46.06 -0.95
CA ASN A 184 0.21 -47.31 -1.15
C ASN A 184 0.07 -48.24 0.05
N ASP A 185 -0.30 -47.71 1.20
CA ASP A 185 -0.39 -48.52 2.40
C ASP A 185 -1.52 -49.54 2.27
N PRO A 186 -1.36 -50.75 2.79
CA PRO A 186 -2.44 -51.73 2.77
C PRO A 186 -3.49 -51.42 3.84
N LEU A 187 -4.67 -51.99 3.66
CA LEU A 187 -5.76 -51.77 4.60
C LEU A 187 -5.45 -52.48 5.93
N PHE A 188 -5.79 -51.82 7.03
CA PHE A 188 -5.52 -52.38 8.35
C PHE A 188 -6.49 -53.52 8.67
N PHE A 189 -7.77 -53.32 8.36
CA PHE A 189 -8.81 -54.30 8.67
C PHE A 189 -9.57 -54.67 7.41
N LYS A 190 -10.44 -55.67 7.55
CA LYS A 190 -11.41 -55.97 6.52
C LYS A 190 -12.40 -54.81 6.41
N PRO A 191 -12.58 -54.25 5.21
CA PRO A 191 -13.57 -53.18 5.05
C PRO A 191 -14.97 -53.68 5.41
N GLY A 192 -15.69 -52.87 6.18
CA GLY A 192 -17.03 -53.20 6.61
C GLY A 192 -17.11 -54.07 7.84
N SER A 193 -15.99 -54.53 8.38
CA SER A 193 -16.01 -55.44 9.52
C SER A 193 -15.65 -54.76 10.83
N GLN A 194 -14.92 -53.65 10.80
CA GLN A 194 -14.44 -53.03 12.03
C GLN A 194 -14.47 -51.52 11.86
N PHE A 195 -14.73 -50.81 12.95
CA PHE A 195 -14.75 -49.35 12.95
C PHE A 195 -13.42 -48.82 13.46
N LEU A 196 -12.82 -47.92 12.69
CA LEU A 196 -11.55 -47.31 13.06
C LEU A 196 -11.56 -45.87 12.55
N TYR A 197 -11.65 -44.92 13.47
CA TYR A 197 -11.75 -43.51 13.10
C TYR A 197 -10.52 -43.10 12.31
N SER A 198 -10.74 -42.44 11.17
CA SER A 198 -9.65 -42.07 10.29
C SER A 198 -9.97 -40.72 9.65
N THR A 199 -8.91 -39.99 9.30
CA THR A 199 -9.04 -38.67 8.69
C THR A 199 -8.72 -38.66 7.21
N PHE A 200 -7.80 -39.51 6.76
CA PHE A 200 -7.44 -39.55 5.35
C PHE A 200 -8.55 -40.12 4.48
N GLY A 201 -9.45 -40.92 5.06
CA GLY A 201 -10.61 -41.36 4.31
C GLY A 201 -11.43 -40.21 3.81
N TYR A 202 -11.55 -39.13 4.59
CA TYR A 202 -12.26 -37.97 4.10
C TYR A 202 -11.47 -37.17 3.08
N THR A 203 -10.14 -37.29 3.06
CA THR A 203 -9.39 -36.76 1.93
C THR A 203 -9.71 -37.52 0.65
N LEU A 204 -9.81 -38.85 0.76
CA LEU A 204 -10.29 -39.63 -0.38
C LEU A 204 -11.70 -39.21 -0.78
N LEU A 205 -12.55 -38.91 0.20
CA LEU A 205 -13.89 -38.42 -0.10
C LEU A 205 -13.84 -37.08 -0.82
N ALA A 206 -12.92 -36.20 -0.44
CA ALA A 206 -12.77 -34.93 -1.15
C ALA A 206 -12.34 -35.15 -2.59
N ALA A 207 -11.43 -36.11 -2.81
CA ALA A 207 -11.06 -36.46 -4.18
C ALA A 207 -12.27 -36.97 -4.95
N ILE A 208 -13.10 -37.78 -4.30
CA ILE A 208 -14.31 -38.29 -4.93
C ILE A 208 -15.26 -37.14 -5.27
N VAL A 209 -15.35 -36.14 -4.39
CA VAL A 209 -16.18 -34.98 -4.65
C VAL A 209 -15.68 -34.22 -5.87
N GLU A 210 -14.37 -34.04 -5.97
CA GLU A 210 -13.81 -33.39 -7.16
C GLU A 210 -14.14 -34.18 -8.41
N ARG A 211 -13.99 -35.50 -8.36
CA ARG A 211 -14.25 -36.32 -9.55
C ARG A 211 -15.71 -36.27 -9.95
N ALA A 212 -16.62 -36.27 -8.98
CA ALA A 212 -18.04 -36.39 -9.28
C ALA A 212 -18.66 -35.06 -9.67
N SER A 213 -18.40 -34.00 -8.88
CA SER A 213 -19.04 -32.72 -9.13
C SER A 213 -18.53 -32.04 -10.39
N GLY A 214 -17.36 -32.42 -10.90
CA GLY A 214 -16.79 -31.78 -12.05
C GLY A 214 -16.08 -30.48 -11.77
N CYS A 215 -15.97 -30.07 -10.51
CA CYS A 215 -15.30 -28.84 -10.12
C CYS A 215 -14.37 -29.14 -8.96
N LYS A 216 -13.64 -28.11 -8.53
CA LYS A 216 -12.72 -28.26 -7.42
C LYS A 216 -13.48 -28.38 -6.11
N TYR A 217 -12.95 -29.20 -5.19
CA TYR A 217 -13.61 -29.44 -3.93
C TYR A 217 -13.77 -28.15 -3.12
N LEU A 218 -12.70 -27.34 -3.09
CA LEU A 218 -12.76 -26.10 -2.32
C LEU A 218 -13.80 -25.13 -2.88
N ASP A 219 -13.91 -25.05 -4.21
CA ASP A 219 -14.93 -24.19 -4.81
C ASP A 219 -16.33 -24.71 -4.52
N TYR A 220 -16.52 -26.03 -4.56
CA TYR A 220 -17.82 -26.61 -4.23
C TYR A 220 -18.21 -26.29 -2.79
N MET A 221 -17.26 -26.42 -1.86
CA MET A 221 -17.55 -26.10 -0.47
C MET A 221 -17.79 -24.61 -0.29
N GLN A 222 -17.09 -23.75 -1.04
CA GLN A 222 -17.38 -22.32 -0.98
C GLN A 222 -18.80 -22.01 -1.43
N LYS A 223 -19.24 -22.66 -2.52
CA LYS A 223 -20.61 -22.48 -2.97
C LYS A 223 -21.60 -22.94 -1.91
N ILE A 224 -21.31 -24.07 -1.26
CA ILE A 224 -22.20 -24.58 -0.22
C ILE A 224 -22.26 -23.63 0.97
N PHE A 225 -21.10 -23.09 1.38
CA PHE A 225 -21.09 -22.13 2.48
C PHE A 225 -21.84 -20.86 2.13
N HIS A 226 -21.73 -20.42 0.88
CA HIS A 226 -22.48 -19.26 0.43
C HIS A 226 -23.98 -19.52 0.49
N ASP A 227 -24.41 -20.73 0.07
CA ASP A 227 -25.82 -21.07 0.14
C ASP A 227 -26.31 -21.14 1.59
N LEU A 228 -25.47 -21.64 2.50
CA LEU A 228 -25.88 -21.78 3.89
C LEU A 228 -25.70 -20.51 4.70
N ASP A 229 -25.22 -19.43 4.10
CA ASP A 229 -24.96 -18.12 4.71
C ASP A 229 -23.79 -18.17 5.69
N MET A 230 -22.98 -19.22 5.67
CA MET A 230 -21.78 -19.25 6.51
C MET A 230 -20.71 -18.39 5.86
N LEU A 231 -20.70 -17.10 6.18
CA LEU A 231 -19.88 -16.13 5.46
C LEU A 231 -18.43 -16.10 5.93
N THR A 232 -18.12 -16.70 7.07
CA THR A 232 -16.77 -16.70 7.59
C THR A 232 -16.09 -18.07 7.58
N THR A 233 -16.77 -19.10 7.08
CA THR A 233 -16.12 -20.40 6.95
C THR A 233 -15.19 -20.40 5.75
N VAL A 234 -13.91 -20.67 6.00
CA VAL A 234 -12.89 -20.63 4.97
C VAL A 234 -11.82 -21.66 5.33
N GLN A 235 -11.14 -22.18 4.30
CA GLN A 235 -10.06 -23.12 4.54
C GLN A 235 -8.91 -22.45 5.29
N GLU A 236 -8.21 -23.24 6.08
CA GLU A 236 -7.16 -22.74 6.95
C GLU A 236 -5.85 -22.68 6.17
N GLU A 237 -5.48 -21.49 5.71
CA GLU A 237 -4.20 -21.27 5.05
C GLU A 237 -3.61 -19.97 5.54
N ASN A 238 -2.30 -19.85 5.38
CA ASN A 238 -1.52 -18.81 6.06
C ASN A 238 -1.39 -17.53 5.24
N GLU A 239 -1.24 -17.63 3.93
CA GLU A 239 -0.95 -16.45 3.12
C GLU A 239 -2.05 -15.39 3.14
N PRO A 240 -3.32 -15.70 2.94
CA PRO A 240 -4.34 -14.64 2.92
C PRO A 240 -4.55 -14.01 4.28
N VAL A 241 -5.03 -12.78 4.26
CA VAL A 241 -5.36 -12.05 5.47
C VAL A 241 -6.78 -12.44 5.89
N ILE A 242 -6.88 -13.20 6.97
CA ILE A 242 -8.16 -13.63 7.53
C ILE A 242 -8.37 -12.86 8.83
N TYR A 243 -9.39 -12.01 8.85
CA TYR A 243 -9.61 -11.16 10.01
C TYR A 243 -10.09 -11.96 11.21
N ASN A 244 -9.76 -11.47 12.40
CA ASN A 244 -10.15 -12.09 13.67
C ASN A 244 -9.66 -13.52 13.77
N ARG A 245 -8.47 -13.78 13.23
CA ARG A 245 -7.85 -15.10 13.37
C ARG A 245 -7.32 -15.26 14.79
N ALA A 246 -7.62 -16.40 15.40
CA ALA A 246 -7.18 -16.66 16.76
C ALA A 246 -5.78 -17.29 16.75
N ARG A 247 -5.21 -17.44 17.95
CA ARG A 247 -3.96 -18.17 18.15
C ARG A 247 -4.24 -19.40 18.99
N PHE A 248 -3.48 -20.45 18.75
CA PHE A 248 -3.73 -21.76 19.33
C PHE A 248 -2.53 -22.19 20.16
N TYR A 249 -2.78 -22.55 21.42
CA TYR A 249 -1.75 -22.74 22.43
C TYR A 249 -1.78 -24.16 22.98
N VAL A 250 -0.72 -24.51 23.70
CA VAL A 250 -0.62 -25.81 24.36
C VAL A 250 0.23 -25.61 25.61
N TYR A 251 0.38 -26.66 26.42
CA TYR A 251 1.25 -26.63 27.59
C TYR A 251 2.49 -27.48 27.34
N ASN A 252 3.64 -27.01 27.82
CA ASN A 252 4.88 -27.75 27.68
C ASN A 252 5.12 -28.60 28.93
N LYS A 253 6.25 -29.29 28.96
CA LYS A 253 6.59 -30.15 30.09
C LYS A 253 6.84 -29.36 31.37
N LYS A 254 7.01 -28.05 31.27
CA LYS A 254 7.23 -27.20 32.43
C LYS A 254 5.94 -26.59 32.96
N LYS A 255 4.78 -27.05 32.47
CA LYS A 255 3.48 -26.54 32.87
C LYS A 255 3.35 -25.05 32.57
N ARG A 256 3.85 -24.64 31.40
CA ARG A 256 3.75 -23.26 30.94
C ARG A 256 3.07 -23.22 29.58
N LEU A 257 2.37 -22.12 29.32
CA LEU A 257 1.65 -21.97 28.06
C LEU A 257 2.61 -21.56 26.96
N VAL A 258 2.57 -22.29 25.84
CA VAL A 258 3.43 -22.03 24.69
C VAL A 258 2.58 -22.09 23.42
N ASN A 259 3.17 -21.65 22.32
CA ASN A 259 2.52 -21.72 21.03
C ASN A 259 2.72 -23.08 20.38
N THR A 260 1.71 -23.53 19.67
CA THR A 260 1.81 -24.79 18.96
C THR A 260 2.73 -24.64 17.74
N PRO A 261 3.38 -25.73 17.31
CA PRO A 261 4.21 -25.64 16.11
C PRO A 261 3.38 -25.32 14.88
N TYR A 262 4.01 -24.61 13.95
CA TYR A 262 3.34 -24.26 12.70
C TYR A 262 3.03 -25.52 11.91
N VAL A 263 1.79 -25.61 11.41
CA VAL A 263 1.34 -26.75 10.62
C VAL A 263 0.60 -26.25 9.39
N ASP A 264 0.60 -27.09 8.36
CA ASP A 264 -0.16 -26.85 7.14
C ASP A 264 -1.13 -28.00 6.95
N ASN A 265 -2.42 -27.69 6.86
CA ASN A 265 -3.47 -28.70 6.82
C ASN A 265 -4.02 -28.92 5.41
N SER A 266 -3.26 -28.59 4.37
CA SER A 266 -3.74 -28.78 3.02
C SER A 266 -3.97 -30.24 2.69
N TYR A 267 -3.20 -31.12 3.32
CA TYR A 267 -3.32 -32.55 3.05
C TYR A 267 -4.67 -33.08 3.51
N LYS A 268 -5.30 -32.38 4.46
CA LYS A 268 -6.62 -32.79 4.91
C LYS A 268 -7.60 -31.62 5.00
N TRP A 269 -7.94 -31.03 3.85
CA TRP A 269 -8.94 -29.96 3.84
C TRP A 269 -10.26 -30.51 4.31
N ALA A 270 -10.57 -31.73 3.90
CA ALA A 270 -11.87 -32.32 4.24
C ALA A 270 -12.09 -32.50 5.72
N GLY A 271 -11.08 -32.92 6.47
CA GLY A 271 -11.22 -32.99 7.91
C GLY A 271 -10.13 -32.18 8.59
N GLY A 272 -10.51 -31.19 9.39
CA GLY A 272 -9.53 -30.36 10.06
C GLY A 272 -8.96 -29.21 9.25
N GLY A 273 -9.51 -28.98 8.07
CA GLY A 273 -8.99 -27.94 7.21
C GLY A 273 -9.74 -26.61 7.17
N PHE A 274 -10.70 -26.41 8.07
CA PHE A 274 -11.52 -25.19 7.99
C PHE A 274 -11.54 -24.30 9.22
N LEU A 275 -11.79 -23.00 9.02
CA LEU A 275 -11.91 -22.06 10.14
C LEU A 275 -13.30 -21.49 10.07
N SER A 276 -13.93 -21.22 11.22
CA SER A 276 -15.27 -20.66 11.25
C SER A 276 -15.53 -20.09 12.63
N THR A 277 -16.56 -19.24 12.70
CA THR A 277 -17.05 -18.69 13.95
C THR A 277 -18.16 -19.58 14.52
N VAL A 278 -18.59 -19.26 15.73
CA VAL A 278 -19.68 -20.01 16.34
C VAL A 278 -20.99 -19.72 15.61
N GLY A 279 -21.20 -18.47 15.19
CA GLY A 279 -22.42 -18.10 14.50
C GLY A 279 -22.61 -18.79 13.16
N ASP A 280 -21.54 -19.31 12.57
CA ASP A 280 -21.62 -20.07 11.33
C ASP A 280 -21.99 -21.52 11.59
N LEU A 281 -21.43 -22.12 12.64
CA LEU A 281 -21.83 -23.47 13.02
C LEU A 281 -23.29 -23.48 13.50
N LEU A 282 -23.74 -22.40 14.13
CA LEU A 282 -25.15 -22.30 14.48
C LEU A 282 -26.03 -22.32 13.24
N LYS A 283 -25.64 -21.58 12.19
CA LYS A 283 -26.40 -21.59 10.95
C LYS A 283 -26.39 -22.96 10.31
N PHE A 284 -25.24 -23.64 10.32
CA PHE A 284 -25.15 -24.98 9.77
C PHE A 284 -26.09 -25.94 10.50
N GLY A 285 -26.07 -25.90 11.83
CA GLY A 285 -26.94 -26.76 12.61
C GLY A 285 -28.41 -26.45 12.40
N ASN A 286 -28.74 -25.16 12.29
CA ASN A 286 -30.13 -24.77 12.05
C ASN A 286 -30.62 -25.27 10.70
N ALA A 287 -29.77 -25.16 9.67
CA ALA A 287 -30.16 -25.67 8.36
C ALA A 287 -30.36 -27.18 8.40
N MET A 288 -29.47 -27.91 9.07
CA MET A 288 -29.63 -29.35 9.17
C MET A 288 -30.90 -29.73 9.92
N LEU A 289 -31.20 -29.02 11.02
CA LEU A 289 -32.40 -29.29 11.78
C LEU A 289 -33.65 -29.01 10.96
N TYR A 290 -33.67 -27.91 10.22
CA TYR A 290 -34.83 -27.61 9.38
C TYR A 290 -35.03 -28.67 8.32
N GLY A 291 -33.95 -29.09 7.66
CA GLY A 291 -34.06 -30.16 6.69
C GLY A 291 -34.55 -31.45 7.30
N TYR A 292 -34.18 -31.71 8.56
CA TYR A 292 -34.59 -32.94 9.22
C TYR A 292 -36.07 -32.90 9.65
N GLN A 293 -36.58 -31.72 10.01
CA GLN A 293 -37.91 -31.64 10.62
C GLN A 293 -39.00 -31.18 9.66
N VAL A 294 -38.64 -30.54 8.56
CA VAL A 294 -39.64 -30.00 7.65
C VAL A 294 -40.64 -31.06 7.20
N GLY A 295 -40.21 -32.31 7.08
CA GLY A 295 -41.11 -33.34 6.57
C GLY A 295 -42.31 -33.59 7.45
N LEU A 296 -42.12 -33.68 8.76
CA LEU A 296 -43.25 -33.84 9.67
C LEU A 296 -44.15 -32.63 9.66
N PHE A 297 -43.56 -31.43 9.69
CA PHE A 297 -44.35 -30.19 9.75
C PHE A 297 -45.03 -29.80 8.46
N LYS A 298 -44.83 -30.57 7.39
CA LYS A 298 -45.36 -30.16 6.09
C LYS A 298 -46.88 -30.02 5.97
N ASN A 299 -47.63 -30.95 6.55
CA ASN A 299 -49.09 -30.93 6.38
C ASN A 299 -49.79 -29.68 6.93
N SER A 300 -49.26 -29.11 8.02
CA SER A 300 -49.94 -27.98 8.66
C SER A 300 -50.00 -26.67 7.89
N ASN A 301 -48.88 -26.26 7.30
CA ASN A 301 -48.84 -25.00 6.58
C ASN A 301 -48.86 -25.22 5.07
N GLU A 302 -48.02 -26.12 4.57
CA GLU A 302 -47.93 -26.40 3.13
C GLU A 302 -47.47 -25.17 2.34
N ASN A 303 -46.71 -24.29 2.99
CA ASN A 303 -46.18 -23.11 2.32
C ASN A 303 -44.81 -22.97 2.91
N LEU A 304 -44.24 -24.08 3.35
CA LEU A 304 -42.95 -24.06 4.02
C LEU A 304 -41.84 -24.31 3.03
N LEU A 305 -40.80 -23.47 3.07
CA LEU A 305 -39.68 -23.64 2.15
C LEU A 305 -39.03 -25.03 2.25
N PRO A 306 -38.57 -25.62 1.11
CA PRO A 306 -37.95 -26.93 1.29
C PRO A 306 -36.61 -26.82 2.02
N GLY A 307 -36.24 -27.89 2.68
CA GLY A 307 -34.95 -27.95 3.33
C GLY A 307 -33.83 -28.02 2.31
N TYR A 308 -32.61 -27.84 2.82
CA TYR A 308 -31.45 -27.89 1.93
C TYR A 308 -31.31 -29.27 1.29
N LEU A 309 -31.67 -30.32 2.02
CA LEU A 309 -31.67 -31.68 1.52
C LEU A 309 -33.05 -32.29 1.72
N LYS A 310 -33.34 -33.33 0.93
CA LYS A 310 -34.63 -34.00 1.04
C LYS A 310 -34.76 -34.62 2.43
N PRO A 311 -35.99 -34.76 2.94
CA PRO A 311 -36.17 -35.36 4.26
C PRO A 311 -35.60 -36.77 4.36
N GLU A 312 -35.72 -37.56 3.29
CA GLU A 312 -35.16 -38.89 3.30
C GLU A 312 -33.64 -38.86 3.41
N THR A 313 -33.00 -37.91 2.72
CA THR A 313 -31.54 -37.80 2.79
C THR A 313 -31.08 -37.46 4.20
N MET A 314 -31.76 -36.51 4.85
CA MET A 314 -31.40 -36.16 6.22
C MET A 314 -31.66 -37.31 7.18
N VAL A 315 -32.77 -38.02 6.99
CA VAL A 315 -33.05 -39.18 7.84
C VAL A 315 -31.94 -40.21 7.70
N MET A 316 -31.54 -40.52 6.47
CA MET A 316 -30.44 -41.45 6.26
C MET A 316 -29.17 -40.95 6.92
N MET A 317 -28.91 -39.65 6.79
CA MET A 317 -27.72 -39.04 7.38
C MET A 317 -27.69 -39.17 8.89
N TRP A 318 -28.84 -39.16 9.56
CA TRP A 318 -28.87 -39.22 11.01
C TRP A 318 -29.40 -40.54 11.55
N THR A 319 -29.25 -41.63 10.79
CA THR A 319 -29.47 -42.96 11.35
C THR A 319 -28.13 -43.60 11.67
N PRO A 320 -27.86 -43.95 12.92
CA PRO A 320 -26.60 -44.60 13.26
C PRO A 320 -26.45 -45.94 12.57
N VAL A 321 -25.22 -46.30 12.24
CA VAL A 321 -24.93 -47.58 11.61
C VAL A 321 -24.49 -48.57 12.68
N PRO A 322 -24.80 -49.85 12.54
CA PRO A 322 -24.39 -50.83 13.55
C PRO A 322 -22.90 -51.11 13.47
N ASN A 323 -22.41 -51.83 14.48
CA ASN A 323 -20.99 -52.19 14.58
C ASN A 323 -20.11 -50.95 14.52
N THR A 324 -20.47 -49.93 15.29
CA THR A 324 -19.76 -48.66 15.27
C THR A 324 -19.89 -48.01 16.64
N GLU A 325 -18.85 -47.27 17.04
CA GLU A 325 -18.81 -46.66 18.36
C GLU A 325 -18.70 -45.14 18.23
N MET A 326 -19.19 -44.45 19.25
CA MET A 326 -19.12 -43.00 19.34
C MET A 326 -18.16 -42.64 20.48
N SER A 327 -17.02 -42.06 20.12
CA SER A 327 -15.94 -41.89 21.08
C SER A 327 -16.35 -40.94 22.22
N TRP A 328 -17.03 -39.85 21.89
CA TRP A 328 -17.24 -38.81 22.89
C TRP A 328 -18.57 -39.00 23.64
N ASP A 329 -19.33 -40.03 23.29
CA ASP A 329 -20.54 -40.40 24.03
C ASP A 329 -20.76 -41.89 23.88
N LYS A 330 -20.73 -42.62 25.01
CA LYS A 330 -20.81 -44.07 24.95
C LYS A 330 -22.21 -44.55 24.62
N GLU A 331 -23.22 -43.73 24.89
CA GLU A 331 -24.60 -44.14 24.65
C GLU A 331 -25.06 -43.93 23.22
N GLY A 332 -24.17 -43.46 22.36
CA GLY A 332 -24.52 -43.25 20.96
C GLY A 332 -23.64 -44.03 20.00
N LYS A 333 -23.97 -43.89 18.72
CA LYS A 333 -23.21 -44.50 17.63
C LYS A 333 -22.83 -43.41 16.63
N TYR A 334 -22.18 -43.81 15.55
CA TYR A 334 -21.72 -42.84 14.57
C TYR A 334 -22.48 -42.93 13.27
N ALA A 335 -23.34 -41.95 13.01
CA ALA A 335 -24.10 -41.94 11.75
C ALA A 335 -23.22 -41.54 10.57
N MET A 336 -23.73 -40.66 9.71
CA MET A 336 -22.89 -40.20 8.62
C MET A 336 -22.25 -38.90 9.07
N ALA A 337 -20.95 -38.92 9.26
CA ALA A 337 -20.23 -37.73 9.74
C ALA A 337 -20.89 -37.06 10.95
N TRP A 338 -21.59 -37.83 11.78
CA TRP A 338 -22.26 -37.27 12.96
C TRP A 338 -22.28 -38.31 14.05
N GLY A 339 -22.41 -37.87 15.30
CA GLY A 339 -22.54 -38.81 16.40
C GLY A 339 -23.97 -38.73 16.86
N VAL A 340 -24.71 -39.83 16.82
CA VAL A 340 -26.14 -39.78 17.14
C VAL A 340 -26.40 -40.61 18.39
N VAL A 341 -27.11 -40.01 19.34
CA VAL A 341 -27.62 -40.71 20.51
C VAL A 341 -29.13 -40.80 20.39
N GLU A 342 -29.66 -42.02 20.39
CA GLU A 342 -31.08 -42.26 20.16
C GLU A 342 -31.86 -42.02 21.46
N ARG A 343 -33.18 -42.14 21.36
CA ARG A 343 -34.05 -42.05 22.53
C ARG A 343 -34.55 -43.44 22.90
N LYS A 344 -34.39 -43.80 24.18
CA LYS A 344 -34.83 -45.10 24.66
C LYS A 344 -34.88 -45.13 26.17
N GLN A 345 -35.80 -45.92 26.72
CA GLN A 345 -35.90 -46.17 28.16
C GLN A 345 -36.11 -47.67 28.35
N THR A 346 -35.03 -48.37 28.70
CA THR A 346 -35.10 -49.83 28.81
C THR A 346 -35.93 -50.26 30.02
N TYR A 347 -35.74 -49.59 31.16
CA TYR A 347 -36.47 -49.97 32.37
C TYR A 347 -37.31 -48.83 32.91
N GLY A 348 -38.34 -49.16 33.68
CA GLY A 348 -39.18 -48.14 34.28
C GLY A 348 -38.46 -47.36 35.37
N SER A 349 -38.76 -46.07 35.50
CA SER A 349 -38.13 -45.23 36.53
C SER A 349 -36.61 -45.25 36.38
N CYS A 350 -36.13 -45.23 35.16
CA CYS A 350 -34.70 -45.26 34.90
C CYS A 350 -34.38 -44.20 33.87
N ARG A 351 -33.10 -43.87 33.72
CA ARG A 351 -32.73 -42.80 32.80
C ARG A 351 -33.21 -43.06 31.39
N LYS A 352 -33.73 -42.02 30.75
CA LYS A 352 -34.18 -42.17 29.37
C LYS A 352 -33.19 -41.41 28.52
N GLN A 353 -32.61 -42.10 27.53
CA GLN A 353 -31.65 -41.46 26.66
C GLN A 353 -32.33 -40.37 25.87
N ARG A 354 -31.68 -39.23 25.71
CA ARG A 354 -32.23 -38.13 24.94
C ARG A 354 -31.62 -38.17 23.55
N HIS A 355 -32.44 -37.98 22.52
CA HIS A 355 -31.95 -38.04 21.15
C HIS A 355 -31.26 -36.73 20.78
N TYR A 356 -30.04 -36.83 20.25
CA TYR A 356 -29.33 -35.66 19.76
C TYR A 356 -28.26 -36.10 18.79
N ALA A 357 -27.73 -35.13 18.04
CA ALA A 357 -26.68 -35.39 17.05
C ALA A 357 -25.58 -34.36 17.24
N SER A 358 -24.37 -34.82 17.50
CA SER A 358 -23.26 -33.92 17.80
C SER A 358 -22.06 -34.28 16.96
N HIS A 359 -21.00 -33.49 17.10
CA HIS A 359 -19.69 -33.83 16.58
C HIS A 359 -18.66 -32.96 17.25
N THR A 360 -17.62 -33.59 17.78
CA THR A 360 -16.53 -32.91 18.45
C THR A 360 -15.26 -33.11 17.63
N GLY A 361 -14.36 -32.14 17.72
CA GLY A 361 -13.12 -32.19 16.97
C GLY A 361 -11.97 -31.62 17.78
N GLY A 362 -10.79 -32.19 17.57
CA GLY A 362 -9.60 -31.68 18.20
C GLY A 362 -8.48 -31.50 17.20
N ALA A 363 -8.06 -30.25 17.00
CA ALA A 363 -6.96 -29.92 16.11
C ALA A 363 -5.80 -29.39 16.94
N VAL A 364 -4.68 -29.13 16.26
CA VAL A 364 -3.47 -28.70 16.94
C VAL A 364 -3.74 -27.39 17.66
N GLY A 365 -3.76 -27.44 18.98
CA GLY A 365 -4.00 -26.26 19.79
C GLY A 365 -5.43 -25.79 19.84
N ALA A 366 -6.39 -26.58 19.39
CA ALA A 366 -7.77 -26.13 19.42
C ALA A 366 -8.71 -27.31 19.61
N SER A 367 -9.87 -27.02 20.20
CA SER A 367 -10.93 -28.00 20.40
C SER A 367 -12.26 -27.35 20.06
N SER A 368 -13.19 -28.16 19.57
CA SER A 368 -14.47 -27.64 19.13
C SER A 368 -15.55 -28.70 19.29
N VAL A 369 -16.79 -28.24 19.38
CA VAL A 369 -17.96 -29.13 19.41
C VAL A 369 -19.14 -28.40 18.80
N LEU A 370 -19.98 -29.16 18.09
CA LEU A 370 -21.25 -28.66 17.57
C LEU A 370 -22.32 -29.70 17.86
N LEU A 371 -23.39 -29.29 18.54
CA LEU A 371 -24.41 -30.21 19.03
C LEU A 371 -25.79 -29.71 18.66
N VAL A 372 -26.64 -30.63 18.20
CA VAL A 372 -28.02 -30.34 17.82
C VAL A 372 -28.93 -31.21 18.67
N LEU A 373 -29.84 -30.58 19.38
CA LEU A 373 -30.80 -31.25 20.26
C LEU A 373 -32.20 -30.94 19.77
N PRO A 374 -32.83 -31.82 19.00
CA PRO A 374 -34.23 -31.61 18.63
C PRO A 374 -35.16 -31.88 19.81
N GLU A 375 -36.34 -31.28 19.74
CA GLU A 375 -37.34 -31.42 20.78
C GLU A 375 -38.39 -32.45 20.36
N GLU A 376 -39.06 -33.01 21.36
CA GLU A 376 -40.15 -33.94 21.09
C GLU A 376 -41.31 -33.20 20.43
N LEU A 377 -41.85 -33.79 19.38
CA LEU A 377 -42.86 -33.14 18.54
C LEU A 377 -44.24 -33.69 18.87
N ASP A 378 -45.01 -32.91 19.62
CA ASP A 378 -46.41 -33.23 19.86
C ASP A 378 -47.25 -32.85 18.65
N THR A 379 -48.52 -33.26 18.68
CA THR A 379 -49.42 -32.90 17.58
C THR A 379 -49.63 -31.39 17.53
N GLU A 380 -49.72 -30.75 18.70
CA GLU A 380 -49.99 -29.32 18.73
C GLU A 380 -48.86 -28.52 18.08
N THR A 381 -47.60 -28.92 18.31
CA THR A 381 -46.49 -28.17 17.73
C THR A 381 -46.36 -28.45 16.24
N ILE A 382 -46.72 -29.66 15.80
CA ILE A 382 -46.76 -29.94 14.37
C ILE A 382 -47.80 -29.07 13.68
N ASN A 383 -48.96 -28.91 14.31
CA ASN A 383 -50.02 -28.12 13.68
C ASN A 383 -49.72 -26.64 13.72
N ASN A 384 -49.26 -26.12 14.87
CA ASN A 384 -49.22 -24.68 15.11
C ASN A 384 -47.84 -24.06 15.08
N LYS A 385 -46.77 -24.83 15.20
CA LYS A 385 -45.44 -24.27 15.22
C LYS A 385 -44.74 -24.50 13.88
N VAL A 386 -43.56 -23.92 13.70
CA VAL A 386 -42.83 -23.94 12.44
C VAL A 386 -41.41 -24.42 12.69
N PRO A 387 -40.85 -25.28 11.85
CA PRO A 387 -39.47 -25.75 12.07
C PRO A 387 -38.48 -24.63 11.80
N PRO A 388 -37.25 -24.73 12.35
CA PRO A 388 -36.76 -25.80 13.22
C PRO A 388 -37.19 -25.65 14.67
N ARG A 389 -37.40 -26.77 15.35
CA ARG A 389 -37.72 -26.79 16.78
C ARG A 389 -36.62 -27.57 17.47
N GLY A 390 -35.68 -26.85 18.08
CA GLY A 390 -34.55 -27.49 18.73
C GLY A 390 -33.52 -26.46 19.12
N ILE A 391 -32.43 -26.96 19.69
CA ILE A 391 -31.38 -26.10 20.23
C ILE A 391 -30.03 -26.53 19.67
N ILE A 392 -29.27 -25.57 19.16
CA ILE A 392 -27.95 -25.82 18.60
C ILE A 392 -26.93 -25.08 19.45
N VAL A 393 -25.93 -25.82 19.93
CA VAL A 393 -24.87 -25.28 20.79
C VAL A 393 -23.53 -25.56 20.15
N SER A 394 -22.72 -24.52 19.97
CA SER A 394 -21.38 -24.69 19.42
C SER A 394 -20.37 -24.04 20.35
N ILE A 395 -19.26 -24.73 20.59
CA ILE A 395 -18.21 -24.24 21.47
C ILE A 395 -16.86 -24.42 20.78
N ILE A 396 -15.99 -23.41 20.89
CA ILE A 396 -14.63 -23.50 20.37
C ILE A 396 -13.67 -22.91 21.40
N CYS A 397 -12.60 -23.63 21.69
CA CYS A 397 -11.56 -23.14 22.58
C CYS A 397 -10.20 -23.35 21.94
N ASN A 398 -9.27 -22.45 22.24
CA ASN A 398 -7.91 -22.54 21.69
C ASN A 398 -6.98 -23.27 22.66
N MET A 399 -7.37 -24.50 22.97
CA MET A 399 -6.58 -25.38 23.83
C MET A 399 -6.70 -26.80 23.29
N GLN A 400 -5.59 -27.53 23.36
CA GLN A 400 -5.51 -28.86 22.78
C GLN A 400 -6.11 -29.91 23.72
N SER A 401 -6.81 -30.89 23.12
CA SER A 401 -7.31 -32.06 23.83
C SER A 401 -8.25 -31.67 24.98
N VAL A 402 -9.36 -31.05 24.61
CA VAL A 402 -10.40 -30.66 25.56
C VAL A 402 -11.71 -31.28 25.10
N GLY A 403 -12.41 -31.94 26.02
CA GLY A 403 -13.70 -32.53 25.72
C GLY A 403 -14.85 -31.60 26.03
N LEU A 404 -15.44 -31.00 24.98
CA LEU A 404 -16.52 -30.03 25.14
C LEU A 404 -17.89 -30.60 24.85
N ASN A 405 -18.02 -31.92 24.70
CA ASN A 405 -19.32 -32.51 24.38
C ASN A 405 -20.25 -32.43 25.59
N SER A 406 -19.77 -32.82 26.76
CA SER A 406 -20.62 -32.85 27.95
C SER A 406 -21.09 -31.45 28.33
N THR A 407 -20.19 -30.47 28.24
CA THR A 407 -20.58 -29.09 28.54
C THR A 407 -21.64 -28.60 27.57
N ALA A 408 -21.48 -28.89 26.28
CA ALA A 408 -22.46 -28.49 25.30
C ALA A 408 -23.82 -29.15 25.56
N LEU A 409 -23.81 -30.44 25.90
CA LEU A 409 -25.06 -31.13 26.21
C LEU A 409 -25.73 -30.53 27.44
N LYS A 410 -24.96 -30.21 28.48
CA LYS A 410 -25.54 -29.61 29.67
C LYS A 410 -26.14 -28.23 29.36
N ILE A 411 -25.42 -27.43 28.57
CA ILE A 411 -25.94 -26.10 28.19
C ILE A 411 -27.23 -26.25 27.39
N ALA A 412 -27.26 -27.19 26.44
CA ALA A 412 -28.46 -27.43 25.66
C ALA A 412 -29.62 -27.85 26.56
N LEU A 413 -29.34 -28.70 27.55
CA LEU A 413 -30.40 -29.10 28.48
C LEU A 413 -30.91 -27.93 29.30
N GLU A 414 -30.02 -27.04 29.74
CA GLU A 414 -30.47 -25.84 30.45
C GLU A 414 -31.42 -25.01 29.58
N PHE A 415 -30.98 -24.71 28.35
CA PHE A 415 -31.80 -23.86 27.49
C PHE A 415 -33.09 -24.56 27.08
N ASP A 416 -33.09 -25.89 27.10
CA ASP A 416 -34.29 -26.65 26.75
C ASP A 416 -35.30 -26.58 27.89
N LYS A 417 -34.82 -26.64 29.12
CA LYS A 417 -35.72 -26.60 30.26
C LYS A 417 -36.44 -25.26 30.31
N ASP A 418 -35.72 -24.19 30.04
CA ASP A 418 -36.30 -22.84 30.08
C ASP A 418 -36.88 -22.45 28.71
N ARG A 419 -37.38 -23.43 27.97
CA ARG A 419 -37.92 -23.15 26.64
C ARG A 419 -39.14 -22.24 26.78
N SER A 420 -39.25 -21.24 25.91
CA SER A 420 -40.37 -20.30 25.95
C SER A 420 -40.86 -19.99 27.37
N CYS B 43 -28.12 8.75 17.42
CA CYS B 43 -26.83 8.68 16.73
C CYS B 43 -26.44 7.24 16.43
N PHE B 44 -26.01 6.99 15.20
CA PHE B 44 -25.62 5.63 14.81
C PHE B 44 -24.18 5.35 15.16
N ALA B 45 -23.80 5.55 16.42
CA ALA B 45 -22.40 5.42 16.84
C ALA B 45 -21.74 4.06 16.60
N ARG B 46 -22.40 3.00 17.01
CA ARG B 46 -21.82 1.66 16.83
C ARG B 46 -21.60 1.40 15.36
N ALA B 47 -22.58 1.77 14.54
CA ALA B 47 -22.47 1.55 13.10
C ALA B 47 -21.34 2.36 12.55
N ILE B 48 -21.24 3.61 12.96
CA ILE B 48 -20.16 4.50 12.50
C ILE B 48 -18.80 3.88 12.81
N GLU B 49 -18.63 3.38 14.03
CA GLU B 49 -17.36 2.79 14.42
C GLU B 49 -17.04 1.55 13.59
N SER B 50 -18.06 0.71 13.38
CA SER B 50 -17.84 -0.51 12.62
C SER B 50 -17.42 -0.15 11.21
N SER B 51 -18.07 0.85 10.64
CA SER B 51 -17.76 1.28 9.28
C SER B 51 -16.34 1.84 9.18
N ARG B 52 -15.94 2.60 10.18
CA ARG B 52 -14.59 3.16 10.19
C ARG B 52 -13.60 2.01 10.23
N ASP B 53 -13.91 0.98 11.02
CA ASP B 53 -13.03 -0.18 11.04
C ASP B 53 -12.97 -0.81 9.65
N LEU B 54 -14.12 -0.99 9.00
CA LEU B 54 -14.16 -1.61 7.68
C LEU B 54 -13.40 -0.78 6.65
N LEU B 55 -13.54 0.55 6.72
CA LEU B 55 -12.78 1.42 5.83
C LEU B 55 -11.28 1.27 6.05
N HIS B 56 -10.86 1.22 7.31
CA HIS B 56 -9.44 1.01 7.60
C HIS B 56 -8.97 -0.33 7.06
N ARG B 57 -9.81 -1.36 7.19
CA ARG B 57 -9.47 -2.67 6.66
C ARG B 57 -9.20 -2.62 5.17
N ILE B 58 -10.13 -2.05 4.40
CA ILE B 58 -9.96 -2.03 2.95
C ILE B 58 -8.78 -1.13 2.56
N LYS B 59 -8.63 0.00 3.23
CA LYS B 59 -7.54 0.93 2.92
C LYS B 59 -6.19 0.28 3.17
N ASP B 60 -6.04 -0.46 4.27
CA ASP B 60 -4.79 -1.16 4.52
C ASP B 60 -4.59 -2.31 3.54
N GLU B 61 -5.65 -3.03 3.20
CA GLU B 61 -5.49 -4.18 2.30
C GLU B 61 -5.01 -3.75 0.92
N VAL B 62 -5.55 -2.64 0.40
CA VAL B 62 -5.12 -2.21 -0.93
C VAL B 62 -4.02 -1.16 -0.88
N GLY B 63 -3.74 -0.58 0.28
CA GLY B 63 -2.75 0.47 0.39
C GLY B 63 -3.16 1.76 -0.30
N ALA B 64 -4.44 2.11 -0.24
CA ALA B 64 -4.91 3.33 -0.85
C ALA B 64 -4.45 4.54 -0.04
N PRO B 65 -3.92 5.58 -0.67
CA PRO B 65 -3.51 6.78 0.09
C PRO B 65 -4.65 7.44 0.82
N GLY B 66 -5.86 7.44 0.26
CA GLY B 66 -6.98 8.11 0.90
C GLY B 66 -8.29 7.51 0.48
N ILE B 67 -9.29 7.68 1.34
CA ILE B 67 -10.63 7.16 1.12
C ILE B 67 -11.64 8.10 1.76
N VAL B 68 -12.79 8.24 1.10
CA VAL B 68 -13.86 9.11 1.56
C VAL B 68 -15.17 8.34 1.50
N VAL B 69 -15.95 8.42 2.58
CA VAL B 69 -17.21 7.70 2.70
C VAL B 69 -18.32 8.68 3.05
N GLY B 70 -19.50 8.43 2.50
CA GLY B 70 -20.71 9.14 2.87
C GLY B 70 -21.86 8.18 3.03
N VAL B 71 -22.50 8.20 4.19
CA VAL B 71 -23.62 7.32 4.52
C VAL B 71 -24.82 8.17 4.89
N SER B 72 -25.95 7.92 4.22
CA SER B 72 -27.20 8.63 4.43
C SER B 72 -28.29 7.64 4.80
N VAL B 73 -29.03 7.94 5.86
CA VAL B 73 -30.08 7.06 6.37
C VAL B 73 -31.40 7.82 6.30
N ASP B 74 -32.38 7.24 5.59
CA ASP B 74 -33.73 7.79 5.50
C ASP B 74 -33.72 9.23 4.98
N GLY B 75 -32.85 9.50 4.03
CA GLY B 75 -32.80 10.78 3.38
C GLY B 75 -32.02 11.86 4.10
N LYS B 76 -31.55 11.59 5.32
CA LYS B 76 -30.74 12.54 6.07
C LYS B 76 -29.31 12.02 6.10
N GLU B 77 -28.36 12.93 5.89
CA GLU B 77 -26.96 12.55 5.82
C GLU B 77 -26.41 12.35 7.22
N VAL B 78 -26.12 11.10 7.57
CA VAL B 78 -25.76 10.76 8.94
C VAL B 78 -24.26 10.62 9.16
N TRP B 79 -23.47 10.35 8.12
CA TRP B 79 -22.04 10.21 8.35
C TRP B 79 -21.28 10.59 7.09
N SER B 80 -20.14 11.25 7.28
CA SER B 80 -19.24 11.54 6.17
C SER B 80 -17.84 11.64 6.74
N GLU B 81 -16.92 10.83 6.21
CA GLU B 81 -15.59 10.73 6.77
C GLU B 81 -14.56 10.68 5.65
N GLY B 82 -13.35 11.15 5.97
CA GLY B 82 -12.23 11.03 5.07
C GLY B 82 -10.96 10.62 5.80
N LEU B 83 -10.35 9.54 5.38
CA LEU B 83 -9.09 9.07 5.95
C LEU B 83 -7.99 9.17 4.90
N GLY B 84 -6.79 9.51 5.34
CA GLY B 84 -5.66 9.57 4.45
C GLY B 84 -5.43 10.94 3.86
N TYR B 85 -4.80 10.94 2.69
CA TYR B 85 -4.37 12.16 2.00
C TYR B 85 -4.91 12.17 0.58
N ALA B 86 -5.53 13.28 0.19
CA ALA B 86 -5.96 13.45 -1.20
C ALA B 86 -4.78 13.79 -2.11
N ASP B 87 -3.85 14.62 -1.64
CA ASP B 87 -2.62 14.94 -2.36
C ASP B 87 -1.45 14.55 -1.46
N VAL B 88 -0.74 13.50 -1.86
CA VAL B 88 0.38 13.02 -1.05
C VAL B 88 1.54 14.01 -1.09
N GLU B 89 1.80 14.60 -2.26
CA GLU B 89 2.93 15.51 -2.40
C GLU B 89 2.76 16.75 -1.53
N ASN B 90 1.57 17.32 -1.51
CA ASN B 90 1.31 18.55 -0.77
C ASN B 90 0.69 18.30 0.60
N ARG B 91 0.55 17.04 1.01
CA ARG B 91 0.00 16.68 2.32
C ARG B 91 -1.38 17.28 2.53
N VAL B 92 -2.29 17.00 1.61
CA VAL B 92 -3.67 17.48 1.66
C VAL B 92 -4.54 16.33 2.16
N PRO B 93 -5.12 16.42 3.35
CA PRO B 93 -5.94 15.31 3.85
C PRO B 93 -7.23 15.14 3.07
N CYS B 94 -7.74 13.92 3.10
CA CYS B 94 -9.07 13.67 2.55
C CYS B 94 -10.14 14.20 3.48
N LYS B 95 -11.24 14.66 2.89
CA LYS B 95 -12.34 15.24 3.63
C LYS B 95 -13.60 15.05 2.82
N PRO B 96 -14.78 15.27 3.42
CA PRO B 96 -16.03 15.11 2.67
C PRO B 96 -16.12 15.97 1.42
N GLU B 97 -15.42 17.09 1.36
CA GLU B 97 -15.47 17.98 0.21
C GLU B 97 -14.55 17.56 -0.92
N THR B 98 -13.73 16.54 -0.72
CA THR B 98 -12.81 16.08 -1.77
C THR B 98 -13.58 15.57 -2.97
N VAL B 99 -13.18 16.00 -4.16
CA VAL B 99 -13.80 15.53 -5.40
C VAL B 99 -12.85 14.52 -6.04
N MET B 100 -13.41 13.40 -6.48
CA MET B 100 -12.62 12.33 -7.07
C MET B 100 -13.30 11.85 -8.34
N ARG B 101 -12.58 11.04 -9.10
CA ARG B 101 -13.14 10.47 -10.31
C ARG B 101 -14.19 9.41 -9.97
N ILE B 102 -15.39 9.58 -10.52
CA ILE B 102 -16.41 8.54 -10.52
C ILE B 102 -16.48 8.00 -11.94
N ALA B 103 -16.31 6.69 -12.10
CA ALA B 103 -16.15 6.12 -13.43
C ALA B 103 -17.48 5.65 -14.00
N SER B 104 -18.10 4.66 -13.36
CA SER B 104 -19.30 4.04 -13.92
C SER B 104 -20.58 4.56 -13.28
N ILE B 105 -20.49 5.38 -12.23
CA ILE B 105 -21.68 6.06 -11.72
C ILE B 105 -22.18 7.05 -12.77
N SER B 106 -21.29 7.55 -13.61
CA SER B 106 -21.69 8.42 -14.71
C SER B 106 -22.68 7.73 -15.63
N LYS B 107 -22.61 6.40 -15.73
CA LYS B 107 -23.57 5.66 -16.54
C LYS B 107 -24.98 5.77 -15.98
N SER B 108 -25.10 5.66 -14.65
CA SER B 108 -26.41 5.87 -14.03
C SER B 108 -26.89 7.30 -14.21
N LEU B 109 -25.96 8.26 -14.09
CA LEU B 109 -26.34 9.65 -14.30
C LEU B 109 -26.85 9.88 -15.72
N THR B 110 -26.23 9.24 -16.71
CA THR B 110 -26.70 9.35 -18.09
C THR B 110 -28.03 8.63 -18.28
N MET B 111 -28.22 7.50 -17.61
CA MET B 111 -29.50 6.80 -17.69
C MET B 111 -30.62 7.66 -17.13
N VAL B 112 -30.30 8.55 -16.19
CA VAL B 112 -31.32 9.49 -15.70
C VAL B 112 -31.79 10.39 -16.83
N ALA B 113 -30.85 10.91 -17.62
CA ALA B 113 -31.21 11.76 -18.76
C ALA B 113 -32.02 10.99 -19.79
N LEU B 114 -31.62 9.74 -20.05
CA LEU B 114 -32.38 8.92 -20.99
C LEU B 114 -33.79 8.67 -20.49
N ALA B 115 -33.95 8.46 -19.19
CA ALA B 115 -35.28 8.27 -18.61
C ALA B 115 -36.12 9.53 -18.76
N LYS B 116 -35.52 10.70 -18.53
CA LYS B 116 -36.26 11.95 -18.71
C LYS B 116 -36.70 12.13 -20.15
N LEU B 117 -35.82 11.82 -21.11
CA LEU B 117 -36.19 11.90 -22.51
C LEU B 117 -37.32 10.91 -22.84
N TRP B 118 -37.25 9.71 -22.25
CA TRP B 118 -38.32 8.74 -22.44
C TRP B 118 -39.65 9.26 -21.93
N GLU B 119 -39.65 9.84 -20.72
CA GLU B 119 -40.87 10.38 -20.14
C GLU B 119 -41.44 11.53 -20.95
N ALA B 120 -40.59 12.43 -21.44
CA ALA B 120 -41.06 13.53 -22.28
C ALA B 120 -41.50 13.08 -23.66
N GLY B 121 -41.26 11.81 -24.03
CA GLY B 121 -41.66 11.30 -25.32
C GLY B 121 -40.69 11.59 -26.44
N LYS B 122 -39.52 12.17 -26.16
CA LYS B 122 -38.59 12.52 -27.21
C LYS B 122 -37.70 11.36 -27.63
N LEU B 123 -37.66 10.27 -26.87
CA LEU B 123 -36.79 9.14 -27.15
C LEU B 123 -37.59 7.84 -27.17
N ASP B 124 -37.31 7.00 -28.16
CA ASP B 124 -37.90 5.68 -28.27
C ASP B 124 -36.82 4.63 -28.03
N LEU B 125 -37.07 3.73 -27.07
CA LEU B 125 -36.07 2.72 -26.74
C LEU B 125 -36.06 1.58 -27.74
N ASP B 126 -37.10 1.46 -28.56
CA ASP B 126 -37.20 0.35 -29.51
C ASP B 126 -36.75 0.71 -30.91
N ILE B 127 -36.74 1.98 -31.26
CA ILE B 127 -36.34 2.40 -32.61
C ILE B 127 -34.82 2.21 -32.75
N PRO B 128 -34.31 1.83 -33.92
CA PRO B 128 -32.86 1.74 -34.08
C PRO B 128 -32.20 3.11 -33.96
N VAL B 129 -30.94 3.09 -33.50
CA VAL B 129 -30.22 4.32 -33.22
C VAL B 129 -29.94 5.14 -34.46
N GLN B 130 -29.96 4.51 -35.65
CA GLN B 130 -29.66 5.24 -36.87
C GLN B 130 -30.69 6.32 -37.19
N HIS B 131 -31.88 6.24 -36.58
CA HIS B 131 -32.83 7.34 -36.69
C HIS B 131 -32.28 8.60 -36.05
N TYR B 132 -31.62 8.46 -34.91
CA TYR B 132 -31.10 9.62 -34.20
C TYR B 132 -29.70 9.99 -34.70
N VAL B 133 -28.84 9.00 -34.88
CA VAL B 133 -27.45 9.24 -35.28
C VAL B 133 -27.18 8.57 -36.62
N PRO B 134 -27.38 9.26 -37.75
CA PRO B 134 -27.02 8.66 -39.04
C PRO B 134 -25.53 8.42 -39.19
N GLU B 135 -24.70 9.10 -38.37
CA GLU B 135 -23.26 8.92 -38.45
C GLU B 135 -22.86 7.48 -38.13
N PHE B 136 -23.51 6.88 -37.15
CA PHE B 136 -23.26 5.48 -36.83
C PHE B 136 -23.79 4.62 -37.98
N PRO B 137 -22.93 3.85 -38.66
CA PRO B 137 -23.39 3.12 -39.84
C PRO B 137 -24.27 1.94 -39.46
N GLU B 138 -25.10 1.51 -40.42
CA GLU B 138 -25.85 0.28 -40.26
C GLU B 138 -24.88 -0.90 -40.19
N LYS B 139 -25.25 -1.94 -39.47
CA LYS B 139 -24.32 -3.05 -39.29
C LYS B 139 -24.90 -4.40 -39.62
N GLU B 140 -24.06 -5.28 -40.15
CA GLU B 140 -24.50 -6.64 -40.45
C GLU B 140 -23.62 -7.60 -39.69
N TYR B 141 -24.23 -8.49 -38.91
CA TYR B 141 -23.44 -9.49 -38.21
C TYR B 141 -23.53 -10.79 -38.97
N GLU B 142 -22.41 -11.23 -39.55
CA GLU B 142 -22.39 -12.47 -40.33
C GLU B 142 -23.39 -12.43 -41.47
N GLY B 143 -24.24 -13.45 -41.56
CA GLY B 143 -25.22 -13.52 -42.64
C GLY B 143 -26.28 -12.44 -42.72
N GLU B 144 -26.81 -12.00 -41.59
CA GLU B 144 -27.93 -11.04 -41.63
C GLU B 144 -27.67 -9.65 -41.07
N LYS B 145 -28.41 -8.66 -41.58
CA LYS B 145 -28.31 -7.30 -41.04
C LYS B 145 -28.91 -7.28 -39.65
N VAL B 146 -28.45 -6.36 -38.79
CA VAL B 146 -28.90 -6.38 -37.41
C VAL B 146 -29.29 -4.96 -37.02
N SER B 147 -30.12 -4.88 -35.98
CA SER B 147 -30.63 -3.61 -35.49
C SER B 147 -30.12 -3.35 -34.09
N VAL B 148 -29.52 -2.17 -33.88
CA VAL B 148 -29.04 -1.74 -32.59
C VAL B 148 -29.97 -0.65 -32.09
N THR B 149 -30.59 -0.87 -30.94
CA THR B 149 -31.57 0.04 -30.37
C THR B 149 -31.05 0.65 -29.09
N THR B 150 -31.78 1.66 -28.60
CA THR B 150 -31.36 2.36 -27.39
C THR B 150 -31.42 1.45 -26.17
N ARG B 151 -32.55 0.77 -25.98
CA ARG B 151 -32.71 -0.09 -24.80
C ARG B 151 -31.73 -1.25 -24.82
N LEU B 152 -31.54 -1.85 -26.00
CA LEU B 152 -30.63 -2.98 -26.11
C LEU B 152 -29.19 -2.56 -25.83
N LEU B 153 -28.87 -1.30 -26.15
CA LEU B 153 -27.52 -0.79 -25.95
C LEU B 153 -27.30 -0.23 -24.55
N ILE B 154 -28.38 0.11 -23.84
CA ILE B 154 -28.24 0.61 -22.47
C ILE B 154 -27.70 -0.47 -21.55
N SER B 155 -28.22 -1.69 -21.68
CA SER B 155 -27.85 -2.80 -20.82
C SER B 155 -26.66 -3.59 -21.34
N HIS B 156 -25.83 -2.98 -22.20
CA HIS B 156 -24.61 -3.58 -22.73
C HIS B 156 -24.87 -4.88 -23.47
N LEU B 157 -26.06 -5.03 -24.03
CA LEU B 157 -26.42 -6.26 -24.73
C LEU B 157 -26.12 -6.20 -26.22
N SER B 158 -25.64 -5.07 -26.72
CA SER B 158 -25.30 -4.94 -28.13
C SER B 158 -24.01 -5.70 -28.45
N GLY B 159 -23.59 -5.60 -29.70
CA GLY B 159 -22.38 -6.24 -30.16
C GLY B 159 -21.13 -5.41 -30.10
N ILE B 160 -21.17 -4.24 -29.46
CA ILE B 160 -19.99 -3.38 -29.40
C ILE B 160 -18.97 -4.01 -28.46
N ARG B 161 -17.76 -4.22 -28.97
CA ARG B 161 -16.73 -4.89 -28.20
C ARG B 161 -16.08 -3.96 -27.19
N HIS B 162 -15.43 -4.54 -26.20
CA HIS B 162 -14.88 -3.81 -25.07
C HIS B 162 -13.45 -3.42 -25.38
N TYR B 163 -13.25 -2.15 -25.72
CA TYR B 163 -11.92 -1.67 -26.08
C TYR B 163 -11.02 -1.53 -24.86
N GLY B 164 -11.61 -1.40 -23.69
CA GLY B 164 -10.85 -1.21 -22.47
C GLY B 164 -10.43 0.24 -22.31
N GLU B 165 -9.61 0.48 -21.30
CA GLU B 165 -9.14 1.83 -21.04
C GLU B 165 -8.01 2.18 -21.99
N LEU B 166 -8.16 3.30 -22.68
CA LEU B 166 -7.15 3.84 -23.59
C LEU B 166 -6.67 5.16 -23.04
N TYR B 167 -5.35 5.32 -22.93
CA TYR B 167 -4.76 6.53 -22.35
C TYR B 167 -4.69 7.60 -23.43
N LEU B 168 -5.86 8.08 -23.82
CA LEU B 168 -5.96 9.12 -24.84
C LEU B 168 -5.84 10.50 -24.20
N ARG B 169 -5.03 11.35 -24.82
CA ARG B 169 -4.81 12.71 -24.34
C ARG B 169 -5.38 13.76 -25.27
N GLU B 170 -6.09 13.34 -26.32
CA GLU B 170 -6.70 14.28 -27.25
C GLU B 170 -8.02 14.80 -26.72
N LYS B 171 -8.32 16.05 -27.07
CA LYS B 171 -9.54 16.72 -26.62
C LYS B 171 -10.59 16.65 -27.71
N PHE B 172 -11.79 16.24 -27.34
CA PHE B 172 -12.93 16.14 -28.25
C PHE B 172 -13.97 17.19 -27.87
N GLU B 173 -14.51 17.87 -28.89
CA GLU B 173 -15.45 18.96 -28.64
C GLU B 173 -16.89 18.44 -28.50
N ASN B 174 -17.30 17.57 -29.40
CA ASN B 174 -18.66 17.04 -29.41
C ASN B 174 -18.63 15.52 -29.49
N SER B 175 -19.74 14.90 -29.08
CA SER B 175 -19.83 13.45 -29.05
C SER B 175 -19.75 12.83 -30.45
N ILE B 176 -20.12 13.57 -31.48
CA ILE B 176 -20.05 13.04 -32.83
C ILE B 176 -18.62 12.74 -33.23
N GLU B 177 -17.69 13.64 -32.91
CA GLU B 177 -16.29 13.37 -33.22
C GLU B 177 -15.69 12.36 -32.24
N SER B 178 -16.29 12.20 -31.06
CA SER B 178 -15.92 11.10 -30.19
C SER B 178 -16.36 9.76 -30.76
N LEU B 179 -17.40 9.76 -31.61
CA LEU B 179 -17.90 8.53 -32.20
C LEU B 179 -16.92 7.91 -33.20
N ARG B 180 -15.89 8.64 -33.62
CA ARG B 180 -14.99 8.14 -34.65
C ARG B 180 -14.07 7.03 -34.14
N LEU B 181 -14.02 6.79 -32.83
CA LEU B 181 -13.10 5.79 -32.30
C LEU B 181 -13.56 4.37 -32.59
N PHE B 182 -14.86 4.15 -32.73
CA PHE B 182 -15.37 2.80 -32.87
C PHE B 182 -16.50 2.66 -33.89
N LYS B 183 -16.81 3.71 -34.64
CA LYS B 183 -17.93 3.64 -35.57
C LYS B 183 -17.65 2.67 -36.71
N ASN B 184 -16.40 2.62 -37.18
CA ASN B 184 -16.08 1.77 -38.32
C ASN B 184 -15.98 0.30 -37.94
N ASP B 185 -15.64 0.03 -36.68
CA ASP B 185 -15.39 -1.35 -36.27
C ASP B 185 -16.69 -2.15 -36.26
N PRO B 186 -16.66 -3.43 -36.59
CA PRO B 186 -17.87 -4.24 -36.61
C PRO B 186 -18.26 -4.72 -35.21
N LEU B 187 -19.37 -5.45 -35.16
CA LEU B 187 -19.86 -5.98 -33.89
C LEU B 187 -19.13 -7.25 -33.51
N PHE B 188 -18.86 -7.40 -32.21
CA PHE B 188 -18.17 -8.59 -31.73
C PHE B 188 -19.15 -9.76 -31.59
N PHE B 189 -20.39 -9.47 -31.19
CA PHE B 189 -21.44 -10.47 -31.07
C PHE B 189 -22.68 -10.01 -31.81
N LYS B 190 -23.62 -10.93 -31.98
CA LYS B 190 -24.94 -10.58 -32.47
C LYS B 190 -25.71 -9.82 -31.40
N PRO B 191 -26.24 -8.64 -31.70
CA PRO B 191 -26.92 -7.85 -30.68
C PRO B 191 -28.11 -8.59 -30.09
N GLY B 192 -28.29 -8.48 -28.78
CA GLY B 192 -29.36 -9.13 -28.07
C GLY B 192 -29.10 -10.57 -27.70
N SER B 193 -27.92 -11.12 -28.01
CA SER B 193 -27.63 -12.52 -27.77
C SER B 193 -26.59 -12.76 -26.70
N GLN B 194 -25.81 -11.74 -26.34
CA GLN B 194 -24.72 -11.93 -25.39
C GLN B 194 -24.43 -10.63 -24.67
N PHE B 195 -24.15 -10.72 -23.37
CA PHE B 195 -23.82 -9.56 -22.56
C PHE B 195 -22.32 -9.31 -22.61
N LEU B 196 -21.95 -8.05 -22.81
CA LEU B 196 -20.55 -7.65 -22.85
C LEU B 196 -20.47 -6.22 -22.36
N TYR B 197 -19.82 -6.01 -21.22
CA TYR B 197 -19.71 -4.68 -20.66
C TYR B 197 -18.91 -3.78 -21.60
N SER B 198 -19.42 -2.58 -21.86
CA SER B 198 -18.78 -1.67 -22.79
C SER B 198 -18.98 -0.25 -22.32
N THR B 199 -18.02 0.62 -22.65
CA THR B 199 -18.08 2.02 -22.30
C THR B 199 -18.42 2.90 -23.50
N PHE B 200 -17.98 2.54 -24.70
CA PHE B 200 -18.29 3.32 -25.89
C PHE B 200 -19.75 3.24 -26.26
N GLY B 201 -20.45 2.20 -25.81
CA GLY B 201 -21.90 2.20 -25.94
C GLY B 201 -22.51 3.42 -25.28
N TYR B 202 -21.95 3.86 -24.15
CA TYR B 202 -22.51 5.01 -23.48
C TYR B 202 -22.13 6.34 -24.12
N THR B 203 -21.02 6.42 -24.86
CA THR B 203 -20.79 7.63 -25.63
C THR B 203 -21.70 7.67 -26.86
N LEU B 204 -22.04 6.50 -27.40
CA LEU B 204 -23.11 6.46 -28.39
C LEU B 204 -24.43 6.90 -27.78
N LEU B 205 -24.68 6.51 -26.53
CA LEU B 205 -25.87 6.99 -25.82
C LEU B 205 -25.84 8.50 -25.63
N ALA B 206 -24.67 9.07 -25.36
CA ALA B 206 -24.54 10.51 -25.25
C ALA B 206 -24.86 11.20 -26.57
N ALA B 207 -24.39 10.63 -27.68
CA ALA B 207 -24.75 11.17 -28.99
C ALA B 207 -26.26 11.08 -29.20
N ILE B 208 -26.87 9.98 -28.77
CA ILE B 208 -28.32 9.83 -28.88
C ILE B 208 -29.03 10.89 -28.06
N VAL B 209 -28.52 11.17 -26.85
CA VAL B 209 -29.13 12.19 -26.00
C VAL B 209 -29.06 13.55 -26.67
N GLU B 210 -27.90 13.89 -27.24
CA GLU B 210 -27.78 15.16 -27.96
C GLU B 210 -28.77 15.23 -29.11
N ARG B 211 -28.87 14.16 -29.90
CA ARG B 211 -29.75 14.17 -31.06
C ARG B 211 -31.22 14.29 -30.65
N ALA B 212 -31.62 13.58 -29.60
CA ALA B 212 -33.02 13.53 -29.22
C ALA B 212 -33.46 14.80 -28.50
N SER B 213 -32.69 15.22 -27.49
CA SER B 213 -33.06 16.41 -26.73
C SER B 213 -32.90 17.69 -27.53
N GLY B 214 -32.02 17.70 -28.54
CA GLY B 214 -31.76 18.89 -29.31
C GLY B 214 -30.80 19.87 -28.69
N CYS B 215 -30.22 19.53 -27.53
CA CYS B 215 -29.24 20.38 -26.86
C CYS B 215 -27.97 19.58 -26.60
N LYS B 216 -26.93 20.27 -26.17
CA LYS B 216 -25.66 19.62 -25.89
C LYS B 216 -25.79 18.71 -24.68
N TYR B 217 -25.07 17.58 -24.72
CA TYR B 217 -25.16 16.60 -23.65
C TYR B 217 -24.71 17.18 -22.32
N LEU B 218 -23.62 17.95 -22.33
CA LEU B 218 -23.11 18.53 -21.09
C LEU B 218 -24.11 19.49 -20.48
N ASP B 219 -24.79 20.28 -21.31
CA ASP B 219 -25.78 21.23 -20.79
C ASP B 219 -26.97 20.50 -20.18
N TYR B 220 -27.44 19.43 -20.83
CA TYR B 220 -28.54 18.65 -20.28
C TYR B 220 -28.16 18.02 -18.94
N MET B 221 -26.95 17.46 -18.86
CA MET B 221 -26.52 16.87 -17.61
C MET B 221 -26.31 17.93 -16.52
N GLN B 222 -25.85 19.12 -16.90
CA GLN B 222 -25.75 20.21 -15.93
C GLN B 222 -27.11 20.60 -15.39
N LYS B 223 -28.11 20.67 -16.28
CA LYS B 223 -29.47 20.95 -15.84
C LYS B 223 -29.96 19.89 -14.86
N ILE B 224 -29.71 18.62 -15.16
CA ILE B 224 -30.12 17.55 -14.26
C ILE B 224 -29.43 17.66 -12.91
N PHE B 225 -28.11 17.91 -12.93
CA PHE B 225 -27.37 18.05 -11.67
C PHE B 225 -27.91 19.20 -10.85
N HIS B 226 -28.23 20.32 -11.49
CA HIS B 226 -28.79 21.46 -10.77
C HIS B 226 -30.15 21.11 -10.18
N ASP B 227 -30.97 20.36 -10.91
CA ASP B 227 -32.27 19.96 -10.39
C ASP B 227 -32.13 19.06 -9.17
N LEU B 228 -31.17 18.13 -9.20
CA LEU B 228 -31.01 17.20 -8.09
C LEU B 228 -30.16 17.74 -6.96
N ASP B 229 -29.73 19.00 -7.04
CA ASP B 229 -28.93 19.70 -6.04
C ASP B 229 -27.51 19.15 -5.95
N MET B 230 -27.05 18.39 -6.93
CA MET B 230 -25.66 17.98 -6.99
C MET B 230 -24.82 19.14 -7.49
N LEU B 231 -24.45 20.04 -6.59
CA LEU B 231 -23.83 21.31 -6.97
C LEU B 231 -22.35 21.18 -7.27
N THR B 232 -21.75 20.02 -7.04
CA THR B 232 -20.31 19.84 -7.22
C THR B 232 -19.98 18.94 -8.41
N THR B 233 -20.87 18.03 -8.79
CA THR B 233 -20.60 17.15 -9.92
C THR B 233 -20.34 17.96 -11.18
N VAL B 234 -19.30 17.59 -11.91
CA VAL B 234 -18.88 18.31 -13.11
C VAL B 234 -17.99 17.39 -13.94
N GLN B 235 -17.91 17.69 -15.23
CA GLN B 235 -17.07 16.90 -16.12
C GLN B 235 -15.60 17.09 -15.77
N GLU B 236 -14.80 16.07 -16.04
CA GLU B 236 -13.40 16.04 -15.68
C GLU B 236 -12.58 16.66 -16.80
N GLU B 237 -12.08 17.87 -16.57
CA GLU B 237 -11.23 18.55 -17.53
C GLU B 237 -10.16 19.34 -16.79
N ASN B 238 -9.08 19.65 -17.49
CA ASN B 238 -7.87 20.18 -16.87
C ASN B 238 -7.88 21.69 -16.72
N GLU B 239 -8.36 22.42 -17.73
CA GLU B 239 -8.21 23.87 -17.74
C GLU B 239 -8.91 24.58 -16.59
N PRO B 240 -10.18 24.34 -16.29
CA PRO B 240 -10.84 25.13 -15.25
C PRO B 240 -10.28 24.82 -13.86
N VAL B 241 -10.47 25.78 -12.96
CA VAL B 241 -10.07 25.63 -11.57
C VAL B 241 -11.20 24.93 -10.83
N ILE B 242 -11.00 23.66 -10.49
CA ILE B 242 -11.96 22.86 -9.74
C ILE B 242 -11.41 22.72 -8.33
N TYR B 243 -12.11 23.29 -7.36
CA TYR B 243 -11.59 23.31 -6.00
C TYR B 243 -11.69 21.93 -5.36
N ASN B 244 -10.75 21.66 -4.46
CA ASN B 244 -10.66 20.39 -3.74
C ASN B 244 -10.51 19.20 -4.69
N ARG B 245 -9.82 19.42 -5.79
CA ARG B 245 -9.53 18.34 -6.73
C ARG B 245 -8.45 17.44 -6.15
N ALA B 246 -8.72 16.13 -6.14
CA ALA B 246 -7.80 15.17 -5.56
C ALA B 246 -6.77 14.73 -6.60
N ARG B 247 -5.81 13.92 -6.16
CA ARG B 247 -4.81 13.33 -7.02
C ARG B 247 -4.93 11.82 -6.96
N PHE B 248 -4.64 11.17 -8.08
CA PHE B 248 -4.89 9.74 -8.25
C PHE B 248 -3.59 9.02 -8.49
N TYR B 249 -3.34 7.97 -7.71
CA TYR B 249 -2.06 7.31 -7.63
C TYR B 249 -2.19 5.84 -8.02
N VAL B 250 -1.03 5.20 -8.23
CA VAL B 250 -0.97 3.78 -8.53
C VAL B 250 0.35 3.25 -7.97
N TYR B 251 0.58 1.94 -8.07
CA TYR B 251 1.84 1.33 -7.67
C TYR B 251 2.59 0.87 -8.91
N ASN B 252 3.91 1.08 -8.91
CA ASN B 252 4.73 0.70 -10.04
C ASN B 252 5.32 -0.70 -9.84
N LYS B 253 6.22 -1.10 -10.73
CA LYS B 253 6.82 -2.43 -10.65
C LYS B 253 7.72 -2.59 -9.44
N LYS B 254 8.20 -1.50 -8.85
CA LYS B 254 9.04 -1.54 -7.66
C LYS B 254 8.23 -1.43 -6.38
N LYS B 255 6.91 -1.54 -6.46
CA LYS B 255 6.02 -1.47 -5.30
C LYS B 255 6.15 -0.14 -4.57
N ARG B 256 6.23 0.95 -5.33
CA ARG B 256 6.24 2.30 -4.78
C ARG B 256 5.06 3.08 -5.35
N LEU B 257 4.57 4.03 -4.56
CA LEU B 257 3.44 4.84 -4.98
C LEU B 257 3.90 5.92 -5.95
N VAL B 258 3.25 5.99 -7.11
CA VAL B 258 3.59 6.96 -8.15
C VAL B 258 2.30 7.56 -8.69
N ASN B 259 2.46 8.65 -9.44
CA ASN B 259 1.32 9.32 -10.05
C ASN B 259 0.88 8.60 -11.32
N THR B 260 -0.43 8.58 -11.54
CA THR B 260 -0.96 8.00 -12.76
C THR B 260 -0.67 8.92 -13.94
N PRO B 261 -0.53 8.37 -15.14
CA PRO B 261 -0.26 9.20 -16.31
C PRO B 261 -1.44 10.14 -16.59
N TYR B 262 -1.12 11.30 -17.14
CA TYR B 262 -2.15 12.26 -17.51
C TYR B 262 -3.04 11.68 -18.61
N VAL B 263 -4.36 11.79 -18.40
CA VAL B 263 -5.34 11.30 -19.36
C VAL B 263 -6.39 12.38 -19.57
N ASP B 264 -7.02 12.33 -20.74
CA ASP B 264 -8.14 13.19 -21.08
C ASP B 264 -9.36 12.31 -21.33
N ASN B 265 -10.43 12.55 -20.57
CA ASN B 265 -11.62 11.72 -20.61
C ASN B 265 -12.76 12.35 -21.41
N SER B 266 -12.44 13.11 -22.45
CA SER B 266 -13.47 13.75 -23.25
C SER B 266 -14.19 12.74 -24.14
N TYR B 267 -13.50 11.69 -24.59
CA TYR B 267 -14.12 10.74 -25.50
C TYR B 267 -15.14 9.84 -24.80
N LYS B 268 -15.18 9.81 -23.47
CA LYS B 268 -16.23 9.11 -22.74
C LYS B 268 -16.72 10.03 -21.62
N TRP B 269 -17.65 10.92 -21.95
CA TRP B 269 -18.22 11.78 -20.91
C TRP B 269 -19.28 11.00 -20.19
N ALA B 270 -20.10 10.28 -20.95
CA ALA B 270 -21.21 9.52 -20.36
C ALA B 270 -20.76 8.46 -19.39
N GLY B 271 -19.66 7.78 -19.68
CA GLY B 271 -19.13 6.82 -18.73
C GLY B 271 -17.67 7.18 -18.47
N GLY B 272 -17.33 7.48 -17.22
CA GLY B 272 -15.95 7.79 -16.86
C GLY B 272 -15.54 9.24 -16.96
N GLY B 273 -16.49 10.12 -17.28
CA GLY B 273 -16.17 11.52 -17.47
C GLY B 273 -16.51 12.52 -16.40
N PHE B 274 -16.90 12.08 -15.21
CA PHE B 274 -17.36 13.03 -14.20
C PHE B 274 -16.64 13.00 -12.86
N LEU B 275 -16.65 14.13 -12.14
CA LEU B 275 -16.04 14.21 -10.82
C LEU B 275 -17.13 14.64 -9.86
N SER B 276 -17.13 14.14 -8.64
CA SER B 276 -18.11 14.55 -7.64
C SER B 276 -17.63 14.16 -6.26
N THR B 277 -18.33 14.67 -5.26
CA THR B 277 -18.10 14.31 -3.87
C THR B 277 -19.03 13.16 -3.47
N VAL B 278 -18.84 12.66 -2.24
CA VAL B 278 -19.74 11.64 -1.72
C VAL B 278 -21.10 12.25 -1.39
N GLY B 279 -21.12 13.52 -0.97
CA GLY B 279 -22.37 14.18 -0.66
C GLY B 279 -23.29 14.33 -1.84
N ASP B 280 -22.75 14.45 -3.05
CA ASP B 280 -23.55 14.53 -4.26
C ASP B 280 -24.10 13.17 -4.67
N LEU B 281 -23.29 12.12 -4.53
CA LEU B 281 -23.80 10.78 -4.79
C LEU B 281 -24.88 10.40 -3.80
N LEU B 282 -24.77 10.85 -2.55
CA LEU B 282 -25.83 10.62 -1.58
C LEU B 282 -27.13 11.29 -2.02
N LYS B 283 -27.05 12.52 -2.49
CA LYS B 283 -28.25 13.21 -2.97
C LYS B 283 -28.86 12.50 -4.17
N PHE B 284 -28.00 12.05 -5.10
CA PHE B 284 -28.49 11.31 -6.27
C PHE B 284 -29.21 10.03 -5.84
N GLY B 285 -28.61 9.28 -4.92
CA GLY B 285 -29.23 8.05 -4.45
C GLY B 285 -30.53 8.29 -3.71
N ASN B 286 -30.57 9.35 -2.90
CA ASN B 286 -31.80 9.69 -2.19
C ASN B 286 -32.91 10.05 -3.17
N ALA B 287 -32.59 10.81 -4.21
CA ALA B 287 -33.60 11.15 -5.21
C ALA B 287 -34.12 9.90 -5.90
N MET B 288 -33.21 9.00 -6.29
CA MET B 288 -33.65 7.77 -6.95
C MET B 288 -34.54 6.92 -6.03
N LEU B 289 -34.14 6.80 -4.76
CA LEU B 289 -34.93 5.99 -3.83
C LEU B 289 -36.31 6.60 -3.59
N TYR B 290 -36.38 7.93 -3.44
CA TYR B 290 -37.66 8.58 -3.25
C TYR B 290 -38.56 8.38 -4.46
N GLY B 291 -38.00 8.53 -5.66
CA GLY B 291 -38.78 8.26 -6.86
C GLY B 291 -39.24 6.81 -6.94
N TYR B 292 -38.44 5.89 -6.39
CA TYR B 292 -38.80 4.48 -6.41
C TYR B 292 -39.92 4.16 -5.42
N GLN B 293 -39.95 4.83 -4.28
CA GLN B 293 -40.93 4.49 -3.23
C GLN B 293 -42.15 5.41 -3.08
N VAL B 294 -42.19 6.51 -3.80
CA VAL B 294 -43.29 7.46 -3.63
C VAL B 294 -44.63 6.83 -3.99
N GLY B 295 -44.68 6.02 -5.04
CA GLY B 295 -45.91 5.38 -5.44
C GLY B 295 -46.46 4.42 -4.40
N LEU B 296 -45.59 3.65 -3.77
CA LEU B 296 -46.02 2.74 -2.71
C LEU B 296 -46.59 3.51 -1.53
N PHE B 297 -45.95 4.61 -1.16
CA PHE B 297 -46.39 5.39 0.00
C PHE B 297 -47.61 6.25 -0.28
N LYS B 298 -48.19 6.13 -1.48
CA LYS B 298 -49.35 6.95 -1.84
C LYS B 298 -50.58 6.55 -1.02
N ASN B 299 -51.54 7.47 -0.88
CA ASN B 299 -52.80 7.22 -0.14
C ASN B 299 -52.64 7.39 1.36
N SER B 300 -51.40 7.58 1.80
CA SER B 300 -51.15 7.82 3.21
C SER B 300 -50.40 9.12 3.24
N ASN B 301 -50.89 10.10 4.01
CA ASN B 301 -50.27 11.42 4.03
C ASN B 301 -49.83 11.78 2.62
N GLU B 302 -50.76 11.70 1.66
CA GLU B 302 -50.43 11.95 0.25
C GLU B 302 -50.16 13.40 -0.09
N ASN B 303 -49.44 14.10 0.79
CA ASN B 303 -49.03 15.46 0.47
C ASN B 303 -47.68 15.29 -0.17
N LEU B 304 -47.24 14.04 -0.28
CA LEU B 304 -45.94 13.73 -0.85
C LEU B 304 -45.62 14.40 -2.17
N LEU B 305 -44.46 15.03 -2.26
CA LEU B 305 -44.03 15.63 -3.51
C LEU B 305 -43.76 14.54 -4.57
N PRO B 306 -43.95 14.84 -5.88
CA PRO B 306 -43.67 13.74 -6.82
C PRO B 306 -42.18 13.48 -6.92
N GLY B 307 -41.85 12.25 -7.30
CA GLY B 307 -40.47 11.90 -7.54
C GLY B 307 -39.95 12.55 -8.80
N TYR B 308 -38.63 12.53 -8.97
CA TYR B 308 -38.03 13.13 -10.15
C TYR B 308 -38.42 12.30 -11.36
N LEU B 309 -38.51 11.00 -11.19
CA LEU B 309 -38.90 10.12 -12.29
C LEU B 309 -40.14 9.34 -11.91
N LYS B 310 -41.06 9.16 -12.85
CA LYS B 310 -42.30 8.43 -12.58
C LYS B 310 -42.11 7.06 -11.92
N PRO B 311 -43.11 6.59 -11.10
CA PRO B 311 -42.82 5.30 -10.45
C PRO B 311 -42.62 4.16 -11.44
N GLU B 312 -43.33 4.17 -12.57
CA GLU B 312 -43.11 3.15 -13.58
C GLU B 312 -41.71 3.25 -14.17
N THR B 313 -41.22 4.47 -14.37
CA THR B 313 -39.87 4.65 -14.91
C THR B 313 -38.82 4.10 -13.95
N MET B 314 -38.95 4.41 -12.66
CA MET B 314 -38.02 3.87 -11.68
C MET B 314 -38.11 2.36 -11.59
N VAL B 315 -39.32 1.81 -11.63
CA VAL B 315 -39.50 0.37 -11.56
C VAL B 315 -38.77 -0.30 -12.73
N MET B 316 -39.02 0.17 -13.95
CA MET B 316 -38.35 -0.45 -15.11
C MET B 316 -36.86 -0.20 -15.06
N MET B 317 -36.43 0.91 -14.43
CA MET B 317 -35.01 1.16 -14.23
C MET B 317 -34.35 0.11 -13.34
N TRP B 318 -35.03 -0.33 -12.28
CA TRP B 318 -34.43 -1.27 -11.34
C TRP B 318 -34.98 -2.69 -11.48
N THR B 319 -35.34 -3.11 -12.69
CA THR B 319 -35.65 -4.50 -12.96
C THR B 319 -34.49 -5.17 -13.67
N PRO B 320 -33.95 -6.26 -13.13
CA PRO B 320 -32.87 -6.97 -13.81
C PRO B 320 -33.34 -7.54 -15.15
N VAL B 321 -32.43 -7.58 -16.11
CA VAL B 321 -32.73 -8.16 -17.42
C VAL B 321 -32.06 -9.53 -17.51
N PRO B 322 -32.65 -10.49 -18.22
CA PRO B 322 -32.04 -11.82 -18.31
C PRO B 322 -30.83 -11.81 -19.26
N ASN B 323 -30.12 -12.94 -19.27
CA ASN B 323 -28.94 -13.14 -20.10
C ASN B 323 -27.92 -12.03 -19.87
N THR B 324 -27.75 -11.65 -18.61
CA THR B 324 -26.94 -10.51 -18.24
C THR B 324 -26.37 -10.76 -16.85
N GLU B 325 -25.13 -10.33 -16.63
CA GLU B 325 -24.45 -10.58 -15.37
C GLU B 325 -23.96 -9.28 -14.75
N MET B 326 -23.78 -9.34 -13.43
CA MET B 326 -23.31 -8.21 -12.62
C MET B 326 -21.99 -8.61 -11.99
N SER B 327 -20.90 -7.96 -12.43
CA SER B 327 -19.56 -8.46 -12.11
C SER B 327 -19.27 -8.40 -10.62
N TRP B 328 -19.68 -7.32 -9.95
CA TRP B 328 -19.22 -7.10 -8.58
C TRP B 328 -20.09 -7.83 -7.57
N ASP B 329 -21.13 -8.53 -8.02
CA ASP B 329 -21.92 -9.41 -7.17
C ASP B 329 -22.50 -10.53 -8.01
N LYS B 330 -22.08 -11.77 -7.73
CA LYS B 330 -22.54 -12.90 -8.54
C LYS B 330 -24.03 -13.17 -8.32
N GLU B 331 -24.56 -12.79 -7.17
CA GLU B 331 -25.98 -13.01 -6.89
C GLU B 331 -26.89 -12.13 -7.74
N GLY B 332 -26.42 -10.97 -8.20
CA GLY B 332 -27.27 -10.01 -8.86
C GLY B 332 -27.13 -10.01 -10.37
N LYS B 333 -28.00 -9.26 -11.04
CA LYS B 333 -27.93 -9.15 -12.49
C LYS B 333 -27.76 -7.68 -12.79
N TYR B 334 -27.66 -7.33 -14.05
CA TYR B 334 -27.44 -5.93 -14.42
C TYR B 334 -28.68 -5.25 -14.98
N ALA B 335 -29.33 -4.41 -14.18
CA ALA B 335 -30.48 -3.63 -14.64
C ALA B 335 -29.92 -2.46 -15.42
N MET B 336 -30.78 -1.68 -16.06
CA MET B 336 -30.22 -0.62 -16.89
C MET B 336 -29.36 0.30 -16.03
N ALA B 337 -28.09 0.42 -16.38
CA ALA B 337 -27.15 1.29 -15.65
C ALA B 337 -27.09 1.05 -14.14
N TRP B 338 -27.28 -0.20 -13.71
CA TRP B 338 -27.31 -0.49 -12.27
C TRP B 338 -27.06 -1.97 -12.02
N GLY B 339 -26.69 -2.33 -10.81
CA GLY B 339 -26.52 -3.74 -10.46
C GLY B 339 -27.60 -4.02 -9.45
N VAL B 340 -28.53 -4.94 -9.77
CA VAL B 340 -29.67 -5.15 -8.89
C VAL B 340 -29.61 -6.58 -8.33
N VAL B 341 -29.76 -6.69 -7.02
CA VAL B 341 -29.90 -7.97 -6.34
C VAL B 341 -31.29 -8.04 -5.73
N GLU B 342 -32.07 -9.02 -6.17
CA GLU B 342 -33.46 -9.17 -5.75
C GLU B 342 -33.53 -9.97 -4.45
N ARG B 343 -34.72 -10.00 -3.86
CA ARG B 343 -34.99 -10.73 -2.64
C ARG B 343 -35.43 -12.15 -2.97
N LYS B 344 -34.76 -13.14 -2.39
CA LYS B 344 -35.16 -14.53 -2.61
C LYS B 344 -34.59 -15.44 -1.52
N GLN B 345 -35.39 -16.41 -1.08
CA GLN B 345 -34.95 -17.44 -0.15
C GLN B 345 -35.39 -18.78 -0.72
N THR B 346 -34.44 -19.55 -1.24
CA THR B 346 -34.77 -20.84 -1.85
C THR B 346 -35.04 -21.90 -0.79
N TYR B 347 -34.27 -21.90 0.29
CA TYR B 347 -34.42 -22.93 1.31
C TYR B 347 -34.61 -22.37 2.71
N GLY B 348 -35.36 -23.08 3.55
CA GLY B 348 -35.56 -22.64 4.92
C GLY B 348 -34.30 -22.72 5.74
N SER B 349 -34.12 -21.78 6.67
CA SER B 349 -32.91 -21.72 7.51
C SER B 349 -31.66 -21.65 6.65
N CYS B 350 -31.72 -20.89 5.56
CA CYS B 350 -30.59 -20.77 4.65
C CYS B 350 -30.53 -19.31 4.24
N ARG B 351 -29.49 -18.91 3.52
CA ARG B 351 -29.32 -17.50 3.20
C ARG B 351 -30.51 -16.90 2.49
N LYS B 352 -30.93 -15.73 2.94
CA LYS B 352 -32.02 -15.04 2.29
C LYS B 352 -31.41 -13.82 1.65
N GLN B 353 -31.63 -13.64 0.35
CA GLN B 353 -31.01 -12.52 -0.34
C GLN B 353 -31.70 -11.20 -0.08
N ARG B 354 -30.93 -10.17 0.24
CA ARG B 354 -31.46 -8.84 0.46
C ARG B 354 -31.41 -8.04 -0.83
N HIS B 355 -32.46 -7.26 -1.07
CA HIS B 355 -32.60 -6.50 -2.31
C HIS B 355 -31.85 -5.18 -2.21
N TYR B 356 -31.00 -4.89 -3.18
CA TYR B 356 -30.29 -3.63 -3.21
C TYR B 356 -29.84 -3.34 -4.65
N ALA B 357 -29.52 -2.08 -4.90
CA ALA B 357 -29.07 -1.65 -6.22
C ALA B 357 -27.80 -0.81 -6.07
N SER B 358 -26.74 -1.22 -6.74
CA SER B 358 -25.46 -0.55 -6.60
C SER B 358 -24.85 -0.29 -7.97
N HIS B 359 -23.68 0.34 -7.95
CA HIS B 359 -22.85 0.46 -9.15
C HIS B 359 -21.45 0.88 -8.71
N THR B 360 -20.45 0.16 -9.21
CA THR B 360 -19.05 0.42 -8.90
C THR B 360 -18.33 0.86 -10.17
N GLY B 361 -17.33 1.71 -10.00
CA GLY B 361 -16.59 2.22 -11.13
C GLY B 361 -15.11 2.25 -10.84
N GLY B 362 -14.33 1.93 -11.85
CA GLY B 362 -12.88 2.02 -11.76
C GLY B 362 -12.28 2.86 -12.84
N ALA B 363 -11.72 4.00 -12.48
CA ALA B 363 -11.06 4.90 -13.40
C ALA B 363 -9.56 4.90 -13.13
N VAL B 364 -8.83 5.61 -13.99
CA VAL B 364 -7.37 5.61 -13.89
C VAL B 364 -6.98 6.23 -12.56
N GLY B 365 -6.44 5.40 -11.66
CA GLY B 365 -6.03 5.85 -10.36
C GLY B 365 -7.14 6.09 -9.37
N ALA B 366 -8.37 5.63 -9.65
CA ALA B 366 -9.46 5.87 -8.72
C ALA B 366 -10.46 4.73 -8.77
N SER B 367 -11.13 4.52 -7.63
CA SER B 367 -12.20 3.54 -7.51
C SER B 367 -13.35 4.16 -6.74
N SER B 368 -14.56 3.75 -7.06
CA SER B 368 -15.74 4.32 -6.42
C SER B 368 -16.87 3.31 -6.42
N VAL B 369 -17.82 3.52 -5.52
CA VAL B 369 -19.04 2.72 -5.45
C VAL B 369 -20.16 3.57 -4.90
N LEU B 370 -21.37 3.36 -5.42
CA LEU B 370 -22.59 3.95 -4.90
C LEU B 370 -23.62 2.86 -4.75
N LEU B 371 -24.16 2.70 -3.54
CA LEU B 371 -25.03 1.59 -3.20
C LEU B 371 -26.28 2.11 -2.51
N VAL B 372 -27.43 1.55 -2.88
CA VAL B 372 -28.73 1.88 -2.31
C VAL B 372 -29.33 0.60 -1.74
N LEU B 373 -29.69 0.62 -0.47
CA LEU B 373 -30.32 -0.50 0.21
C LEU B 373 -31.67 -0.04 0.72
N PRO B 374 -32.76 -0.31 0.02
CA PRO B 374 -34.09 0.00 0.55
C PRO B 374 -34.45 -0.94 1.69
N GLU B 375 -35.32 -0.45 2.57
CA GLU B 375 -35.84 -1.26 3.66
C GLU B 375 -37.19 -1.84 3.27
N GLU B 376 -37.50 -3.00 3.85
CA GLU B 376 -38.77 -3.65 3.59
C GLU B 376 -39.92 -2.81 4.15
N LEU B 377 -40.99 -2.68 3.36
CA LEU B 377 -42.11 -1.81 3.69
C LEU B 377 -43.20 -2.64 4.36
N ASP B 378 -43.30 -2.52 5.69
CA ASP B 378 -44.41 -3.08 6.42
C ASP B 378 -45.60 -2.12 6.34
N THR B 379 -46.75 -2.58 6.83
CA THR B 379 -47.94 -1.73 6.80
C THR B 379 -47.77 -0.50 7.69
N GLU B 380 -47.14 -0.68 8.86
CA GLU B 380 -46.99 0.44 9.78
C GLU B 380 -46.15 1.56 9.18
N THR B 381 -45.05 1.21 8.52
CA THR B 381 -44.15 2.24 8.00
C THR B 381 -44.76 2.95 6.80
N ILE B 382 -45.55 2.25 5.98
CA ILE B 382 -46.27 2.91 4.90
C ILE B 382 -47.36 3.81 5.46
N ASN B 383 -47.98 3.39 6.56
CA ASN B 383 -49.08 4.18 7.13
C ASN B 383 -48.57 5.44 7.82
N ASN B 384 -47.44 5.36 8.52
CA ASN B 384 -46.95 6.48 9.31
C ASN B 384 -45.71 7.17 8.75
N LYS B 385 -44.75 6.42 8.22
CA LYS B 385 -43.47 7.00 7.83
C LYS B 385 -43.59 7.66 6.45
N VAL B 386 -42.53 8.35 6.03
CA VAL B 386 -42.52 9.12 4.79
C VAL B 386 -41.26 8.75 4.01
N PRO B 387 -41.33 8.60 2.69
CA PRO B 387 -40.14 8.22 1.93
C PRO B 387 -39.11 9.33 1.90
N PRO B 388 -37.83 9.02 1.65
CA PRO B 388 -37.31 7.68 1.39
C PRO B 388 -37.05 6.87 2.65
N ARG B 389 -37.15 5.54 2.53
CA ARG B 389 -36.86 4.62 3.63
C ARG B 389 -35.78 3.66 3.15
N GLY B 390 -34.53 4.01 3.42
CA GLY B 390 -33.42 3.20 2.98
C GLY B 390 -32.11 3.83 3.39
N ILE B 391 -31.02 3.18 2.97
CA ILE B 391 -29.68 3.59 3.33
C ILE B 391 -28.83 3.66 2.07
N ILE B 392 -28.16 4.80 1.87
CA ILE B 392 -27.31 5.01 0.70
C ILE B 392 -25.87 5.18 1.18
N VAL B 393 -24.96 4.42 0.57
CA VAL B 393 -23.55 4.46 0.93
C VAL B 393 -22.74 4.75 -0.33
N SER B 394 -21.88 5.76 -0.26
CA SER B 394 -20.98 6.08 -1.36
C SER B 394 -19.55 6.11 -0.85
N ILE B 395 -18.65 5.48 -1.61
CA ILE B 395 -17.23 5.42 -1.24
C ILE B 395 -16.39 5.78 -2.45
N ILE B 396 -15.35 6.60 -2.23
CA ILE B 396 -14.40 6.94 -3.29
C ILE B 396 -12.99 6.87 -2.72
N CYS B 397 -12.09 6.21 -3.44
CA CYS B 397 -10.69 6.16 -3.08
C CYS B 397 -9.83 6.48 -4.29
N ASN B 398 -8.69 7.11 -4.05
CA ASN B 398 -7.77 7.47 -5.13
C ASN B 398 -6.70 6.38 -5.30
N MET B 399 -7.17 5.17 -5.57
CA MET B 399 -6.30 4.04 -5.85
C MET B 399 -6.95 3.14 -6.89
N GLN B 400 -6.16 2.71 -7.86
CA GLN B 400 -6.67 1.96 -8.99
C GLN B 400 -7.03 0.54 -8.59
N SER B 401 -8.09 0.01 -9.22
CA SER B 401 -8.48 -1.39 -9.11
C SER B 401 -8.76 -1.80 -7.66
N VAL B 402 -9.81 -1.22 -7.10
CA VAL B 402 -10.27 -1.55 -5.76
C VAL B 402 -11.73 -1.95 -5.85
N GLY B 403 -12.09 -3.07 -5.22
CA GLY B 403 -13.47 -3.48 -5.13
C GLY B 403 -14.12 -3.02 -3.84
N LEU B 404 -14.95 -1.98 -3.91
CA LEU B 404 -15.57 -1.40 -2.72
C LEU B 404 -17.02 -1.79 -2.55
N ASN B 405 -17.53 -2.72 -3.36
CA ASN B 405 -18.95 -3.08 -3.27
C ASN B 405 -19.25 -3.80 -1.98
N SER B 406 -18.45 -4.81 -1.63
CA SER B 406 -18.71 -5.60 -0.43
C SER B 406 -18.59 -4.74 0.83
N THR B 407 -17.61 -3.85 0.88
CA THR B 407 -17.47 -2.97 2.02
C THR B 407 -18.67 -2.06 2.18
N ALA B 408 -19.17 -1.50 1.06
CA ALA B 408 -20.34 -0.63 1.13
C ALA B 408 -21.57 -1.40 1.58
N LEU B 409 -21.73 -2.63 1.08
CA LEU B 409 -22.87 -3.45 1.51
C LEU B 409 -22.79 -3.73 3.01
N LYS B 410 -21.59 -4.04 3.51
CA LYS B 410 -21.44 -4.28 4.95
C LYS B 410 -21.76 -3.03 5.77
N ILE B 411 -21.29 -1.87 5.30
CA ILE B 411 -21.59 -0.62 6.03
C ILE B 411 -23.09 -0.37 6.05
N ALA B 412 -23.76 -0.58 4.91
CA ALA B 412 -25.20 -0.42 4.86
C ALA B 412 -25.89 -1.38 5.82
N LEU B 413 -25.41 -2.61 5.90
CA LEU B 413 -25.99 -3.59 6.81
C LEU B 413 -25.82 -3.17 8.27
N GLU B 414 -24.66 -2.64 8.64
CA GLU B 414 -24.48 -2.17 10.02
C GLU B 414 -25.44 -1.03 10.34
N PHE B 415 -25.54 -0.07 9.42
CA PHE B 415 -26.44 1.06 9.67
C PHE B 415 -27.90 0.62 9.70
N ASP B 416 -28.24 -0.44 8.98
CA ASP B 416 -29.60 -0.97 9.05
C ASP B 416 -29.82 -1.74 10.35
N LYS B 417 -28.78 -2.34 10.91
CA LYS B 417 -28.95 -2.99 12.20
C LYS B 417 -29.30 -1.96 13.27
N ASP B 418 -28.51 -0.89 13.35
CA ASP B 418 -28.75 0.15 14.36
C ASP B 418 -30.07 0.89 14.22
N ARG B 419 -30.44 1.26 13.01
CA ARG B 419 -31.68 2.03 12.77
C ARG B 419 -31.99 3.06 13.86
N SER B 420 -33.19 2.99 14.42
CA SER B 420 -33.61 3.93 15.48
C SER B 420 -33.32 5.37 15.10
N CYS C 43 20.10 44.06 12.84
CA CYS C 43 20.10 43.09 11.74
C CYS C 43 19.46 43.69 10.49
N PHE C 44 18.83 42.82 9.70
CA PHE C 44 18.20 43.21 8.43
C PHE C 44 16.72 43.46 8.57
N ALA C 45 16.27 43.90 9.74
CA ALA C 45 14.82 44.09 9.99
C ALA C 45 14.18 45.24 9.21
N ARG C 46 14.98 46.05 8.53
CA ARG C 46 14.44 47.13 7.72
C ARG C 46 14.33 46.77 6.25
N ALA C 47 15.32 46.05 5.71
CA ALA C 47 15.28 45.67 4.30
C ALA C 47 14.22 44.61 4.03
N ILE C 48 13.88 43.81 5.04
CA ILE C 48 12.89 42.76 4.87
C ILE C 48 11.52 43.37 4.57
N GLU C 49 11.15 44.42 5.28
CA GLU C 49 9.86 45.06 5.04
C GLU C 49 9.78 45.68 3.65
N SER C 50 10.85 46.37 3.23
CA SER C 50 10.86 46.97 1.90
C SER C 50 10.79 45.91 0.81
N SER C 51 11.53 44.81 1.00
CA SER C 51 11.52 43.74 0.01
C SER C 51 10.15 43.06 -0.05
N ARG C 52 9.50 42.89 1.11
CA ARG C 52 8.15 42.36 1.12
C ARG C 52 7.20 43.28 0.38
N ASP C 53 7.35 44.59 0.56
CA ASP C 53 6.53 45.55 -0.17
C ASP C 53 6.74 45.42 -1.67
N LEU C 54 8.00 45.27 -2.11
CA LEU C 54 8.28 45.12 -3.53
C LEU C 54 7.67 43.83 -4.08
N LEU C 55 7.76 42.74 -3.31
CA LEU C 55 7.14 41.48 -3.73
C LEU C 55 5.63 41.63 -3.87
N HIS C 56 5.00 42.31 -2.91
CA HIS C 56 3.57 42.56 -3.01
C HIS C 56 3.26 43.38 -4.25
N ARG C 57 4.10 44.37 -4.55
CA ARG C 57 3.89 45.19 -5.74
C ARG C 57 3.89 44.34 -7.00
N ILE C 58 4.91 43.52 -7.18
CA ILE C 58 5.01 42.74 -8.42
C ILE C 58 3.88 41.70 -8.49
N LYS C 59 3.57 41.07 -7.36
CA LYS C 59 2.51 40.07 -7.34
C LYS C 59 1.16 40.67 -7.69
N ASP C 60 0.85 41.85 -7.13
CA ASP C 60 -0.41 42.51 -7.46
C ASP C 60 -0.44 43.03 -8.88
N GLU C 61 0.71 43.48 -9.40
CA GLU C 61 0.75 44.00 -10.76
C GLU C 61 0.47 42.90 -11.77
N VAL C 62 1.11 41.73 -11.60
CA VAL C 62 0.90 40.66 -12.56
C VAL C 62 -0.25 39.73 -12.18
N GLY C 63 -0.78 39.84 -10.96
CA GLY C 63 -1.84 38.97 -10.52
C GLY C 63 -1.43 37.52 -10.34
N ALA C 64 -0.21 37.27 -9.87
CA ALA C 64 0.25 35.91 -9.66
C ALA C 64 -0.39 35.33 -8.41
N PRO C 65 -0.85 34.08 -8.43
CA PRO C 65 -1.41 33.48 -7.22
C PRO C 65 -0.43 33.38 -6.07
N GLY C 66 0.85 33.14 -6.36
CA GLY C 66 1.83 33.00 -5.31
C GLY C 66 3.23 33.33 -5.80
N ILE C 67 4.08 33.68 -4.84
CA ILE C 67 5.47 34.06 -5.12
C ILE C 67 6.32 33.63 -3.93
N VAL C 68 7.56 33.26 -4.21
CA VAL C 68 8.51 32.83 -3.18
C VAL C 68 9.83 33.54 -3.43
N VAL C 69 10.44 34.02 -2.35
CA VAL C 69 11.70 34.76 -2.42
C VAL C 69 12.70 34.15 -1.43
N GLY C 70 13.97 34.21 -1.81
CA GLY C 70 15.07 33.84 -0.94
C GLY C 70 16.24 34.78 -1.10
N VAL C 71 16.72 35.34 0.02
CA VAL C 71 17.81 36.30 0.02
C VAL C 71 18.91 35.79 0.95
N SER C 72 20.12 35.67 0.41
CA SER C 72 21.28 35.24 1.15
C SER C 72 22.34 36.35 1.11
N VAL C 73 22.86 36.70 2.28
CA VAL C 73 23.84 37.78 2.41
C VAL C 73 25.13 37.20 2.97
N ASP C 74 26.22 37.38 2.23
CA ASP C 74 27.56 36.94 2.65
C ASP C 74 27.58 35.44 2.95
N GLY C 75 26.94 34.66 2.10
CA GLY C 75 26.98 33.21 2.19
C GLY C 75 26.03 32.60 3.19
N LYS C 76 25.26 33.41 3.91
CA LYS C 76 24.29 32.93 4.89
C LYS C 76 22.91 33.40 4.47
N GLU C 77 21.95 32.47 4.43
CA GLU C 77 20.59 32.81 4.07
C GLU C 77 19.96 33.65 5.17
N VAL C 78 19.62 34.90 4.85
CA VAL C 78 19.03 35.79 5.84
C VAL C 78 17.51 35.89 5.73
N TRP C 79 16.93 35.58 4.57
CA TRP C 79 15.49 35.72 4.43
C TRP C 79 14.96 34.68 3.46
N SER C 80 13.77 34.15 3.76
CA SER C 80 13.11 33.23 2.84
C SER C 80 11.61 33.31 3.14
N GLU C 81 10.83 33.72 2.15
CA GLU C 81 9.43 34.05 2.36
C GLU C 81 8.59 33.49 1.22
N GLY C 82 7.32 33.25 1.51
CA GLY C 82 6.36 32.86 0.49
C GLY C 82 5.01 33.50 0.71
N LEU C 83 4.49 34.18 -0.31
CA LEU C 83 3.18 34.81 -0.26
C LEU C 83 2.24 34.14 -1.24
N GLY C 84 0.99 34.00 -0.84
CA GLY C 84 -0.02 33.45 -1.72
C GLY C 84 -0.18 31.95 -1.57
N TYR C 85 -0.65 31.33 -2.65
CA TYR C 85 -1.00 29.91 -2.67
C TYR C 85 -0.26 29.20 -3.79
N ALA C 86 0.37 28.08 -3.46
CA ALA C 86 0.99 27.24 -4.47
C ALA C 86 -0.03 26.43 -5.25
N ASP C 87 -1.10 26.00 -4.60
CA ASP C 87 -2.21 25.29 -5.24
C ASP C 87 -3.48 26.06 -4.92
N VAL C 88 -4.04 26.73 -5.92
CA VAL C 88 -5.25 27.52 -5.71
C VAL C 88 -6.43 26.61 -5.41
N GLU C 89 -6.51 25.46 -6.08
CA GLU C 89 -7.66 24.57 -5.89
C GLU C 89 -7.70 23.99 -4.49
N ASN C 90 -6.55 23.55 -3.97
CA ASN C 90 -6.49 22.90 -2.66
C ASN C 90 -6.01 23.82 -1.56
N ARG C 91 -5.87 25.12 -1.84
CA ARG C 91 -5.54 26.12 -0.82
C ARG C 91 -4.24 25.78 -0.09
N VAL C 92 -3.22 25.43 -0.84
CA VAL C 92 -1.90 25.12 -0.30
C VAL C 92 -1.07 26.41 -0.35
N PRO C 93 -0.69 26.98 0.79
CA PRO C 93 0.06 28.23 0.77
C PRO C 93 1.47 28.06 0.21
N CYS C 94 1.98 29.12 -0.39
CA CYS C 94 3.38 29.15 -0.78
C CYS C 94 4.28 29.28 0.43
N LYS C 95 5.39 28.56 0.40
CA LYS C 95 6.32 28.52 1.52
C LYS C 95 7.72 28.32 0.94
N PRO C 96 8.77 28.51 1.75
CA PRO C 96 10.13 28.35 1.23
C PRO C 96 10.41 26.98 0.66
N GLU C 97 9.69 25.94 1.08
CA GLU C 97 9.93 24.59 0.60
C GLU C 97 9.21 24.28 -0.71
N THR C 98 8.44 25.22 -1.25
CA THR C 98 7.73 25.00 -2.50
C THR C 98 8.71 24.87 -3.66
N VAL C 99 8.52 23.84 -4.49
CA VAL C 99 9.34 23.64 -5.67
C VAL C 99 8.56 24.11 -6.89
N MET C 100 9.22 24.88 -7.74
CA MET C 100 8.59 25.41 -8.94
C MET C 100 9.53 25.25 -10.13
N ARG C 101 9.00 25.52 -11.31
CA ARG C 101 9.78 25.38 -12.53
C ARG C 101 10.80 26.51 -12.64
N ILE C 102 12.05 26.15 -12.96
CA ILE C 102 13.06 27.11 -13.35
C ILE C 102 13.34 26.87 -14.84
N ALA C 103 13.27 27.93 -15.64
CA ALA C 103 13.29 27.77 -17.09
C ALA C 103 14.71 27.90 -17.64
N SER C 104 15.33 29.05 -17.46
CA SER C 104 16.64 29.31 -18.05
C SER C 104 17.77 29.21 -17.05
N ILE C 105 17.47 29.04 -15.75
CA ILE C 105 18.53 28.77 -14.78
C ILE C 105 19.13 27.39 -15.05
N SER C 106 18.37 26.51 -15.69
CA SER C 106 18.90 25.22 -16.11
C SER C 106 20.08 25.41 -17.05
N LYS C 107 20.09 26.51 -17.81
CA LYS C 107 21.22 26.78 -18.69
C LYS C 107 22.50 27.03 -17.90
N SER C 108 22.41 27.80 -16.82
CA SER C 108 23.58 28.00 -15.96
C SER C 108 24.00 26.71 -15.28
N LEU C 109 23.03 25.90 -14.86
CA LEU C 109 23.36 24.60 -14.26
C LEU C 109 24.10 23.72 -15.26
N THR C 110 23.67 23.73 -16.53
CA THR C 110 24.36 22.95 -17.55
C THR C 110 25.74 23.53 -17.84
N MET C 111 25.87 24.85 -17.80
CA MET C 111 27.17 25.48 -18.01
C MET C 111 28.15 25.07 -16.93
N VAL C 112 27.66 24.81 -15.72
CA VAL C 112 28.54 24.32 -14.66
C VAL C 112 29.14 22.97 -15.04
N ALA C 113 28.31 22.07 -15.58
CA ALA C 113 28.81 20.78 -16.04
C ALA C 113 29.79 20.95 -17.18
N LEU C 114 29.48 21.86 -18.12
CA LEU C 114 30.40 22.11 -19.22
C LEU C 114 31.75 22.62 -18.71
N ALA C 115 31.72 23.49 -17.70
CA ALA C 115 32.97 24.00 -17.13
C ALA C 115 33.75 22.90 -16.43
N LYS C 116 33.05 22.01 -15.73
CA LYS C 116 33.74 20.87 -15.11
C LYS C 116 34.43 20.00 -16.15
N LEU C 117 33.73 19.70 -17.25
CA LEU C 117 34.33 18.91 -18.31
C LEU C 117 35.51 19.65 -18.94
N TRP C 118 35.38 20.97 -19.10
CA TRP C 118 36.48 21.77 -19.64
C TRP C 118 37.71 21.69 -18.74
N GLU C 119 37.52 21.83 -17.43
CA GLU C 119 38.63 21.74 -16.50
C GLU C 119 39.26 20.35 -16.47
N ALA C 120 38.45 19.30 -16.61
CA ALA C 120 38.98 17.94 -16.64
C ALA C 120 39.71 17.62 -17.94
N GLY C 121 39.63 18.48 -18.95
CA GLY C 121 40.29 18.25 -20.21
C GLY C 121 39.54 17.34 -21.15
N LYS C 122 38.37 16.85 -20.77
CA LYS C 122 37.58 15.96 -21.63
C LYS C 122 36.85 16.72 -22.73
N LEU C 123 36.67 18.03 -22.58
CA LEU C 123 35.92 18.83 -23.52
C LEU C 123 36.77 20.00 -24.02
N ASP C 124 36.81 20.17 -25.33
CA ASP C 124 37.44 21.33 -25.96
C ASP C 124 36.37 22.15 -26.66
N LEU C 125 36.31 23.44 -26.34
CA LEU C 125 35.22 24.27 -26.82
C LEU C 125 35.35 24.58 -28.31
N ASP C 126 36.58 24.68 -28.82
CA ASP C 126 36.80 25.24 -30.15
C ASP C 126 36.72 24.20 -31.27
N ILE C 127 36.72 22.92 -30.96
CA ILE C 127 36.57 21.92 -32.02
C ILE C 127 35.11 21.84 -32.44
N PRO C 128 34.80 21.51 -33.69
CA PRO C 128 33.40 21.39 -34.10
C PRO C 128 32.69 20.30 -33.32
N VAL C 129 31.39 20.53 -33.06
CA VAL C 129 30.62 19.63 -32.23
C VAL C 129 30.46 18.26 -32.88
N GLN C 130 30.64 18.17 -34.20
CA GLN C 130 30.50 16.88 -34.88
C GLN C 130 31.54 15.86 -34.40
N HIS C 131 32.64 16.33 -33.81
CA HIS C 131 33.59 15.41 -33.20
C HIS C 131 32.94 14.66 -32.04
N TYR C 132 32.16 15.37 -31.22
CA TYR C 132 31.45 14.72 -30.13
C TYR C 132 30.17 14.05 -30.61
N VAL C 133 29.39 14.75 -31.44
CA VAL C 133 28.08 14.27 -31.85
C VAL C 133 28.08 14.05 -33.36
N PRO C 134 28.38 12.85 -33.86
CA PRO C 134 28.28 12.61 -35.30
C PRO C 134 26.86 12.73 -35.82
N GLU C 135 25.87 12.62 -34.96
CA GLU C 135 24.47 12.66 -35.39
C GLU C 135 24.13 14.02 -35.99
N PHE C 136 24.72 15.09 -35.48
CA PHE C 136 24.44 16.42 -36.00
C PHE C 136 25.10 16.59 -37.37
N PRO C 137 24.35 16.92 -38.41
CA PRO C 137 24.94 16.99 -39.75
C PRO C 137 25.85 18.20 -39.92
N GLU C 138 26.78 18.08 -40.85
CA GLU C 138 27.57 19.24 -41.27
C GLU C 138 26.67 20.24 -41.98
N LYS C 139 27.00 21.52 -41.85
CA LYS C 139 26.11 22.59 -42.28
C LYS C 139 26.76 23.53 -43.29
N GLU C 140 25.97 23.91 -44.29
CA GLU C 140 26.28 25.00 -45.21
C GLU C 140 25.41 26.19 -44.85
N TYR C 141 26.00 27.38 -44.88
CA TYR C 141 25.25 28.62 -44.87
C TYR C 141 25.63 29.43 -46.09
N GLU C 142 24.63 29.93 -46.81
CA GLU C 142 24.83 30.75 -48.01
C GLU C 142 25.69 30.03 -49.04
N GLY C 143 25.70 28.70 -48.98
CA GLY C 143 26.45 27.90 -49.93
C GLY C 143 27.88 27.60 -49.54
N GLU C 144 28.32 27.98 -48.34
CA GLU C 144 29.67 27.67 -47.90
C GLU C 144 29.64 26.90 -46.59
N LYS C 145 30.60 25.99 -46.42
CA LYS C 145 30.72 25.22 -45.18
C LYS C 145 30.86 26.15 -43.98
N VAL C 146 30.17 25.81 -42.89
CA VAL C 146 30.34 26.53 -41.63
C VAL C 146 30.52 25.52 -40.52
N SER C 147 31.15 25.97 -39.44
CA SER C 147 31.42 25.14 -38.28
C SER C 147 30.79 25.74 -37.04
N VAL C 148 30.23 24.88 -36.20
CA VAL C 148 29.64 25.29 -34.92
C VAL C 148 30.48 24.70 -33.80
N THR C 149 30.84 25.54 -32.84
CA THR C 149 31.67 25.12 -31.72
C THR C 149 30.90 25.24 -30.42
N THR C 150 31.40 24.57 -29.39
CA THR C 150 30.71 24.53 -28.10
C THR C 150 30.62 25.91 -27.48
N ARG C 151 31.72 26.67 -27.50
CA ARG C 151 31.71 28.00 -26.90
C ARG C 151 30.82 28.95 -27.70
N LEU C 152 30.76 28.77 -29.02
CA LEU C 152 29.85 29.57 -29.82
C LEU C 152 28.40 29.21 -29.54
N LEU C 153 28.15 27.93 -29.26
CA LEU C 153 26.81 27.46 -28.96
C LEU C 153 26.36 27.85 -27.55
N ILE C 154 27.31 28.09 -26.64
CA ILE C 154 26.97 28.44 -25.27
C ILE C 154 26.32 29.82 -25.21
N SER C 155 26.92 30.80 -25.90
CA SER C 155 26.43 32.16 -25.87
C SER C 155 25.34 32.43 -26.89
N HIS C 156 24.71 31.39 -27.41
CA HIS C 156 23.66 31.48 -28.42
C HIS C 156 24.13 32.21 -29.68
N LEU C 157 25.44 32.20 -29.93
CA LEU C 157 25.99 32.87 -31.10
C LEU C 157 25.97 31.99 -32.35
N SER C 158 25.54 30.73 -32.22
CA SER C 158 25.47 29.84 -33.36
C SER C 158 24.30 30.21 -34.25
N GLY C 159 24.13 29.46 -35.33
CA GLY C 159 23.10 29.71 -36.31
C GLY C 159 21.79 28.99 -36.07
N ILE C 160 21.65 28.26 -34.97
CA ILE C 160 20.43 27.51 -34.71
C ILE C 160 19.28 28.48 -34.48
N ARG C 161 18.18 28.28 -35.19
CA ARG C 161 17.05 29.20 -35.10
C ARG C 161 16.30 29.00 -33.79
N HIS C 162 15.60 30.04 -33.36
CA HIS C 162 14.84 30.03 -32.11
C HIS C 162 13.45 29.47 -32.39
N TYR C 163 13.20 28.25 -31.89
CA TYR C 163 11.90 27.63 -32.11
C TYR C 163 10.83 28.21 -31.19
N GLY C 164 11.21 28.61 -29.99
CA GLY C 164 10.24 29.08 -29.02
C GLY C 164 9.60 27.95 -28.25
N GLU C 165 8.54 28.29 -27.54
CA GLU C 165 7.84 27.30 -26.72
C GLU C 165 6.99 26.37 -27.59
N LEU C 166 7.17 25.07 -27.38
CA LEU C 166 6.37 24.04 -28.03
C LEU C 166 5.75 23.17 -26.96
N TYR C 167 4.43 22.96 -27.06
CA TYR C 167 3.69 22.20 -26.04
C TYR C 167 3.73 20.73 -26.41
N LEU C 168 4.90 20.12 -26.18
CA LEU C 168 5.08 18.69 -26.43
C LEU C 168 4.69 17.89 -25.19
N ARG C 169 4.15 16.70 -25.42
CA ARG C 169 3.77 15.79 -24.35
C ARG C 169 4.42 14.42 -24.48
N GLU C 170 5.40 14.28 -25.37
CA GLU C 170 6.09 13.01 -25.54
C GLU C 170 7.26 12.90 -24.57
N LYS C 171 7.63 11.66 -24.24
CA LYS C 171 8.74 11.38 -23.35
C LYS C 171 9.95 10.93 -24.18
N PHE C 172 11.10 11.53 -23.91
CA PHE C 172 12.36 11.18 -24.56
C PHE C 172 13.30 10.52 -23.56
N GLU C 173 13.87 9.38 -23.95
CA GLU C 173 14.76 8.65 -23.05
C GLU C 173 16.11 9.35 -22.91
N ASN C 174 16.71 9.77 -24.03
CA ASN C 174 18.01 10.43 -24.01
C ASN C 174 18.02 11.59 -24.99
N SER C 175 19.06 12.41 -24.90
CA SER C 175 19.18 13.60 -25.74
C SER C 175 19.42 13.24 -27.21
N ILE C 176 19.93 12.04 -27.48
CA ILE C 176 20.23 11.66 -28.86
C ILE C 176 18.94 11.62 -29.69
N GLU C 177 17.88 11.02 -29.16
CA GLU C 177 16.61 11.05 -29.86
C GLU C 177 15.94 12.40 -29.76
N SER C 178 16.24 13.17 -28.71
CA SER C 178 15.73 14.53 -28.60
C SER C 178 16.28 15.43 -29.69
N LEU C 179 17.44 15.08 -30.25
CA LEU C 179 18.04 15.89 -31.30
C LEU C 179 17.23 15.90 -32.59
N ARG C 180 16.29 14.98 -32.75
CA ARG C 180 15.53 14.88 -33.99
C ARG C 180 14.61 16.07 -34.22
N LEU C 181 14.38 16.90 -33.20
CA LEU C 181 13.46 18.01 -33.35
C LEU C 181 14.02 19.11 -34.25
N PHE C 182 15.34 19.29 -34.26
CA PHE C 182 15.93 20.42 -34.97
C PHE C 182 17.20 20.09 -35.75
N LYS C 183 17.56 18.81 -35.86
CA LYS C 183 18.82 18.48 -36.53
C LYS C 183 18.78 18.79 -38.02
N ASN C 184 17.66 18.49 -38.69
CA ASN C 184 17.62 18.62 -40.14
C ASN C 184 17.49 20.07 -40.59
N ASP C 185 16.88 20.91 -39.75
CA ASP C 185 16.59 22.27 -40.15
C ASP C 185 17.89 23.06 -40.33
N PRO C 186 18.04 23.82 -41.42
CA PRO C 186 19.29 24.55 -41.65
C PRO C 186 19.44 25.74 -40.71
N LEU C 187 20.68 26.23 -40.61
CA LEU C 187 20.99 27.33 -39.72
C LEU C 187 20.34 28.62 -40.19
N PHE C 188 19.79 29.38 -39.25
CA PHE C 188 19.11 30.63 -39.58
C PHE C 188 20.10 31.72 -39.96
N PHE C 189 21.17 31.88 -39.18
CA PHE C 189 22.21 32.86 -39.42
C PHE C 189 23.56 32.17 -39.56
N LYS C 190 24.52 32.92 -40.07
CA LYS C 190 25.89 32.42 -40.11
C LYS C 190 26.44 32.36 -38.69
N PRO C 191 27.02 31.22 -38.28
CA PRO C 191 27.49 31.11 -36.90
C PRO C 191 28.57 32.14 -36.59
N GLY C 192 28.49 32.68 -35.37
CA GLY C 192 29.43 33.70 -34.93
C GLY C 192 29.16 35.10 -35.44
N SER C 193 28.08 35.30 -36.19
CA SER C 193 27.81 36.59 -36.80
C SER C 193 26.72 37.39 -36.08
N GLN C 194 25.78 36.73 -35.43
CA GLN C 194 24.71 37.46 -34.74
C GLN C 194 24.15 36.59 -33.63
N PHE C 195 23.72 37.24 -32.55
CA PHE C 195 23.20 36.57 -31.36
C PHE C 195 21.72 36.28 -31.53
N LEU C 196 21.30 35.07 -31.16
CA LEU C 196 19.90 34.68 -31.24
C LEU C 196 19.62 33.70 -30.11
N TYR C 197 18.81 34.11 -29.14
CA TYR C 197 18.52 33.27 -28.00
C TYR C 197 17.79 32.01 -28.42
N SER C 198 18.44 30.86 -28.22
CA SER C 198 17.87 29.58 -28.62
C SER C 198 17.97 28.60 -27.47
N THR C 199 17.01 27.69 -27.39
CA THR C 199 16.94 26.71 -26.32
C THR C 199 17.34 25.31 -26.76
N PHE C 200 17.11 24.95 -28.02
CA PHE C 200 17.53 23.64 -28.51
C PHE C 200 19.04 23.50 -28.59
N GLY C 201 19.76 24.62 -28.69
CA GLY C 201 21.21 24.58 -28.61
C GLY C 201 21.69 23.98 -27.30
N TYR C 202 20.95 24.20 -26.22
CA TYR C 202 21.32 23.59 -24.96
C TYR C 202 20.92 22.12 -24.88
N THR C 203 19.93 21.68 -25.67
CA THR C 203 19.73 20.25 -25.83
C THR C 203 20.92 19.62 -26.56
N LEU C 204 21.44 20.31 -27.58
CA LEU C 204 22.67 19.85 -28.22
C LEU C 204 23.83 19.82 -27.23
N LEU C 205 23.91 20.82 -26.35
CA LEU C 205 24.95 20.84 -25.33
C LEU C 205 24.81 19.68 -24.36
N ALA C 206 23.57 19.33 -24.01
CA ALA C 206 23.35 18.16 -23.15
C ALA C 206 23.79 16.88 -23.84
N ALA C 207 23.50 16.75 -25.13
CA ALA C 207 23.99 15.60 -25.89
C ALA C 207 25.52 15.57 -25.89
N ILE C 208 26.15 16.74 -26.04
CA ILE C 208 27.61 16.83 -26.00
C ILE C 208 28.13 16.39 -24.64
N VAL C 209 27.46 16.79 -23.56
CA VAL C 209 27.85 16.35 -22.22
C VAL C 209 27.76 14.84 -22.11
N GLU C 210 26.69 14.25 -22.63
CA GLU C 210 26.56 12.80 -22.61
C GLU C 210 27.70 12.13 -23.36
N ARG C 211 28.02 12.64 -24.54
CA ARG C 211 29.09 12.04 -25.34
C ARG C 211 30.45 12.17 -24.65
N ALA C 212 30.72 13.34 -24.06
CA ALA C 212 32.06 13.62 -23.55
C ALA C 212 32.30 12.97 -22.20
N SER C 213 31.38 13.16 -21.26
CA SER C 213 31.60 12.65 -19.90
C SER C 213 31.59 11.13 -19.83
N GLY C 214 31.02 10.47 -20.83
CA GLY C 214 30.92 9.03 -20.81
C GLY C 214 29.76 8.48 -20.00
N CYS C 215 28.95 9.35 -19.41
CA CYS C 215 27.78 8.94 -18.64
C CYS C 215 26.59 9.78 -19.07
N LYS C 216 25.42 9.44 -18.53
CA LYS C 216 24.20 10.15 -18.88
C LYS C 216 24.24 11.57 -18.35
N TYR C 217 23.58 12.48 -19.08
CA TYR C 217 23.54 13.87 -18.66
C TYR C 217 22.84 14.01 -17.31
N LEU C 218 21.74 13.29 -17.13
CA LEU C 218 20.95 13.42 -15.91
C LEU C 218 21.76 12.99 -14.68
N ASP C 219 22.50 11.89 -14.78
CA ASP C 219 23.29 11.44 -13.64
C ASP C 219 24.45 12.38 -13.36
N TYR C 220 25.06 12.94 -14.40
CA TYR C 220 26.11 13.93 -14.20
C TYR C 220 25.59 15.16 -13.46
N MET C 221 24.46 15.69 -13.90
CA MET C 221 23.86 16.82 -13.19
C MET C 221 23.42 16.43 -11.79
N GLN C 222 23.00 15.19 -11.58
CA GLN C 222 22.62 14.76 -10.24
C GLN C 222 23.84 14.76 -9.32
N LYS C 223 24.98 14.28 -9.81
CA LYS C 223 26.21 14.33 -9.02
C LYS C 223 26.59 15.77 -8.72
N ILE C 224 26.45 16.66 -9.70
CA ILE C 224 26.76 18.07 -9.45
C ILE C 224 25.84 18.65 -8.39
N PHE C 225 24.54 18.35 -8.46
CA PHE C 225 23.60 18.85 -7.47
C PHE C 225 23.92 18.32 -6.09
N HIS C 226 24.29 17.04 -5.99
CA HIS C 226 24.61 16.46 -4.69
C HIS C 226 25.86 17.11 -4.10
N ASP C 227 26.87 17.36 -4.94
CA ASP C 227 28.07 18.05 -4.45
C ASP C 227 27.75 19.47 -4.00
N LEU C 228 26.93 20.18 -4.76
CA LEU C 228 26.61 21.57 -4.45
C LEU C 228 25.64 21.72 -3.28
N ASP C 229 25.12 20.60 -2.75
CA ASP C 229 24.15 20.52 -1.65
C ASP C 229 22.74 20.89 -2.10
N MET C 230 22.49 20.94 -3.41
CA MET C 230 21.15 21.17 -3.92
C MET C 230 20.35 19.88 -3.90
N LEU C 231 19.82 19.51 -2.74
CA LEU C 231 19.16 18.23 -2.54
C LEU C 231 17.70 18.23 -2.98
N THR C 232 17.19 19.36 -3.43
CA THR C 232 15.80 19.46 -3.87
C THR C 232 15.67 19.67 -5.38
N THR C 233 16.73 20.11 -6.05
CA THR C 233 16.70 20.24 -7.49
C THR C 233 16.57 18.88 -8.15
N VAL C 234 15.64 18.77 -9.10
CA VAL C 234 15.36 17.52 -9.79
C VAL C 234 14.70 17.84 -11.12
N GLN C 235 14.83 16.93 -12.09
CA GLN C 235 14.19 17.11 -13.38
C GLN C 235 12.67 17.03 -13.24
N GLU C 236 11.98 17.76 -14.12
CA GLU C 236 10.53 17.88 -14.06
C GLU C 236 9.90 16.72 -14.81
N GLU C 237 9.38 15.75 -14.07
CA GLU C 237 8.69 14.62 -14.66
C GLU C 237 7.45 14.31 -13.83
N ASN C 238 6.51 13.61 -14.47
CA ASN C 238 5.16 13.42 -13.91
C ASN C 238 5.05 12.19 -13.02
N GLU C 239 5.65 11.07 -13.42
CA GLU C 239 5.41 9.81 -12.72
C GLU C 239 5.86 9.82 -11.26
N PRO C 240 7.09 10.22 -10.92
CA PRO C 240 7.52 10.11 -9.53
C PRO C 240 6.82 11.11 -8.62
N VAL C 241 6.83 10.81 -7.33
CA VAL C 241 6.22 11.67 -6.33
C VAL C 241 7.26 12.72 -5.91
N ILE C 242 7.02 13.97 -6.28
CA ILE C 242 7.89 15.09 -5.92
C ILE C 242 7.14 15.91 -4.88
N TYR C 243 7.67 15.96 -3.67
CA TYR C 243 6.95 16.60 -2.58
C TYR C 243 6.99 18.12 -2.69
N ASN C 244 5.90 18.75 -2.26
CA ASN C 244 5.74 20.20 -2.30
C ASN C 244 5.77 20.73 -3.73
N ARG C 245 5.31 19.92 -4.68
CA ARG C 245 5.22 20.36 -6.07
C ARG C 245 4.09 21.36 -6.22
N ALA C 246 4.38 22.48 -6.87
CA ALA C 246 3.40 23.55 -7.02
C ALA C 246 2.62 23.38 -8.31
N ARG C 247 1.60 24.20 -8.48
CA ARG C 247 0.81 24.25 -9.70
C ARG C 247 1.01 25.58 -10.39
N PHE C 248 0.92 25.58 -11.71
CA PHE C 248 1.26 26.73 -12.53
C PHE C 248 0.05 27.18 -13.32
N TYR C 249 -0.25 28.47 -13.24
CA TYR C 249 -1.51 29.02 -13.73
C TYR C 249 -1.26 30.05 -14.82
N VAL C 250 -2.36 30.46 -15.47
CA VAL C 250 -2.32 31.49 -16.50
C VAL C 250 -3.67 32.19 -16.50
N TYR C 251 -3.79 33.29 -17.24
CA TYR C 251 -5.06 33.99 -17.40
C TYR C 251 -5.59 33.76 -18.81
N ASN C 252 -6.87 33.41 -18.91
CA ASN C 252 -7.46 33.12 -20.21
C ASN C 252 -8.03 34.40 -20.82
N LYS C 253 -8.71 34.24 -21.97
CA LYS C 253 -9.25 35.39 -22.70
C LYS C 253 -10.34 36.12 -21.94
N LYS C 254 -10.96 35.48 -20.95
CA LYS C 254 -11.98 36.10 -20.13
C LYS C 254 -11.42 36.69 -18.85
N LYS C 255 -10.10 36.83 -18.76
CA LYS C 255 -9.43 37.43 -17.60
C LYS C 255 -9.71 36.64 -16.33
N ARG C 256 -9.71 35.31 -16.43
CA ARG C 256 -9.89 34.43 -15.29
C ARG C 256 -8.69 33.51 -15.15
N LEU C 257 -8.43 33.08 -13.93
CA LEU C 257 -7.29 32.21 -13.64
C LEU C 257 -7.62 30.77 -13.99
N VAL C 258 -6.79 30.15 -14.82
CA VAL C 258 -7.00 28.77 -15.27
C VAL C 258 -5.67 28.03 -15.17
N ASN C 259 -5.76 26.70 -15.23
CA ASN C 259 -4.59 25.84 -15.22
C ASN C 259 -3.92 25.83 -16.59
N THR C 260 -2.59 25.72 -16.56
CA THR C 260 -1.84 25.63 -17.80
C THR C 260 -1.99 24.22 -18.38
N PRO C 261 -1.85 24.07 -19.70
CA PRO C 261 -1.94 22.74 -20.30
C PRO C 261 -0.81 21.84 -19.84
N TYR C 262 -1.07 20.54 -19.82
CA TYR C 262 -0.04 19.58 -19.44
C TYR C 262 1.03 19.53 -20.51
N VAL C 263 2.30 19.62 -20.09
CA VAL C 263 3.43 19.59 -21.00
C VAL C 263 4.47 18.61 -20.47
N ASP C 264 5.30 18.12 -21.38
CA ASP C 264 6.42 17.26 -21.05
C ASP C 264 7.70 17.93 -21.54
N ASN C 265 8.63 18.19 -20.61
CA ASN C 265 9.84 18.93 -20.90
C ASN C 265 11.05 18.04 -21.09
N SER C 266 10.85 16.77 -21.45
CA SER C 266 11.97 15.86 -21.62
C SER C 266 12.83 16.23 -22.82
N TYR C 267 12.24 16.83 -23.83
CA TYR C 267 13.01 17.29 -24.99
C TYR C 267 13.82 18.51 -24.62
N LYS C 268 13.65 18.99 -23.39
CA LYS C 268 14.38 20.17 -22.93
C LYS C 268 14.91 20.01 -21.52
N TRP C 269 15.65 18.94 -21.25
CA TRP C 269 16.23 18.80 -19.92
C TRP C 269 17.25 19.90 -19.62
N ALA C 270 18.12 20.20 -20.59
CA ALA C 270 19.16 21.20 -20.37
C ALA C 270 18.67 22.63 -20.17
N GLY C 271 17.68 23.06 -20.94
CA GLY C 271 17.10 24.37 -20.72
C GLY C 271 15.67 24.10 -20.33
N GLY C 272 15.26 24.47 -19.13
CA GLY C 272 13.93 24.13 -18.66
C GLY C 272 13.97 22.76 -18.05
N GLY C 273 12.81 22.19 -17.74
CA GLY C 273 12.76 20.85 -17.18
C GLY C 273 13.51 20.62 -15.89
N PHE C 274 13.51 21.59 -14.98
CA PHE C 274 14.14 21.41 -13.68
C PHE C 274 13.27 22.03 -12.59
N LEU C 275 13.19 21.40 -11.42
CA LEU C 275 12.33 21.92 -10.36
C LEU C 275 13.18 22.08 -9.13
N SER C 276 13.26 23.30 -8.61
CA SER C 276 14.10 23.55 -7.44
C SER C 276 13.47 24.63 -6.59
N THR C 277 13.91 24.69 -5.34
CA THR C 277 13.47 25.71 -4.41
C THR C 277 14.34 26.96 -4.54
N VAL C 278 13.95 28.02 -3.82
CA VAL C 278 14.78 29.20 -3.76
C VAL C 278 16.05 28.92 -2.95
N GLY C 279 15.95 28.06 -1.93
CA GLY C 279 17.10 27.72 -1.13
C GLY C 279 18.19 26.98 -1.90
N ASP C 280 17.81 26.23 -2.93
CA ASP C 280 18.78 25.57 -3.79
C ASP C 280 19.48 26.56 -4.72
N LEU C 281 18.74 27.51 -5.27
CA LEU C 281 19.35 28.55 -6.09
C LEU C 281 20.27 29.43 -5.26
N LEU C 282 19.94 29.65 -3.99
CA LEU C 282 20.85 30.38 -3.12
C LEU C 282 22.16 29.64 -2.95
N LYS C 283 22.11 28.33 -2.75
CA LYS C 283 23.33 27.53 -2.62
C LYS C 283 24.15 27.57 -3.91
N PHE C 284 23.47 27.46 -5.04
CA PHE C 284 24.17 27.53 -6.33
C PHE C 284 24.87 28.87 -6.52
N GLY C 285 24.16 29.96 -6.22
CA GLY C 285 24.76 31.28 -6.35
C GLY C 285 25.92 31.47 -5.39
N ASN C 286 25.80 30.97 -4.16
CA ASN C 286 26.88 31.09 -3.20
C ASN C 286 28.12 30.33 -3.67
N ALA C 287 27.93 29.13 -4.22
CA ALA C 287 29.05 28.37 -4.74
C ALA C 287 29.73 29.12 -5.89
N MET C 288 28.93 29.69 -6.79
CA MET C 288 29.51 30.44 -7.91
C MET C 288 30.27 31.66 -7.41
N LEU C 289 29.71 32.40 -6.45
CA LEU C 289 30.38 33.58 -5.92
C LEU C 289 31.67 33.23 -5.21
N TYR C 290 31.66 32.15 -4.42
CA TYR C 290 32.88 31.73 -3.73
C TYR C 290 33.95 31.35 -4.72
N GLY C 291 33.59 30.60 -5.76
CA GLY C 291 34.56 30.27 -6.80
C GLY C 291 35.08 31.49 -7.51
N TYR C 292 34.25 32.53 -7.63
CA TYR C 292 34.66 33.75 -8.31
C TYR C 292 35.60 34.59 -7.45
N GLN C 293 35.44 34.54 -6.13
CA GLN C 293 36.15 35.47 -5.24
C GLN C 293 37.31 34.86 -4.46
N VAL C 294 37.39 33.53 -4.36
CA VAL C 294 38.44 32.92 -3.56
C VAL C 294 39.82 33.21 -4.15
N GLY C 295 39.90 33.40 -5.47
CA GLY C 295 41.19 33.73 -6.07
C GLY C 295 41.73 35.05 -5.59
N LEU C 296 40.86 36.05 -5.46
CA LEU C 296 41.29 37.37 -4.98
C LEU C 296 41.71 37.28 -3.52
N PHE C 297 40.90 36.64 -2.70
CA PHE C 297 41.21 36.48 -1.27
C PHE C 297 42.47 35.66 -1.03
N GLU C 302 45.21 32.73 2.48
CA GLU C 302 45.34 32.14 3.80
C GLU C 302 45.18 30.64 3.75
N ASN C 303 44.17 30.13 4.45
CA ASN C 303 43.91 28.69 4.45
C ASN C 303 42.44 28.44 4.15
N LEU C 304 42.05 28.65 2.90
CA LEU C 304 40.65 28.51 2.54
C LEU C 304 40.39 27.34 1.63
N LEU C 305 39.23 26.72 1.74
CA LEU C 305 38.86 25.63 0.86
C LEU C 305 38.78 26.16 -0.58
N PRO C 306 39.17 25.37 -1.56
CA PRO C 306 39.10 25.84 -2.95
C PRO C 306 37.66 25.95 -3.42
N GLY C 307 37.47 26.74 -4.48
CA GLY C 307 36.17 26.83 -5.09
C GLY C 307 35.83 25.59 -5.87
N TYR C 308 34.55 25.48 -6.23
CA TYR C 308 34.11 24.35 -7.04
C TYR C 308 34.78 24.36 -8.41
N LEU C 309 35.02 25.54 -8.96
CA LEU C 309 35.72 25.70 -10.22
C LEU C 309 36.89 26.67 -10.04
N LYS C 310 37.89 26.52 -10.91
CA LYS C 310 39.09 27.34 -10.80
C LYS C 310 38.73 28.82 -11.01
N PRO C 311 39.47 29.73 -10.36
CA PRO C 311 39.18 31.16 -10.55
C PRO C 311 39.25 31.61 -12.00
N GLU C 312 40.17 31.04 -12.78
CA GLU C 312 40.22 31.34 -14.19
C GLU C 312 38.94 30.92 -14.90
N THR C 313 38.42 29.74 -14.55
CA THR C 313 37.16 29.29 -15.13
C THR C 313 36.01 30.23 -14.76
N MET C 314 35.96 30.67 -13.50
CA MET C 314 34.89 31.56 -13.09
C MET C 314 34.96 32.91 -13.79
N VAL C 315 36.15 33.50 -13.88
CA VAL C 315 36.26 34.79 -14.55
C VAL C 315 35.94 34.64 -16.03
N MET C 316 36.34 33.51 -16.63
CA MET C 316 35.96 33.25 -18.01
C MET C 316 34.44 33.14 -18.15
N MET C 317 33.78 32.54 -17.15
CA MET C 317 32.33 32.46 -17.15
C MET C 317 31.68 33.83 -17.08
N TRP C 318 32.21 34.77 -16.29
CA TRP C 318 31.54 36.03 -16.04
C TRP C 318 32.16 37.21 -16.78
N THR C 319 32.69 36.97 -18.00
CA THR C 319 33.05 38.06 -18.90
C THR C 319 32.04 38.15 -20.03
N PRO C 320 31.42 39.31 -20.26
CA PRO C 320 30.46 39.42 -21.36
C PRO C 320 31.12 39.23 -22.71
N VAL C 321 30.36 38.66 -23.64
CA VAL C 321 30.82 38.40 -25.00
C VAL C 321 30.33 39.52 -25.91
N PRO C 322 31.20 40.12 -26.71
CA PRO C 322 30.77 41.21 -27.60
C PRO C 322 29.81 40.71 -28.67
N ASN C 323 29.08 41.67 -29.25
CA ASN C 323 28.04 41.39 -30.24
C ASN C 323 26.96 40.46 -29.68
N THR C 324 26.49 40.79 -28.48
CA THR C 324 25.51 39.97 -27.78
C THR C 324 24.73 40.87 -26.83
N GLU C 325 23.44 40.57 -26.69
CA GLU C 325 22.52 41.44 -25.95
C GLU C 325 21.88 40.68 -24.79
N MET C 326 21.62 41.43 -23.72
CA MET C 326 20.96 40.94 -22.51
C MET C 326 19.53 41.44 -22.50
N SER C 327 18.57 40.51 -22.52
CA SER C 327 17.18 40.89 -22.72
C SER C 327 16.60 41.58 -21.49
N TRP C 328 16.85 41.05 -20.30
CA TRP C 328 16.20 41.56 -19.11
C TRP C 328 16.93 42.76 -18.52
N ASP C 329 18.08 43.12 -19.09
CA ASP C 329 18.79 44.34 -18.74
C ASP C 329 19.54 44.83 -19.97
N LYS C 330 19.10 45.96 -20.52
CA LYS C 330 19.70 46.46 -21.75
C LYS C 330 21.12 46.93 -21.52
N GLU C 331 21.48 47.23 -20.26
CA GLU C 331 22.80 47.74 -19.96
C GLU C 331 23.90 46.70 -20.12
N GLY C 332 23.63 45.44 -19.80
CA GLY C 332 24.63 44.41 -19.80
C GLY C 332 24.59 43.53 -21.06
N LYS C 333 25.44 42.53 -21.10
CA LYS C 333 25.48 41.62 -22.24
C LYS C 333 25.24 40.22 -21.74
N TYR C 334 25.30 39.23 -22.62
CA TYR C 334 25.04 37.85 -22.23
C TYR C 334 26.31 37.01 -22.25
N ALA C 335 26.70 36.46 -21.10
CA ALA C 335 27.95 35.72 -21.02
C ALA C 335 27.84 34.33 -20.45
N MET C 336 28.14 33.30 -21.23
CA MET C 336 28.19 31.93 -20.69
C MET C 336 26.99 31.56 -19.83
N ALA C 337 25.79 31.73 -20.35
CA ALA C 337 24.55 31.46 -19.58
C ALA C 337 24.41 32.32 -18.34
N TRP C 338 24.85 33.57 -18.42
CA TRP C 338 24.73 34.50 -17.30
C TRP C 338 24.69 35.91 -17.86
N GLY C 339 23.61 36.64 -17.62
CA GLY C 339 23.55 38.02 -18.07
C GLY C 339 24.35 38.88 -17.13
N VAL C 340 25.45 39.45 -17.62
CA VAL C 340 26.41 40.16 -16.79
C VAL C 340 26.34 41.65 -17.11
N VAL C 341 26.22 42.47 -16.07
CA VAL C 341 26.32 43.91 -16.18
C VAL C 341 27.60 44.35 -15.49
N GLU C 342 28.47 45.04 -16.24
CA GLU C 342 29.78 45.43 -15.76
C GLU C 342 29.70 46.70 -14.92
N ARG C 343 30.85 47.15 -14.43
CA ARG C 343 30.95 48.36 -13.64
C ARG C 343 31.55 49.48 -14.47
N LYS C 344 30.80 50.57 -14.66
CA LYS C 344 31.27 51.68 -15.49
C LYS C 344 30.50 52.97 -15.31
N GLN C 345 31.20 54.07 -15.02
CA GLN C 345 30.51 55.35 -14.96
C GLN C 345 31.00 56.16 -16.15
N THR C 346 30.13 56.40 -17.12
CA THR C 346 30.52 57.15 -18.32
C THR C 346 30.86 58.60 -18.05
N TYR C 347 30.05 59.29 -17.26
CA TYR C 347 30.29 60.72 -17.01
C TYR C 347 30.32 61.05 -15.52
N GLY C 348 30.92 62.18 -15.18
CA GLY C 348 30.98 62.59 -13.79
C GLY C 348 29.62 62.92 -13.23
N SER C 349 29.39 62.58 -11.96
CA SER C 349 28.10 62.85 -11.30
C SER C 349 26.93 62.24 -12.06
N CYS C 350 27.12 61.03 -12.58
CA CYS C 350 26.03 60.35 -13.27
C CYS C 350 25.92 58.93 -12.74
N ARG C 351 24.83 58.25 -13.07
CA ARG C 351 24.65 56.87 -12.65
C ARG C 351 25.85 55.98 -12.93
N LYS C 352 26.37 55.32 -11.91
CA LYS C 352 27.46 54.39 -12.13
C LYS C 352 26.90 52.98 -12.18
N GLN C 353 27.21 52.26 -13.25
CA GLN C 353 26.68 50.91 -13.39
C GLN C 353 27.23 49.96 -12.35
N ARG C 354 26.34 49.25 -11.68
CA ARG C 354 26.74 48.27 -10.68
C ARG C 354 26.91 46.90 -11.33
N HIS C 355 28.01 46.22 -10.98
CA HIS C 355 28.35 44.95 -11.59
C HIS C 355 27.58 43.82 -10.92
N TYR C 356 26.89 43.02 -11.71
CA TYR C 356 26.14 41.88 -11.18
C TYR C 356 25.90 40.88 -12.30
N ALA C 357 25.45 39.69 -11.92
CA ALA C 357 25.18 38.62 -12.89
C ALA C 357 23.85 37.99 -12.54
N SER C 358 22.93 37.96 -13.49
CA SER C 358 21.60 37.43 -13.24
C SER C 358 21.23 36.43 -14.33
N HIS C 359 20.07 35.81 -14.13
CA HIS C 359 19.46 35.00 -15.18
C HIS C 359 17.98 34.84 -14.86
N THR C 360 17.13 35.16 -15.83
CA THR C 360 15.69 35.02 -15.71
C THR C 360 15.23 33.86 -16.60
N GLY C 361 14.15 33.23 -16.18
CA GLY C 361 13.57 32.14 -16.95
C GLY C 361 12.06 32.23 -16.93
N GLY C 362 11.46 31.93 -18.08
CA GLY C 362 10.02 31.87 -18.17
C GLY C 362 9.54 30.58 -18.81
N ALA C 363 8.85 29.76 -18.02
CA ALA C 363 8.29 28.50 -18.48
C ALA C 363 6.78 28.57 -18.46
N VAL C 364 6.15 27.49 -18.92
CA VAL C 364 4.70 27.45 -19.03
C VAL C 364 4.12 27.62 -17.64
N GLY C 365 3.49 28.77 -17.39
CA GLY C 365 2.88 29.05 -16.11
C GLY C 365 3.83 29.39 -14.99
N ALA C 366 5.10 29.68 -15.28
CA ALA C 366 6.03 29.99 -14.20
C ALA C 366 7.09 30.98 -14.66
N SER C 367 7.60 31.75 -13.71
CA SER C 367 8.68 32.69 -13.96
C SER C 367 9.65 32.65 -12.79
N SER C 368 10.92 32.89 -13.07
CA SER C 368 11.94 32.82 -12.03
C SER C 368 13.11 33.73 -12.39
N VAL C 369 13.86 34.10 -11.36
CA VAL C 369 15.09 34.88 -11.52
C VAL C 369 16.07 34.47 -10.43
N LEU C 370 17.35 34.40 -10.81
CA LEU C 370 18.45 34.23 -9.86
C LEU C 370 19.47 35.33 -10.14
N LEU C 371 19.81 36.11 -9.11
CA LEU C 371 20.67 37.26 -9.25
C LEU C 371 21.78 37.22 -8.22
N VAL C 372 22.99 37.54 -8.65
CA VAL C 372 24.17 37.61 -7.79
C VAL C 372 24.74 39.01 -7.89
N LEU C 373 24.90 39.66 -6.74
CA LEU C 373 25.46 41.01 -6.65
C LEU C 373 26.69 40.97 -5.76
N PRO C 374 27.89 40.88 -6.34
CA PRO C 374 29.10 40.95 -5.52
C PRO C 374 29.35 42.36 -5.02
N GLU C 375 30.04 42.45 -3.89
CA GLU C 375 30.33 43.73 -3.27
C GLU C 375 31.74 44.18 -3.65
N GLU C 376 31.94 45.50 -3.60
CA GLU C 376 33.24 46.06 -3.94
C GLU C 376 34.27 45.74 -2.86
N LEU C 377 35.39 45.19 -3.28
CA LEU C 377 36.39 44.61 -2.38
C LEU C 377 37.53 45.60 -2.19
N ASP C 378 37.57 46.23 -1.01
CA ASP C 378 38.71 47.06 -0.66
C ASP C 378 39.73 46.24 0.14
N THR C 379 40.81 46.90 0.55
CA THR C 379 41.90 46.20 1.23
C THR C 379 41.46 45.61 2.55
N GLU C 380 40.65 46.34 3.32
CA GLU C 380 40.26 45.89 4.65
C GLU C 380 39.48 44.58 4.59
N THR C 381 38.51 44.49 3.67
CA THR C 381 37.70 43.29 3.59
C THR C 381 38.50 42.11 3.04
N ILE C 382 39.53 42.40 2.25
CA ILE C 382 40.39 41.33 1.75
C ILE C 382 41.25 40.76 2.88
N ASN C 383 41.78 41.62 3.74
CA ASN C 383 42.64 41.09 4.79
C ASN C 383 41.87 40.57 5.99
N ASN C 384 40.72 41.16 6.30
CA ASN C 384 39.96 40.75 7.49
C ASN C 384 38.70 39.90 7.28
N LYS C 385 38.39 39.52 6.05
CA LYS C 385 37.16 38.75 5.83
C LYS C 385 37.33 37.46 5.06
N VAL C 386 36.27 36.65 5.00
CA VAL C 386 36.32 35.38 4.27
C VAL C 386 35.24 35.38 3.18
N PRO C 387 35.58 34.88 1.98
CA PRO C 387 34.58 34.78 0.91
C PRO C 387 33.49 33.76 1.27
N PRO C 388 32.26 33.96 0.78
CA PRO C 388 31.84 34.85 -0.30
C PRO C 388 31.22 36.16 0.20
N ARG C 389 31.64 37.28 -0.37
CA ARG C 389 31.07 38.56 0.00
C ARG C 389 30.13 39.00 -1.10
N GLY C 390 28.86 39.18 -0.77
CA GLY C 390 27.88 39.53 -1.79
C GLY C 390 26.48 39.14 -1.42
N ILE C 391 25.53 39.29 -2.34
CA ILE C 391 24.13 39.02 -2.05
C ILE C 391 23.52 38.23 -3.20
N ILE C 392 22.85 37.13 -2.87
CA ILE C 392 22.18 36.29 -3.85
C ILE C 392 20.69 36.34 -3.59
N VAL C 393 19.92 36.70 -4.61
CA VAL C 393 18.48 36.85 -4.51
C VAL C 393 17.82 35.96 -5.57
N SER C 394 16.93 35.08 -5.14
CA SER C 394 16.18 34.23 -6.04
C SER C 394 14.69 34.44 -5.83
N ILE C 395 13.94 34.56 -6.92
CA ILE C 395 12.49 34.74 -6.86
C ILE C 395 11.85 33.79 -7.85
N ILE C 396 10.77 33.12 -7.43
CA ILE C 396 10.02 32.24 -8.32
C ILE C 396 8.53 32.47 -8.10
N CYS C 397 7.76 32.60 -9.18
CA CYS C 397 6.31 32.72 -9.11
C CYS C 397 5.67 31.82 -10.14
N ASN C 398 4.43 31.41 -9.87
CA ASN C 398 3.66 30.58 -10.80
C ASN C 398 2.69 31.41 -11.63
N MET C 399 3.26 32.27 -12.47
CA MET C 399 2.52 33.07 -13.44
C MET C 399 3.36 33.26 -14.69
N GLN C 400 2.72 33.09 -15.83
CA GLN C 400 3.41 33.14 -17.11
C GLN C 400 3.75 34.56 -17.51
N SER C 401 4.93 34.73 -18.11
CA SER C 401 5.37 35.99 -18.71
C SER C 401 5.42 37.12 -17.68
N VAL C 402 6.27 36.93 -16.68
CA VAL C 402 6.52 37.91 -15.64
C VAL C 402 8.01 38.16 -15.56
N GLY C 403 8.40 39.43 -15.55
CA GLY C 403 9.79 39.80 -15.41
C GLY C 403 10.16 40.18 -13.99
N LEU C 404 11.02 39.39 -13.35
CA LEU C 404 11.35 39.57 -11.95
C LEU C 404 12.76 40.08 -11.73
N ASN C 405 13.45 40.51 -12.79
CA ASN C 405 14.84 40.93 -12.64
C ASN C 405 14.95 42.25 -11.88
N SER C 406 14.09 43.21 -12.20
CA SER C 406 14.14 44.50 -11.53
C SER C 406 13.87 44.37 -10.04
N THR C 407 12.88 43.54 -9.67
CA THR C 407 12.57 43.35 -8.26
C THR C 407 13.73 42.69 -7.53
N ALA C 408 14.36 41.69 -8.15
CA ALA C 408 15.51 41.05 -7.53
C ALA C 408 16.66 42.03 -7.33
N LEU C 409 16.91 42.86 -8.33
CA LEU C 409 17.98 43.85 -8.21
C LEU C 409 17.67 44.85 -7.10
N LYS C 410 16.42 45.29 -7.00
CA LYS C 410 16.06 46.23 -5.94
C LYS C 410 16.20 45.60 -4.56
N ILE C 411 15.79 44.34 -4.41
CA ILE C 411 15.92 43.66 -3.12
C ILE C 411 17.39 43.50 -2.76
N ALA C 412 18.21 43.12 -3.72
CA ALA C 412 19.65 43.00 -3.48
C ALA C 412 20.24 44.33 -3.05
N LEU C 413 19.83 45.43 -3.71
CA LEU C 413 20.34 46.74 -3.35
C LEU C 413 19.92 47.15 -1.95
N GLU C 414 18.68 46.84 -1.55
CA GLU C 414 18.25 47.13 -0.19
C GLU C 414 19.10 46.38 0.83
N PHE C 415 19.27 45.07 0.62
CA PHE C 415 20.05 44.28 1.58
C PHE C 415 21.51 44.69 1.57
N ASP C 416 22.01 45.23 0.46
CA ASP C 416 23.37 45.76 0.43
C ASP C 416 23.46 47.07 1.19
N LYS C 417 22.41 47.89 1.15
CA LYS C 417 22.41 49.13 1.93
C LYS C 417 22.59 48.81 3.40
N ASP C 418 21.75 47.94 3.94
CA ASP C 418 21.80 47.62 5.36
C ASP C 418 23.10 46.94 5.77
N ARG C 419 23.55 45.96 4.99
CA ARG C 419 24.76 45.19 5.34
C ARG C 419 24.94 44.97 6.84
N SER C 420 25.97 45.57 7.45
CA SER C 420 26.24 45.42 8.87
C SER C 420 26.28 43.95 9.29
N CYS D 43 10.67 23.42 23.90
CA CYS D 43 11.33 22.13 23.84
C CYS D 43 11.32 21.58 22.41
N PHE D 44 10.96 20.30 22.27
CA PHE D 44 10.99 19.61 20.99
C PHE D 44 9.63 19.54 20.33
N ALA D 45 8.74 20.49 20.66
CA ALA D 45 7.37 20.48 20.13
C ALA D 45 7.26 20.90 18.68
N ARG D 46 8.36 21.20 18.02
CA ARG D 46 8.34 21.52 16.60
C ARG D 46 8.89 20.39 15.72
N ALA D 47 10.00 19.78 16.14
CA ALA D 47 10.58 18.70 15.35
C ALA D 47 9.70 17.45 15.36
N ILE D 48 8.82 17.32 16.36
CA ILE D 48 7.97 16.15 16.45
C ILE D 48 6.97 16.12 15.29
N GLU D 49 6.35 17.25 14.99
CA GLU D 49 5.41 17.30 13.87
C GLU D 49 6.09 17.08 12.53
N SER D 50 7.27 17.66 12.34
CA SER D 50 8.01 17.42 11.09
C SER D 50 8.39 15.96 10.94
N SER D 51 8.84 15.34 12.03
CA SER D 51 9.21 13.93 11.99
C SER D 51 7.99 13.04 11.74
N ARG D 52 6.86 13.39 12.35
CA ARG D 52 5.63 12.65 12.10
C ARG D 52 5.21 12.75 10.64
N ASP D 53 5.37 13.95 10.05
CA ASP D 53 5.08 14.12 8.64
C ASP D 53 6.00 13.25 7.78
N LEU D 54 7.29 13.20 8.12
CA LEU D 54 8.23 12.37 7.37
C LEU D 54 7.87 10.90 7.47
N LEU D 55 7.48 10.45 8.67
CA LEU D 55 7.07 9.06 8.85
C LEU D 55 5.83 8.74 8.03
N HIS D 56 4.86 9.65 8.02
CA HIS D 56 3.68 9.45 7.20
C HIS D 56 4.03 9.40 5.72
N ARG D 57 5.00 10.22 5.31
CA ARG D 57 5.46 10.20 3.92
C ARG D 57 6.00 8.82 3.55
N ILE D 58 6.92 8.28 4.35
CA ILE D 58 7.52 7.00 3.99
C ILE D 58 6.49 5.88 4.08
N LYS D 59 5.59 5.95 5.07
CA LYS D 59 4.57 4.93 5.24
C LYS D 59 3.61 4.91 4.06
N ASP D 60 3.20 6.08 3.57
CA ASP D 60 2.34 6.14 2.39
C ASP D 60 3.09 5.75 1.13
N GLU D 61 4.38 6.05 1.06
CA GLU D 61 5.16 5.73 -0.14
C GLU D 61 5.32 4.23 -0.30
N VAL D 62 5.62 3.52 0.78
CA VAL D 62 5.83 2.07 0.68
C VAL D 62 4.56 1.28 0.97
N GLY D 63 3.52 1.91 1.50
CA GLY D 63 2.30 1.20 1.86
C GLY D 63 2.47 0.25 3.03
N ALA D 64 3.28 0.61 4.01
CA ALA D 64 3.51 -0.23 5.17
C ALA D 64 2.28 -0.24 6.07
N PRO D 65 1.83 -1.38 6.56
CA PRO D 65 0.70 -1.39 7.50
C PRO D 65 0.96 -0.61 8.77
N GLY D 66 2.18 -0.64 9.29
CA GLY D 66 2.49 0.06 10.53
C GLY D 66 3.95 0.43 10.59
N ILE D 67 4.25 1.39 11.47
CA ILE D 67 5.59 1.90 11.65
C ILE D 67 5.74 2.40 13.07
N VAL D 68 6.94 2.26 13.63
CA VAL D 68 7.24 2.69 14.99
C VAL D 68 8.55 3.47 14.97
N VAL D 69 8.60 4.57 15.71
CA VAL D 69 9.77 5.42 15.77
C VAL D 69 10.13 5.69 17.22
N GLY D 70 11.43 5.79 17.48
CA GLY D 70 11.94 6.22 18.77
C GLY D 70 13.12 7.16 18.59
N VAL D 71 13.04 8.33 19.22
CA VAL D 71 14.06 9.36 19.11
C VAL D 71 14.50 9.75 20.51
N SER D 72 15.80 9.64 20.78
CA SER D 72 16.39 10.05 22.04
C SER D 72 17.45 11.11 21.77
N VAL D 73 17.44 12.18 22.56
CA VAL D 73 18.36 13.29 22.40
C VAL D 73 19.17 13.44 23.68
N ASP D 74 20.51 13.32 23.55
CA ASP D 74 21.43 13.50 24.66
C ASP D 74 21.11 12.55 25.83
N GLY D 75 20.86 11.30 25.49
CA GLY D 75 20.65 10.27 26.49
C GLY D 75 19.26 10.22 27.09
N LYS D 76 18.37 11.12 26.68
CA LYS D 76 17.00 11.16 27.17
C LYS D 76 16.06 10.86 26.03
N GLU D 77 15.14 9.92 26.24
CA GLU D 77 14.15 9.58 25.22
C GLU D 77 13.10 10.69 25.15
N VAL D 78 13.07 11.39 24.03
CA VAL D 78 12.17 12.53 23.87
C VAL D 78 10.96 12.22 22.99
N TRP D 79 10.99 11.16 22.20
CA TRP D 79 9.83 10.84 21.38
C TRP D 79 9.75 9.36 21.13
N SER D 80 8.52 8.83 21.17
CA SER D 80 8.28 7.43 20.82
C SER D 80 6.86 7.33 20.29
N GLU D 81 6.72 6.96 19.02
CA GLU D 81 5.43 7.01 18.34
C GLU D 81 5.18 5.71 17.59
N GLY D 82 3.91 5.39 17.41
CA GLY D 82 3.51 4.26 16.60
C GLY D 82 2.30 4.58 15.75
N LEU D 83 2.40 4.33 14.44
CA LEU D 83 1.30 4.58 13.51
C LEU D 83 0.93 3.27 12.82
N GLY D 84 -0.34 3.12 12.50
CA GLY D 84 -0.81 1.95 11.79
C GLY D 84 -1.19 0.82 12.72
N TYR D 85 -1.06 -0.39 12.18
CA TYR D 85 -1.48 -1.61 12.85
C TYR D 85 -0.34 -2.62 12.86
N ALA D 86 -0.03 -3.16 14.04
CA ALA D 86 0.94 -4.23 14.14
C ALA D 86 0.35 -5.57 13.71
N ASP D 87 -0.94 -5.78 13.96
CA ASP D 87 -1.66 -6.98 13.55
C ASP D 87 -2.90 -6.53 12.78
N VAL D 88 -2.85 -6.65 11.46
CA VAL D 88 -3.95 -6.18 10.61
C VAL D 88 -5.17 -7.06 10.81
N GLU D 89 -4.98 -8.36 10.98
CA GLU D 89 -6.11 -9.27 11.14
C GLU D 89 -6.86 -9.01 12.45
N ASN D 90 -6.14 -8.74 13.52
CA ASN D 90 -6.74 -8.54 14.83
C ASN D 90 -6.81 -7.07 15.24
N ARG D 91 -6.51 -6.15 14.33
CA ARG D 91 -6.66 -4.71 14.56
C ARG D 91 -5.90 -4.25 15.81
N VAL D 92 -4.66 -4.69 15.92
CA VAL D 92 -3.78 -4.32 17.03
C VAL D 92 -2.95 -3.12 16.59
N PRO D 93 -3.10 -1.96 17.23
CA PRO D 93 -2.34 -0.78 16.81
C PRO D 93 -0.85 -0.92 17.12
N CYS D 94 -0.05 -0.23 16.32
CA CYS D 94 1.37 -0.11 16.62
C CYS D 94 1.58 0.88 17.77
N LYS D 95 2.56 0.58 18.60
CA LYS D 95 2.83 1.36 19.80
C LYS D 95 4.31 1.20 20.14
N PRO D 96 4.84 2.00 21.06
CA PRO D 96 6.25 1.85 21.43
C PRO D 96 6.63 0.47 21.93
N GLU D 97 5.70 -0.26 22.54
CA GLU D 97 5.98 -1.57 23.10
C GLU D 97 5.99 -2.68 22.07
N THR D 98 5.64 -2.39 20.82
CA THR D 98 5.61 -3.41 19.78
C THR D 98 7.02 -3.91 19.46
N VAL D 99 7.19 -5.23 19.42
CA VAL D 99 8.46 -5.83 19.06
C VAL D 99 8.39 -6.25 17.60
N MET D 100 9.52 -6.13 16.90
CA MET D 100 9.58 -6.43 15.48
C MET D 100 10.94 -7.00 15.14
N ARG D 101 11.03 -7.61 13.97
CA ARG D 101 12.29 -8.20 13.51
C ARG D 101 13.30 -7.10 13.21
N ILE D 102 14.51 -7.25 13.73
CA ILE D 102 15.65 -6.44 13.33
C ILE D 102 16.66 -7.37 12.68
N ALA D 103 17.06 -7.07 11.45
CA ALA D 103 17.85 -8.03 10.68
C ALA D 103 19.35 -7.77 10.83
N SER D 104 19.82 -6.61 10.38
CA SER D 104 21.25 -6.35 10.35
C SER D 104 21.75 -5.63 11.60
N ILE D 105 20.86 -5.15 12.46
CA ILE D 105 21.30 -4.59 13.73
C ILE D 105 21.86 -5.68 14.63
N SER D 106 21.44 -6.93 14.37
CA SER D 106 22.01 -8.07 15.08
C SER D 106 23.51 -8.16 14.85
N LYS D 107 23.98 -7.67 13.71
CA LYS D 107 25.42 -7.66 13.42
C LYS D 107 26.15 -6.73 14.38
N SER D 108 25.60 -5.55 14.63
CA SER D 108 26.20 -4.65 15.61
C SER D 108 26.14 -5.24 17.02
N LEU D 109 25.02 -5.88 17.35
CA LEU D 109 24.92 -6.52 18.66
C LEU D 109 25.99 -7.60 18.83
N THR D 110 26.23 -8.38 17.78
CA THR D 110 27.28 -9.40 17.84
C THR D 110 28.66 -8.75 17.91
N MET D 111 28.85 -7.64 17.21
CA MET D 111 30.12 -6.92 17.27
C MET D 111 30.43 -6.46 18.68
N VAL D 112 29.38 -6.14 19.46
CA VAL D 112 29.60 -5.78 20.86
C VAL D 112 30.22 -6.95 21.62
N ALA D 113 29.72 -8.16 21.38
CA ALA D 113 30.28 -9.35 22.02
C ALA D 113 31.72 -9.59 21.57
N LEU D 114 31.96 -9.41 20.27
CA LEU D 114 33.33 -9.54 19.75
C LEU D 114 34.26 -8.56 20.44
N ALA D 115 33.81 -7.32 20.62
CA ALA D 115 34.63 -6.30 21.27
C ALA D 115 34.89 -6.65 22.73
N LYS D 116 33.87 -7.19 23.42
CA LYS D 116 34.07 -7.59 24.80
C LYS D 116 35.11 -8.72 24.91
N LEU D 117 35.03 -9.70 24.02
CA LEU D 117 36.02 -10.77 24.02
C LEU D 117 37.41 -10.24 23.70
N TRP D 118 37.50 -9.28 22.75
CA TRP D 118 38.78 -8.68 22.42
C TRP D 118 39.39 -7.95 23.60
N GLU D 119 38.57 -7.18 24.33
CA GLU D 119 39.05 -6.50 25.53
C GLU D 119 39.46 -7.47 26.63
N ALA D 120 38.73 -8.58 26.79
CA ALA D 120 39.08 -9.58 27.79
C ALA D 120 40.32 -10.36 27.43
N GLY D 121 40.84 -10.22 26.21
CA GLY D 121 42.05 -10.89 25.79
C GLY D 121 41.85 -12.31 25.31
N LYS D 122 40.64 -12.84 25.36
CA LYS D 122 40.40 -14.21 24.92
C LYS D 122 40.36 -14.35 23.41
N LEU D 123 40.23 -13.25 22.68
CA LEU D 123 40.03 -13.29 21.24
C LEU D 123 41.04 -12.41 20.54
N ASP D 124 41.67 -12.95 19.49
CA ASP D 124 42.61 -12.22 18.66
C ASP D 124 42.04 -12.10 17.26
N LEU D 125 42.02 -10.88 16.72
CA LEU D 125 41.38 -10.64 15.44
C LEU D 125 42.21 -11.13 14.26
N ASP D 126 43.54 -11.06 14.36
CA ASP D 126 44.39 -11.32 13.20
C ASP D 126 44.72 -12.80 13.01
N ILE D 127 44.44 -13.64 13.99
CA ILE D 127 44.72 -15.08 13.83
C ILE D 127 43.67 -15.70 12.93
N PRO D 128 44.00 -16.71 12.11
CA PRO D 128 42.95 -17.38 11.34
C PRO D 128 41.94 -18.07 12.24
N VAL D 129 40.70 -18.13 11.75
CA VAL D 129 39.59 -18.61 12.57
C VAL D 129 39.65 -20.10 12.82
N GLN D 130 40.46 -20.84 12.07
CA GLN D 130 40.56 -22.27 12.27
C GLN D 130 41.13 -22.64 13.64
N HIS D 131 41.82 -21.71 14.29
CA HIS D 131 42.25 -21.93 15.67
C HIS D 131 41.04 -22.00 16.60
N TYR D 132 40.02 -21.16 16.35
CA TYR D 132 38.82 -21.21 17.15
C TYR D 132 37.86 -22.28 16.64
N VAL D 133 37.68 -22.37 15.33
CA VAL D 133 36.74 -23.30 14.73
C VAL D 133 37.49 -24.27 13.82
N PRO D 134 37.96 -25.40 14.34
CA PRO D 134 38.58 -26.40 13.45
C PRO D 134 37.61 -26.97 12.42
N GLU D 135 36.31 -26.85 12.69
CA GLU D 135 35.31 -27.42 11.79
C GLU D 135 35.34 -26.74 10.43
N PHE D 136 35.62 -25.45 10.40
CA PHE D 136 35.72 -24.73 9.13
C PHE D 136 36.97 -25.19 8.38
N PRO D 137 36.85 -25.67 7.15
CA PRO D 137 38.02 -26.23 6.46
C PRO D 137 39.02 -25.16 6.07
N GLU D 138 40.28 -25.56 5.93
CA GLU D 138 41.33 -24.61 5.53
C GLU D 138 41.12 -24.25 4.10
N LYS D 139 40.52 -23.09 3.86
CA LYS D 139 40.21 -22.69 2.50
C LYS D 139 41.38 -22.33 1.63
N GLU D 140 41.33 -22.76 0.37
CA GLU D 140 42.39 -22.43 -0.57
C GLU D 140 41.73 -21.77 -1.78
N TYR D 141 42.25 -20.62 -2.19
CA TYR D 141 41.64 -19.91 -3.31
C TYR D 141 42.55 -19.90 -4.52
N GLU D 142 42.07 -20.43 -5.65
CA GLU D 142 42.85 -20.45 -6.88
C GLU D 142 44.23 -21.08 -6.74
N GLY D 143 44.32 -22.16 -5.97
CA GLY D 143 45.59 -22.86 -5.83
C GLY D 143 46.56 -22.29 -4.82
N GLU D 144 46.17 -21.23 -4.11
CA GLU D 144 47.03 -20.69 -3.07
C GLU D 144 46.31 -20.65 -1.72
N LYS D 145 46.97 -21.15 -0.68
CA LYS D 145 46.35 -21.18 0.64
C LYS D 145 46.08 -19.78 1.17
N VAL D 146 44.82 -19.48 1.45
CA VAL D 146 44.47 -18.18 1.99
C VAL D 146 43.99 -18.36 3.43
N SER D 147 44.08 -17.27 4.19
CA SER D 147 43.72 -17.26 5.60
C SER D 147 42.52 -16.35 5.84
N VAL D 148 41.54 -16.86 6.58
CA VAL D 148 40.34 -16.11 6.93
C VAL D 148 40.41 -15.79 8.41
N THR D 149 40.37 -14.49 8.73
CA THR D 149 40.54 -14.03 10.11
C THR D 149 39.31 -13.24 10.55
N THR D 150 39.21 -13.07 11.87
CA THR D 150 38.05 -12.39 12.44
C THR D 150 37.98 -10.93 12.00
N ARG D 151 39.12 -10.24 12.02
CA ARG D 151 39.16 -8.85 11.56
C ARG D 151 38.76 -8.75 10.11
N LEU D 152 39.20 -9.71 9.30
CA LEU D 152 38.91 -9.68 7.86
C LEU D 152 37.45 -10.00 7.58
N LEU D 153 36.84 -10.81 8.46
CA LEU D 153 35.49 -11.30 8.20
C LEU D 153 34.42 -10.46 8.86
N ILE D 154 34.79 -9.62 9.83
CA ILE D 154 33.83 -8.69 10.43
C ILE D 154 33.36 -7.67 9.40
N SER D 155 34.28 -7.14 8.59
CA SER D 155 33.98 -6.13 7.61
C SER D 155 33.52 -6.70 6.26
N HIS D 156 33.07 -7.96 6.25
CA HIS D 156 32.58 -8.62 5.04
C HIS D 156 33.62 -8.63 3.93
N LEU D 157 34.90 -8.61 4.28
CA LEU D 157 35.97 -8.55 3.29
C LEU D 157 36.48 -9.92 2.87
N SER D 158 36.02 -10.99 3.51
CA SER D 158 36.47 -12.33 3.17
C SER D 158 35.87 -12.77 1.83
N GLY D 159 36.20 -13.99 1.44
CA GLY D 159 35.72 -14.54 0.19
C GLY D 159 34.39 -15.25 0.26
N ILE D 160 33.71 -15.21 1.42
CA ILE D 160 32.45 -15.92 1.57
C ILE D 160 31.40 -15.29 0.67
N ARG D 161 30.75 -16.11 -0.14
CA ARG D 161 29.76 -15.60 -1.08
C ARG D 161 28.43 -15.32 -0.39
N HIS D 162 27.59 -14.53 -1.05
CA HIS D 162 26.32 -14.08 -0.49
C HIS D 162 25.20 -14.96 -1.01
N TYR D 163 24.65 -15.81 -0.14
CA TYR D 163 23.58 -16.71 -0.55
C TYR D 163 22.25 -15.99 -0.69
N GLY D 164 22.04 -14.94 0.10
CA GLY D 164 20.80 -14.20 0.06
C GLY D 164 19.77 -14.76 1.02
N GLU D 165 18.52 -14.35 0.80
CA GLU D 165 17.44 -14.79 1.66
C GLU D 165 17.08 -16.24 1.35
N LEU D 166 17.05 -17.07 2.38
CA LEU D 166 16.66 -18.47 2.27
C LEU D 166 15.52 -18.73 3.24
N TYR D 167 14.47 -19.39 2.75
CA TYR D 167 13.27 -19.62 3.54
C TYR D 167 13.37 -20.98 4.22
N LEU D 168 14.31 -21.08 5.15
CA LEU D 168 14.46 -22.29 5.95
C LEU D 168 13.47 -22.30 7.11
N ARG D 169 12.82 -23.45 7.29
CA ARG D 169 11.94 -23.68 8.43
C ARG D 169 12.47 -24.75 9.35
N GLU D 170 13.77 -25.03 9.30
CA GLU D 170 14.39 -26.02 10.17
C GLU D 170 14.87 -25.37 11.47
N LYS D 171 15.09 -26.20 12.47
CA LYS D 171 15.57 -25.75 13.78
C LYS D 171 17.02 -26.18 13.96
N PHE D 172 17.86 -25.24 14.37
CA PHE D 172 19.27 -25.51 14.65
C PHE D 172 19.54 -25.26 16.12
N GLU D 173 20.21 -26.23 16.77
CA GLU D 173 20.45 -26.14 18.20
C GLU D 173 21.69 -25.31 18.52
N ASN D 174 22.80 -25.60 17.87
CA ASN D 174 24.05 -24.90 18.11
C ASN D 174 24.61 -24.36 16.80
N SER D 175 25.50 -23.37 16.93
CA SER D 175 26.07 -22.71 15.76
C SER D 175 26.90 -23.66 14.90
N ILE D 176 27.54 -24.66 15.52
CA ILE D 176 28.36 -25.59 14.75
C ILE D 176 27.51 -26.36 13.76
N GLU D 177 26.32 -26.78 14.19
CA GLU D 177 25.39 -27.43 13.25
C GLU D 177 24.92 -26.46 12.18
N SER D 178 24.69 -25.20 12.53
CA SER D 178 24.32 -24.20 11.55
C SER D 178 25.42 -23.97 10.51
N LEU D 179 26.67 -24.26 10.86
CA LEU D 179 27.78 -24.01 9.94
C LEU D 179 27.71 -24.88 8.68
N ARG D 180 26.94 -25.96 8.69
CA ARG D 180 26.94 -26.87 7.55
C ARG D 180 26.30 -26.28 6.30
N LEU D 181 25.63 -25.13 6.42
CA LEU D 181 24.95 -24.55 5.27
C LEU D 181 25.93 -24.03 4.23
N PHE D 182 27.12 -23.61 4.66
CA PHE D 182 28.05 -22.94 3.73
C PHE D 182 29.51 -23.35 3.92
N LYS D 183 29.81 -24.30 4.80
CA LYS D 183 31.20 -24.62 5.08
C LYS D 183 31.88 -25.28 3.88
N ASN D 184 31.16 -26.16 3.17
CA ASN D 184 31.78 -26.90 2.09
C ASN D 184 32.02 -26.02 0.86
N ASP D 185 31.27 -24.94 0.73
CA ASP D 185 31.36 -24.11 -0.46
C ASP D 185 32.69 -23.37 -0.51
N PRO D 186 33.25 -23.12 -1.70
CA PRO D 186 34.51 -22.39 -1.79
C PRO D 186 34.29 -20.88 -1.69
N LEU D 187 35.40 -20.17 -1.54
CA LEU D 187 35.36 -18.71 -1.47
C LEU D 187 35.15 -18.11 -2.84
N PHE D 188 34.27 -17.12 -2.92
CA PHE D 188 33.96 -16.49 -4.20
C PHE D 188 35.09 -15.57 -4.64
N PHE D 189 35.67 -14.82 -3.72
CA PHE D 189 36.75 -13.89 -4.01
C PHE D 189 37.98 -14.26 -3.20
N LYS D 190 39.08 -13.59 -3.48
CA LYS D 190 40.25 -13.70 -2.63
C LYS D 190 40.04 -12.88 -1.36
N PRO D 191 40.21 -13.45 -0.19
CA PRO D 191 39.94 -12.71 1.05
C PRO D 191 40.82 -11.48 1.17
N GLY D 192 40.22 -10.37 1.60
CA GLY D 192 40.92 -9.12 1.74
C GLY D 192 41.00 -8.27 0.49
N SER D 193 40.48 -8.75 -0.64
CA SER D 193 40.59 -8.03 -1.89
C SER D 193 39.30 -7.37 -2.34
N GLN D 194 38.15 -7.90 -1.94
CA GLN D 194 36.88 -7.38 -2.44
C GLN D 194 35.83 -7.46 -1.34
N PHE D 195 34.96 -6.46 -1.30
CA PHE D 195 33.88 -6.40 -0.33
C PHE D 195 32.65 -7.10 -0.89
N LEU D 196 32.03 -7.96 -0.08
CA LEU D 196 30.83 -8.67 -0.48
C LEU D 196 29.99 -8.88 0.77
N TYR D 197 28.84 -8.24 0.83
CA TYR D 197 27.97 -8.35 2.00
C TYR D 197 27.45 -9.78 2.14
N SER D 198 27.71 -10.38 3.29
CA SER D 198 27.28 -11.76 3.54
C SER D 198 26.74 -11.86 4.95
N THR D 199 25.77 -12.74 5.13
CA THR D 199 25.13 -12.95 6.43
C THR D 199 25.69 -14.15 7.17
N PHE D 200 26.14 -15.18 6.44
CA PHE D 200 26.69 -16.37 7.08
C PHE D 200 28.04 -16.12 7.73
N GLY D 201 28.75 -15.07 7.30
CA GLY D 201 29.98 -14.69 7.98
C GLY D 201 29.74 -14.37 9.44
N TYR D 202 28.61 -13.73 9.75
CA TYR D 202 28.31 -13.47 11.14
C TYR D 202 27.80 -14.70 11.89
N THR D 203 27.29 -15.71 11.18
CA THR D 203 27.07 -17.00 11.84
C THR D 203 28.40 -17.63 12.23
N LEU D 204 29.40 -17.53 11.35
CA LEU D 204 30.75 -17.96 11.73
C LEU D 204 31.27 -17.15 12.91
N LEU D 205 30.97 -15.85 12.94
CA LEU D 205 31.36 -15.02 14.08
C LEU D 205 30.69 -15.49 15.37
N ALA D 206 29.42 -15.90 15.28
CA ALA D 206 28.74 -16.44 16.45
C ALA D 206 29.39 -17.73 16.93
N ALA D 207 29.79 -18.59 15.99
CA ALA D 207 30.53 -19.79 16.36
C ALA D 207 31.85 -19.44 17.03
N ILE D 208 32.53 -18.40 16.52
CA ILE D 208 33.77 -17.94 17.13
C ILE D 208 33.52 -17.45 18.56
N VAL D 209 32.41 -16.74 18.76
CA VAL D 209 32.05 -16.28 20.10
C VAL D 209 31.84 -17.46 21.03
N GLU D 210 31.13 -18.49 20.55
CA GLU D 210 30.95 -19.69 21.37
C GLU D 210 32.28 -20.32 21.73
N ARG D 211 33.19 -20.41 20.76
CA ARG D 211 34.46 -21.09 21.00
C ARG D 211 35.34 -20.28 21.96
N ALA D 212 35.33 -18.95 21.83
CA ALA D 212 36.24 -18.14 22.63
C ALA D 212 35.70 -17.87 24.03
N SER D 213 34.44 -17.47 24.13
CA SER D 213 33.87 -17.11 25.43
C SER D 213 33.72 -18.32 26.36
N GLY D 214 33.67 -19.53 25.81
CA GLY D 214 33.46 -20.71 26.61
C GLY D 214 32.02 -20.96 27.02
N CYS D 215 31.09 -20.11 26.60
CA CYS D 215 29.68 -20.28 26.89
C CYS D 215 28.89 -20.18 25.59
N LYS D 216 27.60 -20.47 25.67
CA LYS D 216 26.74 -20.42 24.51
C LYS D 216 26.61 -18.99 24.01
N TYR D 217 26.50 -18.83 22.69
CA TYR D 217 26.38 -17.50 22.11
C TYR D 217 25.14 -16.80 22.60
N LEU D 218 24.01 -17.51 22.64
CA LEU D 218 22.76 -16.90 23.07
C LEU D 218 22.84 -16.45 24.52
N ASP D 219 23.47 -17.25 25.38
CA ASP D 219 23.63 -16.86 26.79
C ASP D 219 24.50 -15.62 26.91
N TYR D 220 25.59 -15.56 26.14
CA TYR D 220 26.47 -14.40 26.18
C TYR D 220 25.72 -13.14 25.75
N MET D 221 24.96 -13.22 24.67
CA MET D 221 24.21 -12.05 24.23
C MET D 221 23.09 -11.70 25.19
N GLN D 222 22.49 -12.67 25.87
CA GLN D 222 21.49 -12.36 26.89
C GLN D 222 22.13 -11.60 28.04
N LYS D 223 23.33 -12.01 28.45
CA LYS D 223 24.05 -11.27 29.49
C LYS D 223 24.37 -9.86 29.03
N ILE D 224 24.79 -9.70 27.78
CA ILE D 224 25.09 -8.36 27.26
C ILE D 224 23.84 -7.49 27.24
N PHE D 225 22.71 -8.06 26.81
CA PHE D 225 21.46 -7.30 26.80
C PHE D 225 21.05 -6.90 28.21
N HIS D 226 21.22 -7.79 29.18
CA HIS D 226 20.90 -7.44 30.56
C HIS D 226 21.79 -6.32 31.06
N ASP D 227 23.08 -6.36 30.73
CA ASP D 227 23.97 -5.27 31.12
C ASP D 227 23.56 -3.95 30.49
N LEU D 228 23.20 -3.97 29.21
CA LEU D 228 22.84 -2.74 28.50
C LEU D 228 21.43 -2.26 28.82
N ASP D 229 20.68 -3.03 29.62
CA ASP D 229 19.30 -2.76 30.04
C ASP D 229 18.30 -2.97 28.91
N MET D 230 18.69 -3.65 27.83
CA MET D 230 17.75 -4.00 26.78
C MET D 230 16.93 -5.19 27.24
N LEU D 231 15.85 -4.94 27.96
CA LEU D 231 15.09 -5.97 28.65
C LEU D 231 14.07 -6.65 27.75
N THR D 232 13.98 -6.26 26.48
CA THR D 232 13.01 -6.83 25.55
C THR D 232 13.67 -7.51 24.37
N THR D 233 14.92 -7.18 24.04
CA THR D 233 15.60 -7.83 22.94
C THR D 233 15.76 -9.33 23.20
N VAL D 234 15.34 -10.14 22.23
CA VAL D 234 15.31 -11.59 22.38
C VAL D 234 15.36 -12.21 20.99
N GLN D 235 15.89 -13.42 20.91
CA GLN D 235 15.93 -14.14 19.65
C GLN D 235 14.52 -14.46 19.16
N GLU D 236 14.38 -14.55 17.85
CA GLU D 236 13.07 -14.77 17.22
C GLU D 236 12.83 -16.27 17.11
N GLU D 237 11.99 -16.80 18.00
CA GLU D 237 11.58 -18.20 17.93
C GLU D 237 10.10 -18.30 18.23
N ASN D 238 9.49 -19.38 17.75
CA ASN D 238 8.04 -19.51 17.69
C ASN D 238 7.40 -20.00 18.99
N GLU D 239 8.02 -21.00 19.63
CA GLU D 239 7.37 -21.64 20.78
C GLU D 239 7.13 -20.71 21.96
N PRO D 240 8.10 -19.91 22.43
CA PRO D 240 7.83 -19.09 23.61
C PRO D 240 6.81 -18.00 23.34
N VAL D 241 6.15 -17.58 24.41
CA VAL D 241 5.19 -16.48 24.34
C VAL D 241 5.96 -15.17 24.46
N ILE D 242 5.98 -14.40 23.38
CA ILE D 242 6.63 -13.09 23.35
C ILE D 242 5.54 -12.05 23.23
N TYR D 243 5.42 -11.21 24.25
CA TYR D 243 4.32 -10.26 24.30
C TYR D 243 4.53 -9.11 23.32
N ASN D 244 3.42 -8.57 22.84
CA ASN D 244 3.41 -7.45 21.89
C ASN D 244 4.16 -7.81 20.60
N ARG D 245 4.08 -9.07 20.20
CA ARG D 245 4.73 -9.52 18.98
C ARG D 245 3.91 -9.12 17.77
N ALA D 246 4.56 -8.43 16.82
CA ALA D 246 3.88 -7.92 15.64
C ALA D 246 3.85 -8.99 14.54
N ARG D 247 3.13 -8.69 13.47
CA ARG D 247 3.07 -9.54 12.29
C ARG D 247 3.68 -8.80 11.12
N PHE D 248 4.21 -9.55 10.16
CA PHE D 248 5.00 -9.00 9.07
C PHE D 248 4.36 -9.36 7.74
N TYR D 249 4.12 -8.35 6.91
CA TYR D 249 3.32 -8.49 5.70
C TYR D 249 4.15 -8.18 4.46
N VAL D 250 3.58 -8.50 3.30
CA VAL D 250 4.20 -8.20 2.02
C VAL D 250 3.06 -7.94 1.02
N TYR D 251 3.39 -7.60 -0.22
CA TYR D 251 2.42 -7.42 -1.28
C TYR D 251 2.61 -8.52 -2.32
N ASN D 252 1.50 -9.10 -2.79
CA ASN D 252 1.56 -10.15 -3.79
C ASN D 252 1.44 -9.55 -5.19
N LYS D 253 1.40 -10.42 -6.20
CA LYS D 253 1.38 -9.98 -7.59
C LYS D 253 0.07 -9.30 -7.97
N LYS D 254 -0.96 -9.40 -7.13
CA LYS D 254 -2.21 -8.68 -7.35
C LYS D 254 -2.25 -7.36 -6.60
N LYS D 255 -1.11 -6.89 -6.09
CA LYS D 255 -1.01 -5.63 -5.35
C LYS D 255 -1.91 -5.65 -4.11
N ARG D 256 -1.96 -6.79 -3.44
CA ARG D 256 -2.74 -6.97 -2.23
C ARG D 256 -1.83 -7.34 -1.07
N LEU D 257 -2.19 -6.87 0.12
CA LEU D 257 -1.44 -7.15 1.33
C LEU D 257 -1.70 -8.59 1.77
N VAL D 258 -0.62 -9.36 1.95
CA VAL D 258 -0.71 -10.73 2.40
C VAL D 258 0.35 -10.97 3.47
N ASN D 259 0.26 -12.13 4.11
CA ASN D 259 1.22 -12.51 5.13
C ASN D 259 2.45 -13.15 4.51
N THR D 260 3.61 -12.90 5.13
CA THR D 260 4.83 -13.52 4.68
C THR D 260 4.87 -14.99 5.08
N PRO D 261 5.63 -15.81 4.35
CA PRO D 261 5.71 -17.23 4.71
C PRO D 261 6.41 -17.44 6.03
N TYR D 262 6.09 -18.56 6.68
CA TYR D 262 6.71 -18.88 7.95
C TYR D 262 8.19 -19.20 7.76
N VAL D 263 9.05 -18.55 8.55
CA VAL D 263 10.49 -18.75 8.46
C VAL D 263 11.04 -18.95 9.86
N ASP D 264 12.18 -19.64 9.93
CA ASP D 264 12.91 -19.85 11.17
C ASP D 264 14.33 -19.33 10.98
N ASN D 265 14.72 -18.36 11.81
CA ASN D 265 16.01 -17.70 11.69
C ASN D 265 17.06 -18.29 12.61
N SER D 266 16.95 -19.58 12.93
CA SER D 266 17.91 -20.21 13.82
C SER D 266 19.30 -20.31 13.20
N TYR D 267 19.34 -20.52 11.89
CA TYR D 267 20.62 -20.67 11.21
C TYR D 267 21.38 -19.36 11.23
N LYS D 268 20.67 -18.26 11.54
CA LYS D 268 21.30 -16.95 11.57
C LYS D 268 20.80 -16.06 12.72
N TRP D 269 21.09 -16.47 13.96
CA TRP D 269 20.74 -15.62 15.11
C TRP D 269 21.59 -14.37 15.02
N ALA D 270 22.63 -14.41 14.20
CA ALA D 270 23.47 -13.25 14.01
C ALA D 270 23.29 -12.81 12.57
N GLY D 271 23.04 -11.54 12.34
CA GLY D 271 22.73 -11.09 11.00
C GLY D 271 21.25 -11.28 10.74
N GLY D 272 20.51 -11.62 11.78
CA GLY D 272 19.07 -11.82 11.66
C GLY D 272 18.58 -12.40 12.96
N GLY D 273 17.32 -12.84 13.00
CA GLY D 273 16.82 -13.52 14.18
C GLY D 273 16.84 -12.84 15.53
N PHE D 274 16.55 -11.55 15.59
CA PHE D 274 16.46 -10.88 16.88
C PHE D 274 15.22 -9.99 16.90
N LEU D 275 14.54 -9.94 18.04
CA LEU D 275 13.32 -9.14 18.13
C LEU D 275 13.54 -8.08 19.18
N SER D 276 13.14 -6.83 18.90
CA SER D 276 13.41 -5.76 19.86
C SER D 276 12.40 -4.63 19.65
N THR D 277 12.30 -3.77 20.66
CA THR D 277 11.54 -2.54 20.55
C THR D 277 12.46 -1.40 20.16
N VAL D 278 11.86 -0.25 19.84
CA VAL D 278 12.65 0.93 19.51
C VAL D 278 13.38 1.44 20.75
N GLY D 279 12.76 1.32 21.92
CA GLY D 279 13.38 1.77 23.15
C GLY D 279 14.65 1.04 23.51
N ASP D 280 14.77 -0.23 23.13
CA ASP D 280 15.99 -0.99 23.36
C ASP D 280 17.11 -0.58 22.42
N LEU D 281 16.77 -0.33 21.14
CA LEU D 281 17.76 0.22 20.22
C LEU D 281 18.23 1.59 20.68
N LEU D 282 17.34 2.39 21.26
CA LEU D 282 17.78 3.67 21.82
C LEU D 282 18.79 3.47 22.93
N LYS D 283 18.55 2.50 23.82
CA LYS D 283 19.49 2.22 24.90
C LYS D 283 20.83 1.75 24.37
N PHE D 284 20.80 0.87 23.38
CA PHE D 284 22.04 0.38 22.76
C PHE D 284 22.82 1.52 22.14
N GLY D 285 22.15 2.39 21.37
CA GLY D 285 22.84 3.50 20.75
C GLY D 285 23.38 4.50 21.75
N ASN D 286 22.61 4.78 22.81
CA ASN D 286 23.09 5.69 23.83
C ASN D 286 24.32 5.14 24.54
N ALA D 287 24.32 3.84 24.84
CA ALA D 287 25.50 3.24 25.46
C ALA D 287 26.71 3.33 24.54
N MET D 288 26.51 3.06 23.25
CA MET D 288 27.62 3.14 22.30
C MET D 288 28.16 4.56 22.21
N LEU D 289 27.28 5.54 22.13
CA LEU D 289 27.71 6.93 22.01
C LEU D 289 28.46 7.37 23.25
N TYR D 290 28.00 6.96 24.42
CA TYR D 290 28.64 7.36 25.67
C TYR D 290 30.06 6.86 25.73
N GLY D 291 30.27 5.61 25.34
CA GLY D 291 31.61 5.03 25.35
C GLY D 291 32.54 5.76 24.42
N TYR D 292 32.01 6.17 23.27
CA TYR D 292 32.82 6.88 22.28
C TYR D 292 33.28 8.23 22.82
N GLN D 293 32.36 9.00 23.40
CA GLN D 293 32.70 10.34 23.88
C GLN D 293 33.26 10.44 25.30
N VAL D 294 33.23 9.36 26.06
CA VAL D 294 33.66 9.46 27.47
C VAL D 294 35.13 9.86 27.64
N GLY D 295 36.02 9.34 26.81
CA GLY D 295 37.43 9.68 26.92
C GLY D 295 37.68 11.14 26.68
N LEU D 296 37.00 11.71 25.69
CA LEU D 296 37.15 13.13 25.38
C LEU D 296 36.69 14.02 26.53
N PHE D 297 35.59 13.64 27.17
CA PHE D 297 35.05 14.45 28.26
C PHE D 297 35.85 14.32 29.56
N LYS D 298 36.34 15.44 30.08
CA LYS D 298 37.10 15.45 31.33
C LYS D 298 36.72 16.66 32.18
N GLU D 302 36.65 12.76 38.38
CA GLU D 302 36.19 11.49 37.82
C GLU D 302 34.69 11.29 37.99
N ASN D 303 33.91 12.33 37.75
CA ASN D 303 32.46 12.24 37.87
C ASN D 303 31.92 11.25 36.86
N LEU D 304 32.50 11.22 35.67
CA LEU D 304 32.00 10.34 34.62
C LEU D 304 32.25 8.86 34.84
N LEU D 305 31.21 8.05 34.70
CA LEU D 305 31.36 6.60 34.84
C LEU D 305 32.08 6.03 33.63
N PRO D 306 32.79 4.90 33.82
CA PRO D 306 33.46 4.27 32.67
C PRO D 306 32.48 3.77 31.61
N GLY D 307 32.82 3.94 30.34
CA GLY D 307 31.97 3.46 29.26
C GLY D 307 31.97 1.95 29.13
N TYR D 308 30.88 1.38 28.63
CA TYR D 308 30.78 -0.06 28.47
C TYR D 308 32.03 -0.64 27.85
N LEU D 309 32.54 -0.01 26.79
CA LEU D 309 33.78 -0.45 26.17
C LEU D 309 34.79 0.67 26.27
N LYS D 310 36.07 0.34 26.21
CA LYS D 310 37.12 1.35 26.31
C LYS D 310 37.02 2.32 25.14
N PRO D 311 37.48 3.57 25.31
CA PRO D 311 37.41 4.53 24.20
C PRO D 311 38.15 4.05 22.96
N GLU D 312 39.28 3.37 23.13
CA GLU D 312 40.02 2.85 21.99
C GLU D 312 39.20 1.83 21.22
N THR D 313 38.46 0.98 21.93
CA THR D 313 37.63 -0.01 21.26
C THR D 313 36.56 0.64 20.40
N MET D 314 35.88 1.64 20.95
CA MET D 314 34.86 2.35 20.17
C MET D 314 35.46 3.09 18.99
N VAL D 315 36.64 3.71 19.19
CA VAL D 315 37.30 4.39 18.07
C VAL D 315 37.61 3.40 16.97
N MET D 316 38.19 2.24 17.32
CA MET D 316 38.48 1.23 16.32
C MET D 316 37.21 0.75 15.63
N MET D 317 36.13 0.62 16.39
CA MET D 317 34.88 0.09 15.85
C MET D 317 34.18 1.09 14.92
N TRP D 318 34.43 2.39 15.07
CA TRP D 318 33.80 3.39 14.21
C TRP D 318 34.78 4.07 13.26
N THR D 319 35.77 3.34 12.75
CA THR D 319 36.62 3.83 11.68
C THR D 319 36.37 3.04 10.41
N PRO D 320 35.99 3.68 9.31
CA PRO D 320 35.73 2.95 8.06
C PRO D 320 37.00 2.31 7.52
N VAL D 321 36.82 1.19 6.82
CA VAL D 321 37.92 0.47 6.21
C VAL D 321 37.91 0.72 4.71
N PRO D 322 39.05 0.73 4.04
CA PRO D 322 39.07 1.02 2.60
C PRO D 322 38.60 -0.17 1.78
N ASN D 323 38.33 0.10 0.50
CA ASN D 323 37.80 -0.89 -0.44
C ASN D 323 36.52 -1.52 0.10
N THR D 324 35.66 -0.68 0.66
CA THR D 324 34.44 -1.14 1.33
C THR D 324 33.38 -0.05 1.22
N GLU D 325 32.18 -0.45 0.81
CA GLU D 325 31.12 0.51 0.54
C GLU D 325 29.91 0.28 1.44
N MET D 326 29.19 1.37 1.68
CA MET D 326 28.01 1.41 2.53
C MET D 326 26.79 1.52 1.62
N SER D 327 25.99 0.47 1.55
CA SER D 327 24.95 0.38 0.53
C SER D 327 23.89 1.48 0.70
N TRP D 328 23.51 1.78 1.94
CA TRP D 328 22.38 2.66 2.16
C TRP D 328 22.78 4.13 2.21
N ASP D 329 24.07 4.43 2.11
CA ASP D 329 24.54 5.80 1.97
C ASP D 329 25.80 5.80 1.11
N LYS D 330 25.75 6.52 -0.01
CA LYS D 330 26.85 6.49 -0.95
C LYS D 330 28.07 7.23 -0.40
N GLU D 331 27.86 8.23 0.45
CA GLU D 331 28.98 9.01 0.97
C GLU D 331 29.79 8.27 2.01
N GLY D 332 29.27 7.19 2.59
CA GLY D 332 29.90 6.52 3.71
C GLY D 332 30.53 5.20 3.34
N LYS D 333 31.26 4.61 4.29
CA LYS D 333 31.88 3.31 4.06
C LYS D 333 31.40 2.41 5.18
N TYR D 334 31.80 1.15 5.17
CA TYR D 334 31.30 0.20 6.18
C TYR D 334 32.36 -0.12 7.22
N ALA D 335 32.05 0.13 8.49
CA ALA D 335 33.03 -0.12 9.54
C ALA D 335 32.56 -1.01 10.67
N MET D 336 33.18 -2.17 10.87
CA MET D 336 32.87 -3.00 12.04
C MET D 336 31.39 -3.20 12.36
N ALA D 337 30.61 -3.74 11.41
CA ALA D 337 29.17 -3.94 11.59
C ALA D 337 28.40 -2.64 11.76
N TRP D 338 28.88 -1.57 11.12
CA TRP D 338 28.19 -0.30 11.16
C TRP D 338 28.49 0.38 9.84
N GLY D 339 27.77 1.43 9.50
CA GLY D 339 28.08 2.19 8.30
C GLY D 339 28.46 3.57 8.79
N VAL D 340 29.64 4.06 8.42
CA VAL D 340 30.10 5.35 8.96
C VAL D 340 30.33 6.45 7.92
N VAL D 341 29.66 7.60 8.10
CA VAL D 341 29.88 8.73 7.22
C VAL D 341 30.68 9.78 7.99
N GLU D 342 31.81 10.18 7.43
CA GLU D 342 32.75 11.09 8.08
C GLU D 342 32.36 12.54 7.81
N ARG D 343 33.10 13.47 8.42
CA ARG D 343 32.95 14.89 8.16
C ARG D 343 33.99 15.30 7.12
N LYS D 344 33.52 15.96 6.06
CA LYS D 344 34.44 16.47 5.04
C LYS D 344 33.76 17.51 4.17
N GLN D 345 34.39 18.66 4.02
CA GLN D 345 33.95 19.71 3.09
C GLN D 345 35.09 19.93 2.09
N THR D 346 34.89 19.46 0.86
CA THR D 346 35.94 19.55 -0.14
C THR D 346 36.10 20.98 -0.66
N TYR D 347 34.98 21.63 -0.95
CA TYR D 347 35.03 22.98 -1.51
C TYR D 347 34.26 23.98 -0.67
N GLY D 348 34.63 25.25 -0.78
CA GLY D 348 33.92 26.29 -0.04
C GLY D 348 32.51 26.50 -0.54
N SER D 349 31.59 26.81 0.38
CA SER D 349 30.19 27.04 0.01
C SER D 349 29.57 25.85 -0.71
N CYS D 350 29.91 24.64 -0.29
CA CYS D 350 29.34 23.45 -0.89
C CYS D 350 28.81 22.54 0.20
N ARG D 351 28.57 21.27 -0.11
CA ARG D 351 28.00 20.35 0.86
C ARG D 351 29.05 19.93 1.89
N LYS D 352 28.68 20.05 3.16
CA LYS D 352 29.53 19.62 4.27
C LYS D 352 28.91 18.37 4.90
N GLN D 353 29.60 17.24 4.76
CA GLN D 353 29.07 16.00 5.29
C GLN D 353 29.06 16.02 6.81
N ARG D 354 28.08 15.35 7.39
CA ARG D 354 27.94 15.21 8.83
C ARG D 354 28.31 13.79 9.25
N HIS D 355 29.10 13.69 10.32
CA HIS D 355 29.58 12.41 10.80
C HIS D 355 28.46 11.69 11.54
N TYR D 356 28.15 10.46 11.10
CA TYR D 356 27.13 9.67 11.77
C TYR D 356 27.40 8.20 11.49
N ALA D 357 26.77 7.34 12.29
CA ALA D 357 26.91 5.90 12.13
C ALA D 357 25.53 5.26 12.15
N SER D 358 25.21 4.49 11.13
CA SER D 358 23.88 3.90 10.99
C SER D 358 24.00 2.41 10.70
N HIS D 359 22.86 1.74 10.74
CA HIS D 359 22.75 0.40 10.21
C HIS D 359 21.28 0.14 9.86
N THR D 360 21.05 -0.36 8.66
CA THR D 360 19.73 -0.74 8.19
C THR D 360 19.64 -2.25 8.09
N GLY D 361 18.49 -2.79 8.44
CA GLY D 361 18.26 -4.21 8.34
C GLY D 361 16.97 -4.49 7.60
N GLY D 362 16.99 -5.54 6.79
CA GLY D 362 15.80 -5.98 6.10
C GLY D 362 15.55 -7.47 6.29
N ALA D 363 14.46 -7.81 6.96
CA ALA D 363 14.07 -9.20 7.20
C ALA D 363 12.80 -9.49 6.42
N VAL D 364 12.41 -10.76 6.44
CA VAL D 364 11.23 -11.19 5.70
C VAL D 364 10.02 -10.46 6.25
N GLY D 365 9.47 -9.53 5.47
CA GLY D 365 8.33 -8.77 5.90
C GLY D 365 8.61 -7.65 6.88
N ALA D 366 9.86 -7.23 7.05
CA ALA D 366 10.15 -6.16 7.98
C ALA D 366 11.38 -5.39 7.54
N SER D 367 11.44 -4.12 7.95
CA SER D 367 12.57 -3.25 7.70
C SER D 367 12.84 -2.42 8.94
N SER D 368 14.09 -2.05 9.15
CA SER D 368 14.46 -1.29 10.34
C SER D 368 15.72 -0.49 10.08
N VAL D 369 15.92 0.54 10.89
CA VAL D 369 17.12 1.35 10.86
C VAL D 369 17.41 1.83 12.28
N LEU D 370 18.70 1.85 12.63
CA LEU D 370 19.18 2.49 13.84
C LEU D 370 20.31 3.44 13.46
N LEU D 371 20.18 4.71 13.84
CA LEU D 371 21.11 5.74 13.44
C LEU D 371 21.55 6.56 14.65
N VAL D 372 22.85 6.82 14.72
CA VAL D 372 23.46 7.61 15.78
C VAL D 372 24.14 8.81 15.14
N LEU D 373 23.79 10.01 15.62
CA LEU D 373 24.34 11.26 15.13
C LEU D 373 25.00 11.99 16.30
N PRO D 374 26.31 11.91 16.45
CA PRO D 374 26.98 12.68 17.49
C PRO D 374 27.00 14.16 17.15
N GLU D 375 26.99 14.98 18.19
CA GLU D 375 27.02 16.43 18.00
C GLU D 375 28.45 16.93 18.08
N GLU D 376 28.66 18.13 17.53
CA GLU D 376 30.00 18.70 17.49
C GLU D 376 30.42 19.17 18.88
N LEU D 377 31.61 18.74 19.29
CA LEU D 377 32.08 18.93 20.66
C LEU D 377 32.92 20.20 20.73
N ASP D 378 32.32 21.27 21.24
CA ASP D 378 33.02 22.52 21.49
C ASP D 378 33.76 22.43 22.83
N THR D 379 34.56 23.46 23.12
CA THR D 379 35.25 23.52 24.40
C THR D 379 34.26 23.70 25.54
N GLU D 380 33.24 24.54 25.35
CA GLU D 380 32.31 24.83 26.43
C GLU D 380 31.53 23.60 26.87
N THR D 381 31.04 22.81 25.91
CA THR D 381 30.27 21.63 26.25
C THR D 381 31.16 20.55 26.87
N ILE D 382 32.41 20.47 26.43
CA ILE D 382 33.35 19.55 27.06
C ILE D 382 33.61 19.97 28.50
N ASN D 383 33.63 21.29 28.75
CA ASN D 383 33.88 21.79 30.09
C ASN D 383 32.70 21.53 31.02
N ASN D 384 31.47 21.81 30.57
CA ASN D 384 30.34 21.81 31.49
C ASN D 384 29.31 20.71 31.26
N LYS D 385 29.22 20.16 30.05
CA LYS D 385 28.17 19.19 29.76
C LYS D 385 28.71 17.76 29.94
N VAL D 386 27.81 16.78 29.85
CA VAL D 386 28.11 15.39 30.18
C VAL D 386 27.71 14.51 29.01
N PRO D 387 28.48 13.48 28.67
CA PRO D 387 28.07 12.57 27.59
C PRO D 387 26.90 11.71 28.03
N PRO D 388 26.12 11.16 27.08
CA PRO D 388 26.28 11.31 25.63
C PRO D 388 25.71 12.62 25.10
N ARG D 389 26.30 13.14 24.03
CA ARG D 389 25.85 14.35 23.37
C ARG D 389 25.58 13.99 21.90
N GLY D 390 24.34 13.66 21.60
CA GLY D 390 23.98 13.23 20.27
C GLY D 390 22.53 12.81 20.22
N ILE D 391 22.16 12.27 19.06
CA ILE D 391 20.77 11.91 18.79
C ILE D 391 20.73 10.49 18.24
N ILE D 392 19.87 9.65 18.80
CA ILE D 392 19.69 8.28 18.36
C ILE D 392 18.26 8.11 17.87
N VAL D 393 18.13 7.65 16.63
CA VAL D 393 16.83 7.46 15.99
C VAL D 393 16.71 6.02 15.51
N SER D 394 15.66 5.34 15.93
CA SER D 394 15.38 3.98 15.50
C SER D 394 13.98 3.90 14.93
N ILE D 395 13.88 3.35 13.71
CA ILE D 395 12.60 3.25 13.01
C ILE D 395 12.42 1.82 12.54
N ILE D 396 11.27 1.22 12.84
CA ILE D 396 11.00 -0.15 12.41
C ILE D 396 9.60 -0.21 11.80
N CYS D 397 9.48 -0.87 10.65
CA CYS D 397 8.20 -1.09 10.00
C CYS D 397 8.07 -2.55 9.61
N ASN D 398 6.83 -3.03 9.59
CA ASN D 398 6.53 -4.40 9.19
C ASN D 398 6.15 -4.48 7.71
N MET D 399 7.10 -4.06 6.87
CA MET D 399 6.95 -4.12 5.43
C MET D 399 8.30 -4.42 4.80
N GLN D 400 8.30 -5.27 3.78
CA GLN D 400 9.54 -5.75 3.17
C GLN D 400 10.15 -4.70 2.26
N SER D 401 11.49 -4.62 2.29
CA SER D 401 12.28 -3.83 1.35
C SER D 401 11.90 -2.35 1.38
N VAL D 402 12.13 -1.73 2.54
CA VAL D 402 11.91 -0.31 2.73
C VAL D 402 13.21 0.32 3.21
N GLY D 403 13.64 1.39 2.53
CA GLY D 403 14.84 2.10 2.93
C GLY D 403 14.56 3.22 3.90
N LEU D 404 14.87 3.00 5.17
CA LEU D 404 14.54 3.94 6.24
C LEU D 404 15.73 4.75 6.71
N ASN D 405 16.85 4.71 6.00
CA ASN D 405 18.03 5.47 6.43
C ASN D 405 17.79 6.97 6.27
N SER D 406 17.24 7.38 5.13
CA SER D 406 17.05 8.80 4.86
C SER D 406 16.07 9.43 5.85
N THR D 407 14.99 8.72 6.17
CA THR D 407 14.02 9.24 7.13
C THR D 407 14.65 9.43 8.51
N ALA D 408 15.44 8.44 8.94
CA ALA D 408 16.11 8.56 10.24
C ALA D 408 17.09 9.72 10.24
N LEU D 409 17.84 9.89 9.14
CA LEU D 409 18.79 10.99 9.07
C LEU D 409 18.08 12.34 9.13
N LYS D 410 16.96 12.48 8.40
CA LYS D 410 16.22 13.74 8.44
C LYS D 410 15.62 14.01 9.81
N ILE D 411 15.09 12.98 10.47
CA ILE D 411 14.54 13.18 11.81
C ILE D 411 15.63 13.58 12.80
N ALA D 412 16.80 12.93 12.71
CA ALA D 412 17.91 13.30 13.57
C ALA D 412 18.34 14.75 13.33
N LEU D 413 18.38 15.15 12.06
CA LEU D 413 18.75 16.53 11.75
C LEU D 413 17.72 17.52 12.28
N GLU D 414 16.43 17.19 12.21
CA GLU D 414 15.40 18.05 12.77
C GLU D 414 15.60 18.23 14.28
N PHE D 415 15.75 17.12 14.99
CA PHE D 415 15.92 17.20 16.44
C PHE D 415 17.22 17.89 16.81
N ASP D 416 18.24 17.80 15.94
CA ASP D 416 19.48 18.53 16.19
C ASP D 416 19.30 20.01 15.97
N LYS D 417 18.48 20.40 15.00
CA LYS D 417 18.21 21.82 14.82
C LYS D 417 17.61 22.41 16.09
N ASP D 418 16.57 21.78 16.61
CA ASP D 418 15.93 22.28 17.83
C ASP D 418 16.83 22.22 19.07
N ARG D 419 17.57 21.13 19.26
CA ARG D 419 18.44 20.96 20.44
C ARG D 419 17.87 21.58 21.73
N SER D 420 18.63 22.48 22.37
CA SER D 420 18.19 23.11 23.60
C SER D 420 17.55 22.13 24.57
#